data_5ZSY
#
_entry.id   5ZSY
#
_entity_poly.entity_id   1
_entity_poly.type   'polypeptide(L)'
_entity_poly.pdbx_seq_one_letter_code
;GHMDTIILRNLNPHSTMDSILGALAPYAVLSSSNVRVIKDKQTQLNRGFAFIQLSTIEAAQLLQILQALHPPLTIDGKTI
NVEFAKGS
;
_entity_poly.pdbx_strand_id   A
#
# COMPACT_ATOMS: atom_id res chain seq x y z
N GLY A 1 -1.34 -6.26 17.35
CA GLY A 1 -2.71 -6.28 16.82
C GLY A 1 -2.87 -5.24 15.73
N HIS A 2 -3.00 -5.67 14.46
CA HIS A 2 -2.98 -4.78 13.31
C HIS A 2 -4.10 -3.72 13.30
N MET A 3 -5.29 -4.02 13.85
CA MET A 3 -6.35 -3.04 14.11
C MET A 3 -6.57 -2.07 12.94
N ASP A 4 -7.11 -2.59 11.83
CA ASP A 4 -7.35 -1.90 10.58
C ASP A 4 -6.04 -1.47 9.91
N THR A 5 -5.57 -2.33 9.01
CA THR A 5 -4.38 -2.12 8.19
C THR A 5 -4.69 -2.65 6.79
N ILE A 6 -4.46 -1.80 5.77
CA ILE A 6 -4.39 -2.26 4.40
C ILE A 6 -2.93 -2.69 4.19
N ILE A 7 -2.72 -3.84 3.58
CA ILE A 7 -1.43 -4.32 3.11
C ILE A 7 -1.36 -4.16 1.60
N LEU A 8 -0.15 -3.97 1.09
CA LEU A 8 0.16 -3.97 -0.33
C LEU A 8 1.12 -5.11 -0.63
N ARG A 9 1.22 -5.49 -1.90
CA ARG A 9 2.02 -6.57 -2.43
C ARG A 9 2.53 -6.17 -3.80
N ASN A 10 3.39 -7.02 -4.37
CA ASN A 10 3.84 -6.96 -5.76
C ASN A 10 4.56 -5.63 -6.07
N LEU A 11 5.18 -5.03 -5.06
CA LEU A 11 6.05 -3.88 -5.24
C LEU A 11 7.33 -4.38 -5.88
N ASN A 12 7.83 -3.71 -6.92
CA ASN A 12 9.10 -4.04 -7.56
C ASN A 12 10.26 -3.67 -6.62
N PRO A 13 11.45 -4.25 -6.87
CA PRO A 13 12.67 -3.91 -6.15
C PRO A 13 12.98 -2.41 -6.19
N HIS A 14 13.02 -1.81 -7.38
CA HIS A 14 13.44 -0.42 -7.61
C HIS A 14 12.43 0.63 -7.11
N SER A 15 11.20 0.24 -6.81
CA SER A 15 10.16 1.20 -6.45
C SER A 15 10.44 1.83 -5.07
N THR A 16 9.73 2.90 -4.74
CA THR A 16 9.76 3.49 -3.42
C THR A 16 8.36 4.06 -3.15
N MET A 17 8.12 4.45 -1.90
CA MET A 17 6.87 4.91 -1.36
C MET A 17 6.47 6.13 -2.12
N ASP A 18 7.35 7.11 -2.26
CA ASP A 18 7.02 8.37 -2.90
C ASP A 18 6.60 8.19 -4.35
N SER A 19 7.11 7.14 -5.02
CA SER A 19 6.69 6.82 -6.38
C SER A 19 5.27 6.28 -6.36
N ILE A 20 5.04 5.22 -5.57
CA ILE A 20 3.73 4.60 -5.39
C ILE A 20 2.72 5.65 -4.95
N LEU A 21 3.08 6.50 -3.99
CA LEU A 21 2.18 7.55 -3.47
C LEU A 21 1.69 8.51 -4.56
N GLY A 22 2.32 8.55 -5.73
CA GLY A 22 1.83 9.32 -6.86
C GLY A 22 0.73 8.58 -7.61
N ALA A 23 0.97 7.32 -7.99
CA ALA A 23 0.16 6.59 -8.98
C ALA A 23 -0.63 5.43 -8.38
N LEU A 24 -0.73 5.37 -7.06
CA LEU A 24 -1.55 4.42 -6.33
C LEU A 24 -2.61 5.15 -5.49
N ALA A 25 -2.86 6.44 -5.74
CA ALA A 25 -3.64 7.30 -4.87
C ALA A 25 -4.69 8.13 -5.64
N PRO A 26 -5.58 7.52 -6.44
CA PRO A 26 -6.65 8.25 -7.09
C PRO A 26 -7.73 8.65 -6.09
N TYR A 27 -8.23 7.70 -5.28
CA TYR A 27 -9.38 7.93 -4.41
C TYR A 27 -8.96 8.76 -3.20
N ALA A 28 -7.97 8.27 -2.45
CA ALA A 28 -7.40 8.91 -1.27
C ALA A 28 -5.89 8.92 -1.38
N VAL A 29 -5.26 9.89 -0.72
CA VAL A 29 -3.82 10.10 -0.74
C VAL A 29 -3.36 10.03 0.72
N LEU A 30 -2.53 9.04 1.07
CA LEU A 30 -1.88 8.98 2.37
C LEU A 30 -0.91 10.17 2.56
N SER A 31 -0.35 10.32 3.77
CA SER A 31 0.79 11.19 4.00
C SER A 31 2.07 10.41 3.69
N SER A 32 2.62 9.64 4.63
CA SER A 32 3.95 9.08 4.47
C SER A 32 4.25 8.06 5.57
N SER A 33 4.06 8.40 6.85
CA SER A 33 4.24 7.45 7.95
C SER A 33 3.26 6.29 7.84
N ASN A 34 2.12 6.53 7.16
CA ASN A 34 1.15 5.52 6.81
C ASN A 34 1.82 4.36 6.10
N VAL A 35 2.66 4.65 5.10
CA VAL A 35 3.04 3.69 4.07
C VAL A 35 4.42 3.12 4.39
N ARG A 36 4.40 2.09 5.22
CA ARG A 36 5.55 1.28 5.59
C ARG A 36 5.98 0.40 4.42
N VAL A 37 6.92 0.87 3.60
CA VAL A 37 7.68 0.04 2.67
C VAL A 37 8.96 -0.30 3.44
N ILE A 38 9.08 -1.52 3.99
CA ILE A 38 10.36 -1.96 4.53
C ILE A 38 11.33 -2.11 3.34
N LYS A 39 12.61 -1.78 3.54
CA LYS A 39 13.66 -1.92 2.54
C LYS A 39 14.89 -2.62 3.14
N ASP A 40 15.64 -3.36 2.32
CA ASP A 40 16.90 -4.04 2.65
C ASP A 40 17.97 -3.00 3.04
N LYS A 41 19.19 -3.42 3.42
CA LYS A 41 20.36 -2.52 3.55
C LYS A 41 21.49 -2.91 2.62
N GLN A 42 21.62 -4.20 2.32
CA GLN A 42 22.69 -4.67 1.46
C GLN A 42 22.28 -4.42 0.03
N THR A 43 21.09 -4.91 -0.35
CA THR A 43 20.70 -4.91 -1.75
C THR A 43 20.12 -3.55 -2.16
N GLN A 44 19.78 -2.70 -1.18
CA GLN A 44 19.11 -1.42 -1.39
C GLN A 44 17.83 -1.63 -2.22
N LEU A 45 17.07 -2.67 -1.90
CA LEU A 45 15.76 -2.96 -2.51
C LEU A 45 14.70 -2.89 -1.43
N ASN A 46 13.43 -3.01 -1.79
CA ASN A 46 12.29 -3.11 -0.87
C ASN A 46 12.18 -4.55 -0.35
N ARG A 47 11.19 -4.81 0.50
CA ARG A 47 10.71 -6.16 0.82
C ARG A 47 9.59 -6.63 -0.10
N GLY A 48 8.98 -5.74 -0.89
CA GLY A 48 8.06 -6.15 -1.95
C GLY A 48 6.58 -6.15 -1.53
N PHE A 49 6.30 -6.23 -0.23
CA PHE A 49 5.00 -5.87 0.34
C PHE A 49 5.14 -4.53 1.07
N ALA A 50 4.04 -3.94 1.52
CA ALA A 50 4.03 -2.76 2.37
C ALA A 50 2.76 -2.76 3.21
N PHE A 51 2.64 -1.78 4.12
CA PHE A 51 1.55 -1.64 5.07
C PHE A 51 1.11 -0.19 5.06
N ILE A 52 -0.19 0.05 5.18
CA ILE A 52 -0.86 1.34 5.22
C ILE A 52 -1.62 1.40 6.55
N GLN A 53 -1.13 2.26 7.45
CA GLN A 53 -1.72 2.48 8.76
C GLN A 53 -2.70 3.64 8.63
N LEU A 54 -3.96 3.41 9.01
CA LEU A 54 -5.06 4.36 8.93
C LEU A 54 -5.92 4.23 10.19
N SER A 55 -6.85 5.18 10.38
CA SER A 55 -7.77 5.19 11.51
C SER A 55 -8.73 4.00 11.45
N THR A 56 -9.42 3.75 12.57
CA THR A 56 -10.23 2.57 12.87
C THR A 56 -11.27 2.23 11.80
N ILE A 57 -11.76 3.23 11.07
CA ILE A 57 -12.80 3.12 10.05
C ILE A 57 -12.26 3.53 8.68
N GLU A 58 -11.24 4.37 8.65
CA GLU A 58 -10.70 4.93 7.42
C GLU A 58 -10.07 3.85 6.56
N ALA A 59 -9.28 2.96 7.18
CA ALA A 59 -8.70 1.82 6.49
C ALA A 59 -9.79 1.01 5.79
N ALA A 60 -10.81 0.62 6.56
CA ALA A 60 -11.98 -0.11 6.10
C ALA A 60 -12.71 0.61 4.97
N GLN A 61 -12.97 1.92 5.11
CA GLN A 61 -13.67 2.71 4.10
C GLN A 61 -12.88 2.68 2.79
N LEU A 62 -11.63 3.15 2.84
CA LEU A 62 -10.76 3.30 1.69
C LEU A 62 -10.67 1.97 0.93
N LEU A 63 -10.42 0.88 1.65
CA LEU A 63 -10.31 -0.43 1.04
C LEU A 63 -11.62 -0.85 0.36
N GLN A 64 -12.78 -0.69 0.99
CA GLN A 64 -14.04 -1.11 0.35
C GLN A 64 -14.24 -0.36 -0.97
N ILE A 65 -13.85 0.92 -1.05
CA ILE A 65 -13.87 1.68 -2.30
C ILE A 65 -13.14 0.87 -3.37
N LEU A 66 -11.88 0.54 -3.11
CA LEU A 66 -10.98 -0.19 -4.00
C LEU A 66 -11.44 -1.61 -4.34
N GLN A 67 -12.39 -2.19 -3.61
CA GLN A 67 -12.87 -3.54 -3.88
C GLN A 67 -14.17 -3.54 -4.67
N ALA A 68 -14.55 -2.39 -5.23
CA ALA A 68 -15.81 -2.20 -5.92
C ALA A 68 -15.67 -1.57 -7.31
N LEU A 69 -14.45 -1.51 -7.86
CA LEU A 69 -14.17 -0.69 -9.04
C LEU A 69 -12.98 -1.24 -9.83
N HIS A 70 -12.51 -0.49 -10.84
CA HIS A 70 -11.40 -0.86 -11.72
C HIS A 70 -10.17 -1.41 -10.98
N PRO A 71 -9.36 -2.26 -11.63
CA PRO A 71 -8.20 -2.87 -11.01
C PRO A 71 -7.14 -1.82 -10.65
N PRO A 72 -6.20 -2.17 -9.75
CA PRO A 72 -5.14 -1.26 -9.38
C PRO A 72 -4.15 -1.06 -10.54
N LEU A 73 -3.32 -0.05 -10.35
CA LEU A 73 -2.38 0.50 -11.31
C LEU A 73 -1.03 -0.19 -11.17
N THR A 74 -0.08 0.25 -11.99
CA THR A 74 1.32 -0.10 -11.88
C THR A 74 2.14 1.18 -12.01
N ILE A 75 3.31 1.18 -11.38
CA ILE A 75 4.24 2.29 -11.33
C ILE A 75 5.66 1.79 -11.68
N ASP A 76 5.79 0.66 -12.38
CA ASP A 76 7.09 0.07 -12.79
C ASP A 76 6.97 -1.03 -13.85
N GLY A 77 5.80 -1.66 -13.91
CA GLY A 77 5.39 -2.77 -14.78
C GLY A 77 4.85 -3.94 -13.96
N LYS A 78 4.56 -3.68 -12.68
CA LYS A 78 4.08 -4.62 -11.68
C LYS A 78 2.72 -4.16 -11.18
N THR A 79 1.64 -4.89 -11.47
CA THR A 79 0.32 -4.49 -11.02
C THR A 79 0.20 -4.73 -9.51
N ILE A 80 -0.09 -3.71 -8.71
CA ILE A 80 -0.13 -3.88 -7.26
C ILE A 80 -1.26 -4.82 -6.84
N ASN A 81 -1.18 -5.38 -5.64
CA ASN A 81 -2.25 -6.15 -4.99
C ASN A 81 -2.58 -5.45 -3.67
N VAL A 82 -3.82 -5.63 -3.23
CA VAL A 82 -4.37 -5.05 -2.01
C VAL A 82 -4.73 -6.20 -1.09
N GLU A 83 -4.42 -6.10 0.19
CA GLU A 83 -4.83 -7.03 1.24
C GLU A 83 -5.36 -6.22 2.41
N PHE A 84 -6.05 -6.92 3.29
CA PHE A 84 -6.72 -6.34 4.45
C PHE A 84 -6.53 -7.27 5.64
N ALA A 85 -5.82 -6.80 6.67
CA ALA A 85 -5.59 -7.55 7.90
C ALA A 85 -6.23 -6.77 9.04
N LYS A 86 -7.57 -6.78 9.06
CA LYS A 86 -8.39 -6.23 10.12
C LYS A 86 -8.36 -7.21 11.30
N GLY A 87 -7.20 -7.36 11.93
CA GLY A 87 -7.02 -8.18 13.12
C GLY A 87 -7.12 -7.28 14.33
N SER A 88 -8.34 -7.08 14.87
CA SER A 88 -8.60 -6.19 15.98
C SER A 88 -8.69 -6.97 17.29
N GLY A 1 -2.37 3.27 13.02
CA GLY A 1 -3.56 2.92 13.78
C GLY A 1 -3.41 1.52 14.37
N HIS A 2 -4.51 0.98 14.87
CA HIS A 2 -4.57 -0.31 15.54
C HIS A 2 -6.00 -0.81 15.37
N MET A 3 -6.21 -2.09 15.04
CA MET A 3 -7.43 -2.63 14.44
C MET A 3 -7.53 -2.21 12.97
N ASP A 4 -6.38 -2.05 12.33
CA ASP A 4 -6.22 -1.62 10.96
C ASP A 4 -4.77 -1.91 10.53
N THR A 5 -4.60 -2.71 9.48
CA THR A 5 -3.52 -2.65 8.49
C THR A 5 -4.09 -3.07 7.14
N ILE A 6 -3.76 -2.31 6.10
CA ILE A 6 -3.90 -2.73 4.71
C ILE A 6 -2.47 -3.08 4.26
N ILE A 7 -2.29 -4.21 3.60
CA ILE A 7 -0.99 -4.65 3.08
C ILE A 7 -1.03 -4.52 1.55
N LEU A 8 0.10 -4.15 0.95
CA LEU A 8 0.30 -4.09 -0.49
C LEU A 8 1.27 -5.19 -0.88
N ARG A 9 1.21 -5.63 -2.13
CA ARG A 9 2.17 -6.57 -2.73
C ARG A 9 2.50 -6.08 -4.14
N ASN A 10 3.48 -6.74 -4.76
CA ASN A 10 4.01 -6.44 -6.09
C ASN A 10 4.64 -5.04 -6.19
N LEU A 11 5.15 -4.49 -5.08
CA LEU A 11 6.00 -3.33 -5.13
C LEU A 11 7.29 -3.78 -5.82
N ASN A 12 7.62 -3.23 -7.00
CA ASN A 12 8.85 -3.58 -7.69
C ASN A 12 10.05 -3.28 -6.80
N PRO A 13 11.20 -3.94 -7.05
CA PRO A 13 12.37 -3.86 -6.19
C PRO A 13 12.89 -2.42 -6.08
N HIS A 14 12.89 -1.68 -7.20
CA HIS A 14 13.37 -0.31 -7.29
C HIS A 14 12.23 0.72 -7.26
N SER A 15 11.01 0.33 -6.88
CA SER A 15 9.96 1.29 -6.56
C SER A 15 10.22 1.94 -5.20
N THR A 16 9.48 3.01 -4.89
CA THR A 16 9.62 3.76 -3.63
C THR A 16 8.26 3.81 -2.94
N MET A 17 8.07 4.70 -1.96
CA MET A 17 6.74 5.06 -1.51
C MET A 17 6.26 6.21 -2.37
N ASP A 18 6.98 7.34 -2.36
CA ASP A 18 6.72 8.57 -3.08
C ASP A 18 6.32 8.34 -4.53
N SER A 19 7.02 7.46 -5.22
CA SER A 19 6.82 7.25 -6.65
C SER A 19 5.54 6.48 -6.95
N ILE A 20 5.04 5.70 -5.99
CA ILE A 20 3.72 5.09 -6.06
C ILE A 20 2.69 6.10 -5.54
N LEU A 21 2.96 6.75 -4.41
CA LEU A 21 2.04 7.66 -3.74
C LEU A 21 1.63 8.81 -4.65
N GLY A 22 2.55 9.33 -5.46
CA GLY A 22 2.28 10.42 -6.38
C GLY A 22 1.70 9.97 -7.72
N ALA A 23 1.24 8.72 -7.83
CA ALA A 23 0.70 8.16 -9.07
C ALA A 23 -0.52 7.26 -8.84
N LEU A 24 -0.65 6.66 -7.65
CA LEU A 24 -1.66 5.69 -7.26
C LEU A 24 -2.56 6.33 -6.18
N ALA A 25 -2.85 7.63 -6.30
CA ALA A 25 -3.79 8.31 -5.41
C ALA A 25 -5.06 8.88 -6.11
N PRO A 26 -5.82 8.06 -6.86
CA PRO A 26 -7.09 8.49 -7.48
C PRO A 26 -8.32 8.41 -6.56
N TYR A 27 -8.28 7.69 -5.43
CA TYR A 27 -9.46 7.51 -4.56
C TYR A 27 -9.16 7.75 -3.09
N ALA A 28 -7.93 7.54 -2.65
CA ALA A 28 -7.39 7.90 -1.33
C ALA A 28 -5.98 8.41 -1.56
N VAL A 29 -5.48 9.24 -0.65
CA VAL A 29 -4.26 10.03 -0.84
C VAL A 29 -3.51 9.98 0.49
N LEU A 30 -2.77 8.90 0.71
CA LEU A 30 -2.19 8.58 2.01
C LEU A 30 -1.14 9.62 2.39
N SER A 31 -1.07 9.96 3.68
CA SER A 31 -0.32 11.07 4.23
C SER A 31 1.15 10.70 4.49
N SER A 32 1.75 9.88 3.62
CA SER A 32 3.11 9.35 3.69
C SER A 32 3.39 8.50 4.94
N SER A 33 3.34 9.06 6.14
CA SER A 33 3.51 8.40 7.43
C SER A 33 2.64 7.14 7.54
N ASN A 34 1.43 7.16 6.97
CA ASN A 34 0.56 5.99 6.88
C ASN A 34 1.30 4.78 6.31
N VAL A 35 2.26 4.95 5.40
CA VAL A 35 2.76 3.90 4.53
C VAL A 35 4.18 3.47 4.93
N ARG A 36 4.41 2.16 4.92
CA ARG A 36 5.65 1.49 5.33
C ARG A 36 6.07 0.53 4.22
N VAL A 37 6.88 1.01 3.26
CA VAL A 37 7.70 0.19 2.38
C VAL A 37 9.01 -0.05 3.13
N ILE A 38 9.17 -1.18 3.80
CA ILE A 38 10.42 -1.50 4.49
C ILE A 38 11.41 -1.97 3.41
N LYS A 39 12.66 -1.53 3.50
CA LYS A 39 13.72 -2.01 2.65
C LYS A 39 14.35 -3.28 3.22
N ASP A 40 15.00 -4.08 2.37
CA ASP A 40 15.79 -5.25 2.78
C ASP A 40 17.02 -4.89 3.67
N LYS A 41 17.87 -5.86 4.03
CA LYS A 41 19.19 -5.65 4.67
C LYS A 41 20.36 -5.94 3.74
N GLN A 42 20.21 -6.85 2.78
CA GLN A 42 21.25 -7.20 1.83
C GLN A 42 20.97 -6.50 0.51
N THR A 43 19.73 -6.55 0.01
CA THR A 43 19.53 -6.16 -1.38
C THR A 43 19.43 -4.64 -1.54
N GLN A 44 19.21 -3.89 -0.45
CA GLN A 44 18.94 -2.44 -0.40
C GLN A 44 17.61 -2.03 -1.05
N LEU A 45 17.01 -2.93 -1.82
CA LEU A 45 15.69 -2.84 -2.42
C LEU A 45 14.61 -2.82 -1.34
N ASN A 46 13.36 -2.76 -1.77
CA ASN A 46 12.19 -2.97 -0.93
C ASN A 46 12.09 -4.44 -0.54
N ARG A 47 11.24 -4.75 0.44
CA ARG A 47 10.84 -6.13 0.71
C ARG A 47 9.86 -6.69 -0.33
N GLY A 48 9.25 -5.87 -1.19
CA GLY A 48 8.35 -6.30 -2.24
C GLY A 48 6.88 -6.30 -1.82
N PHE A 49 6.59 -6.21 -0.52
CA PHE A 49 5.29 -5.94 0.07
C PHE A 49 5.43 -4.72 0.97
N ALA A 50 4.33 -4.04 1.29
CA ALA A 50 4.32 -2.83 2.10
C ALA A 50 3.06 -2.79 2.95
N PHE A 51 2.94 -1.79 3.82
CA PHE A 51 1.90 -1.67 4.81
C PHE A 51 1.33 -0.26 4.76
N ILE A 52 0.09 -0.12 5.19
CA ILE A 52 -0.65 1.11 5.44
C ILE A 52 -1.21 1.05 6.87
N GLN A 53 -1.17 2.17 7.58
CA GLN A 53 -1.64 2.38 8.93
C GLN A 53 -2.58 3.59 8.93
N LEU A 54 -3.88 3.34 8.72
CA LEU A 54 -4.94 4.35 8.58
C LEU A 54 -5.62 4.63 9.93
N SER A 55 -6.68 5.43 9.96
CA SER A 55 -7.68 5.36 11.03
C SER A 55 -8.44 4.05 10.85
N THR A 56 -9.00 3.51 11.93
CA THR A 56 -9.71 2.24 11.93
C THR A 56 -10.92 2.28 10.97
N ILE A 57 -11.73 3.35 11.02
CA ILE A 57 -12.89 3.49 10.14
C ILE A 57 -12.43 3.59 8.69
N GLU A 58 -11.42 4.42 8.43
CA GLU A 58 -10.93 4.67 7.08
C GLU A 58 -10.36 3.39 6.48
N ALA A 59 -9.56 2.65 7.27
CA ALA A 59 -8.96 1.39 6.87
C ALA A 59 -10.02 0.41 6.39
N ALA A 60 -11.14 0.31 7.10
CA ALA A 60 -12.27 -0.48 6.68
C ALA A 60 -12.88 0.10 5.39
N GLN A 61 -13.39 1.33 5.43
CA GLN A 61 -14.17 1.95 4.36
C GLN A 61 -13.41 1.89 3.03
N LEU A 62 -12.17 2.38 3.03
CA LEU A 62 -11.32 2.45 1.84
C LEU A 62 -11.12 1.06 1.27
N LEU A 63 -10.85 0.06 2.12
CA LEU A 63 -10.62 -1.30 1.65
C LEU A 63 -11.84 -1.81 0.88
N GLN A 64 -13.06 -1.49 1.33
CA GLN A 64 -14.26 -1.93 0.64
C GLN A 64 -14.33 -1.30 -0.77
N ILE A 65 -13.97 -0.02 -0.91
CA ILE A 65 -13.88 0.63 -2.22
C ILE A 65 -12.85 -0.13 -3.06
N LEU A 66 -11.66 -0.39 -2.51
CA LEU A 66 -10.60 -1.13 -3.18
C LEU A 66 -10.98 -2.56 -3.58
N GLN A 67 -12.07 -3.10 -3.04
CA GLN A 67 -12.63 -4.40 -3.35
C GLN A 67 -13.93 -4.26 -4.16
N ALA A 68 -14.02 -3.21 -4.98
CA ALA A 68 -15.07 -3.02 -5.97
C ALA A 68 -14.65 -2.14 -7.16
N LEU A 69 -13.74 -1.20 -6.93
CA LEU A 69 -13.36 -0.13 -7.85
C LEU A 69 -12.50 -0.58 -9.04
N HIS A 70 -12.00 0.39 -9.81
CA HIS A 70 -11.05 0.16 -10.89
C HIS A 70 -9.70 -0.34 -10.34
N PRO A 71 -9.00 -1.22 -11.06
CA PRO A 71 -7.72 -1.75 -10.61
C PRO A 71 -6.63 -0.67 -10.55
N PRO A 72 -5.54 -0.93 -9.81
CA PRO A 72 -4.54 0.07 -9.51
C PRO A 72 -3.65 0.41 -10.72
N LEU A 73 -3.35 1.70 -10.86
CA LEU A 73 -2.41 2.31 -11.80
C LEU A 73 -1.03 1.74 -11.53
N THR A 74 -0.46 0.98 -12.47
CA THR A 74 0.92 0.46 -12.37
C THR A 74 1.88 1.57 -12.77
N ILE A 75 3.06 1.62 -12.14
CA ILE A 75 4.03 2.71 -12.26
C ILE A 75 5.44 2.16 -12.52
N ASP A 76 5.58 0.89 -12.92
CA ASP A 76 6.83 0.20 -13.29
C ASP A 76 6.52 -1.17 -13.90
N GLY A 77 5.32 -1.35 -14.48
CA GLY A 77 4.86 -2.62 -15.03
C GLY A 77 4.45 -3.65 -13.97
N LYS A 78 4.18 -3.19 -12.75
CA LYS A 78 3.79 -3.96 -11.57
C LYS A 78 2.40 -3.52 -11.09
N THR A 79 1.35 -4.23 -11.49
CA THR A 79 0.05 -3.94 -10.91
C THR A 79 0.12 -4.27 -9.41
N ILE A 80 -0.05 -3.26 -8.54
CA ILE A 80 -0.06 -3.42 -7.08
C ILE A 80 -1.22 -4.32 -6.67
N ASN A 81 -1.16 -4.82 -5.43
CA ASN A 81 -2.15 -5.71 -4.81
C ASN A 81 -2.67 -5.05 -3.54
N VAL A 82 -3.82 -5.51 -3.06
CA VAL A 82 -4.47 -5.07 -1.81
C VAL A 82 -4.62 -6.31 -0.94
N GLU A 83 -4.44 -6.17 0.37
CA GLU A 83 -4.65 -7.18 1.38
C GLU A 83 -5.11 -6.49 2.66
N PHE A 84 -5.65 -7.25 3.59
CA PHE A 84 -6.15 -6.77 4.87
C PHE A 84 -5.53 -7.66 5.95
N ALA A 85 -4.93 -7.04 6.97
CA ALA A 85 -4.38 -7.73 8.14
C ALA A 85 -4.91 -7.00 9.38
N LYS A 86 -6.22 -7.05 9.56
CA LYS A 86 -6.95 -6.42 10.64
C LYS A 86 -6.77 -7.24 11.93
N GLY A 87 -5.53 -7.51 12.35
CA GLY A 87 -5.28 -8.28 13.56
C GLY A 87 -5.81 -9.72 13.50
N SER A 88 -6.15 -10.21 12.31
CA SER A 88 -6.69 -11.53 12.06
C SER A 88 -5.55 -12.41 11.56
N GLY A 1 -3.79 3.61 17.23
CA GLY A 1 -4.39 2.53 16.44
C GLY A 1 -3.53 1.28 16.50
N HIS A 2 -4.06 0.14 16.07
CA HIS A 2 -3.37 -1.16 16.10
C HIS A 2 -3.99 -2.02 14.99
N MET A 3 -5.28 -2.35 15.14
CA MET A 3 -6.12 -2.93 14.11
C MET A 3 -6.05 -2.09 12.84
N ASP A 4 -6.53 -2.68 11.75
CA ASP A 4 -6.73 -2.08 10.46
C ASP A 4 -5.38 -1.83 9.80
N THR A 5 -4.95 -2.89 9.13
CA THR A 5 -3.72 -2.96 8.36
C THR A 5 -4.15 -3.27 6.93
N ILE A 6 -4.04 -2.28 6.05
CA ILE A 6 -4.01 -2.59 4.63
C ILE A 6 -2.56 -3.00 4.36
N ILE A 7 -2.38 -3.96 3.47
CA ILE A 7 -1.07 -4.42 3.02
C ILE A 7 -1.11 -4.32 1.50
N LEU A 8 -0.02 -3.84 0.89
CA LEU A 8 0.18 -3.86 -0.55
C LEU A 8 1.13 -4.99 -0.87
N ARG A 9 1.09 -5.48 -2.11
CA ARG A 9 1.90 -6.56 -2.65
C ARG A 9 2.42 -6.14 -4.01
N ASN A 10 3.25 -7.00 -4.61
CA ASN A 10 3.77 -6.86 -5.96
C ASN A 10 4.33 -5.47 -6.20
N LEU A 11 5.21 -5.04 -5.30
CA LEU A 11 5.99 -3.82 -5.41
C LEU A 11 7.33 -4.22 -6.01
N ASN A 12 7.79 -3.49 -7.04
CA ASN A 12 9.06 -3.77 -7.70
C ASN A 12 10.20 -3.32 -6.78
N PRO A 13 11.42 -3.85 -6.99
CA PRO A 13 12.59 -3.56 -6.17
C PRO A 13 13.11 -2.13 -6.31
N HIS A 14 12.73 -1.41 -7.36
CA HIS A 14 13.03 0.01 -7.54
C HIS A 14 12.07 0.90 -6.72
N SER A 15 10.85 0.42 -6.41
CA SER A 15 9.80 1.34 -6.03
C SER A 15 10.03 1.94 -4.67
N THR A 16 9.22 2.93 -4.34
CA THR A 16 9.06 3.41 -2.99
C THR A 16 7.60 3.86 -2.88
N MET A 17 7.16 4.06 -1.65
CA MET A 17 6.00 4.83 -1.31
C MET A 17 6.09 6.21 -1.94
N ASP A 18 7.27 6.82 -2.03
CA ASP A 18 7.36 8.19 -2.52
C ASP A 18 6.86 8.32 -3.97
N SER A 19 6.99 7.24 -4.74
CA SER A 19 6.50 7.10 -6.10
C SER A 19 4.99 6.84 -6.01
N ILE A 20 4.64 5.71 -5.41
CA ILE A 20 3.31 5.11 -5.36
C ILE A 20 2.31 6.01 -4.63
N LEU A 21 2.76 6.87 -3.72
CA LEU A 21 1.88 7.83 -3.06
C LEU A 21 1.35 8.91 -3.99
N GLY A 22 2.00 9.14 -5.14
CA GLY A 22 1.48 10.03 -6.17
C GLY A 22 0.80 9.25 -7.29
N ALA A 23 1.29 8.06 -7.59
CA ALA A 23 0.87 7.31 -8.77
C ALA A 23 -0.35 6.45 -8.48
N LEU A 24 -0.43 5.87 -7.28
CA LEU A 24 -1.52 4.99 -6.86
C LEU A 24 -2.44 5.81 -5.94
N ALA A 25 -2.73 7.06 -6.30
CA ALA A 25 -3.60 7.94 -5.53
C ALA A 25 -4.82 8.39 -6.35
N PRO A 26 -5.60 7.44 -6.93
CA PRO A 26 -6.72 7.78 -7.80
C PRO A 26 -7.92 8.40 -7.08
N TYR A 27 -8.08 8.14 -5.79
CA TYR A 27 -9.27 8.47 -5.02
C TYR A 27 -8.81 9.07 -3.69
N ALA A 28 -8.04 8.30 -2.90
CA ALA A 28 -7.46 8.75 -1.64
C ALA A 28 -5.98 9.00 -1.83
N VAL A 29 -5.39 9.71 -0.87
CA VAL A 29 -4.00 10.06 -0.87
C VAL A 29 -3.48 9.91 0.58
N LEU A 30 -2.60 8.93 0.79
CA LEU A 30 -1.96 8.59 2.06
C LEU A 30 -0.78 9.55 2.33
N SER A 31 0.02 9.27 3.38
CA SER A 31 1.34 9.87 3.64
C SER A 31 2.38 8.77 3.92
N SER A 32 3.68 9.07 3.86
CA SER A 32 4.72 8.06 4.03
C SER A 32 4.75 7.50 5.46
N SER A 33 4.26 8.25 6.46
CA SER A 33 4.00 7.78 7.82
C SER A 33 3.09 6.55 7.85
N ASN A 34 2.27 6.40 6.81
CA ASN A 34 1.20 5.44 6.69
C ASN A 34 1.56 4.41 5.65
N VAL A 35 2.82 4.31 5.21
CA VAL A 35 3.28 3.29 4.29
C VAL A 35 4.63 2.77 4.82
N ARG A 36 4.58 1.71 5.62
CA ARG A 36 5.77 0.98 6.02
C ARG A 36 6.23 0.18 4.81
N VAL A 37 7.22 0.70 4.07
CA VAL A 37 7.97 -0.07 3.10
C VAL A 37 9.25 -0.46 3.82
N ILE A 38 9.40 -1.72 4.22
CA ILE A 38 10.66 -2.30 4.64
C ILE A 38 11.53 -2.42 3.40
N LYS A 39 12.81 -2.07 3.52
CA LYS A 39 13.79 -2.21 2.44
C LYS A 39 15.02 -2.93 2.96
N ASP A 40 15.77 -3.52 2.06
CA ASP A 40 16.98 -4.28 2.35
C ASP A 40 18.11 -3.34 2.82
N LYS A 41 19.15 -3.89 3.44
CA LYS A 41 20.29 -3.15 3.99
C LYS A 41 21.53 -3.26 3.12
N GLN A 42 21.60 -4.27 2.27
CA GLN A 42 22.75 -4.61 1.45
C GLN A 42 22.39 -4.35 -0.01
N THR A 43 21.22 -4.78 -0.47
CA THR A 43 20.79 -4.59 -1.85
C THR A 43 20.02 -3.27 -2.02
N GLN A 44 19.56 -2.68 -0.92
CA GLN A 44 18.79 -1.44 -0.89
C GLN A 44 17.56 -1.53 -1.82
N LEU A 45 16.81 -2.64 -1.73
CA LEU A 45 15.57 -2.90 -2.47
C LEU A 45 14.46 -3.23 -1.49
N ASN A 46 13.20 -3.03 -1.86
CA ASN A 46 12.07 -3.33 -0.98
C ASN A 46 11.91 -4.85 -0.73
N ARG A 47 11.13 -5.19 0.30
CA ARG A 47 10.65 -6.55 0.53
C ARG A 47 9.52 -6.92 -0.45
N GLY A 48 8.92 -5.96 -1.16
CA GLY A 48 7.98 -6.25 -2.24
C GLY A 48 6.51 -6.26 -1.81
N PHE A 49 6.24 -6.34 -0.51
CA PHE A 49 4.95 -6.01 0.10
C PHE A 49 5.21 -4.88 1.09
N ALA A 50 4.17 -4.13 1.47
CA ALA A 50 4.26 -2.99 2.38
C ALA A 50 3.03 -2.95 3.25
N PHE A 51 3.11 -2.31 4.42
CA PHE A 51 2.03 -2.16 5.36
C PHE A 51 1.55 -0.72 5.30
N ILE A 52 0.30 -0.53 5.64
CA ILE A 52 -0.40 0.73 5.75
C ILE A 52 -1.15 0.72 7.07
N GLN A 53 -0.95 1.79 7.86
CA GLN A 53 -1.71 2.06 9.07
C GLN A 53 -2.66 3.18 8.74
N LEU A 54 -3.94 2.97 9.00
CA LEU A 54 -5.01 3.95 8.90
C LEU A 54 -5.90 3.80 10.14
N SER A 55 -6.83 4.73 10.36
CA SER A 55 -7.84 4.50 11.39
C SER A 55 -8.72 3.33 10.97
N THR A 56 -9.44 2.79 11.94
CA THR A 56 -10.46 1.76 11.83
C THR A 56 -11.41 2.08 10.67
N ILE A 57 -11.95 3.30 10.66
CA ILE A 57 -12.90 3.73 9.65
C ILE A 57 -12.17 3.85 8.31
N GLU A 58 -11.05 4.58 8.30
CA GLU A 58 -10.38 4.99 7.07
C GLU A 58 -9.93 3.78 6.27
N ALA A 59 -9.30 2.83 6.97
CA ALA A 59 -8.80 1.59 6.39
C ALA A 59 -9.96 0.85 5.73
N ALA A 60 -11.01 0.57 6.53
CA ALA A 60 -12.18 -0.14 6.08
C ALA A 60 -12.76 0.54 4.86
N GLN A 61 -13.19 1.81 4.99
CA GLN A 61 -13.88 2.54 3.94
C GLN A 61 -13.05 2.60 2.66
N LEU A 62 -11.76 2.95 2.75
CA LEU A 62 -10.89 2.95 1.58
C LEU A 62 -10.87 1.58 0.91
N LEU A 63 -10.68 0.52 1.72
CA LEU A 63 -10.62 -0.83 1.20
C LEU A 63 -11.95 -1.22 0.55
N GLN A 64 -13.10 -0.74 1.07
CA GLN A 64 -14.39 -0.98 0.45
C GLN A 64 -14.41 -0.34 -0.93
N ILE A 65 -14.10 0.97 -1.01
CA ILE A 65 -13.99 1.72 -2.25
C ILE A 65 -13.19 0.92 -3.28
N LEU A 66 -11.94 0.55 -2.95
CA LEU A 66 -11.02 -0.06 -3.90
C LEU A 66 -11.39 -1.47 -4.37
N GLN A 67 -12.31 -2.16 -3.72
CA GLN A 67 -12.74 -3.49 -4.19
C GLN A 67 -14.06 -3.43 -4.96
N ALA A 68 -14.47 -2.22 -5.32
CA ALA A 68 -15.74 -1.97 -5.98
C ALA A 68 -15.56 -1.26 -7.33
N LEU A 69 -14.33 -1.21 -7.85
CA LEU A 69 -13.96 -0.35 -8.96
C LEU A 69 -12.87 -0.96 -9.83
N HIS A 70 -12.37 -0.20 -10.80
CA HIS A 70 -11.31 -0.56 -11.74
C HIS A 70 -10.04 -1.05 -11.02
N PRO A 71 -9.18 -1.83 -11.68
CA PRO A 71 -8.00 -2.39 -11.04
C PRO A 71 -6.96 -1.30 -10.69
N PRO A 72 -6.00 -1.63 -9.81
CA PRO A 72 -4.97 -0.72 -9.38
C PRO A 72 -4.06 -0.29 -10.52
N LEU A 73 -3.66 0.97 -10.49
CA LEU A 73 -2.80 1.63 -11.46
C LEU A 73 -1.38 1.13 -11.20
N THR A 74 -0.72 0.60 -12.23
CA THR A 74 0.63 0.07 -12.12
C THR A 74 1.64 1.19 -12.39
N ILE A 75 2.82 1.09 -11.79
CA ILE A 75 3.79 2.18 -11.72
C ILE A 75 5.19 1.70 -12.18
N ASP A 76 5.28 0.54 -12.83
CA ASP A 76 6.52 -0.11 -13.31
C ASP A 76 6.14 -1.50 -13.89
N GLY A 77 4.92 -1.64 -14.45
CA GLY A 77 4.45 -2.94 -14.93
C GLY A 77 4.34 -3.98 -13.81
N LYS A 78 4.17 -3.55 -12.55
CA LYS A 78 3.88 -4.36 -11.39
C LYS A 78 2.46 -4.04 -10.90
N THR A 79 1.45 -4.77 -11.34
CA THR A 79 0.11 -4.49 -10.87
C THR A 79 0.06 -4.78 -9.37
N ILE A 80 -0.27 -3.80 -8.54
CA ILE A 80 -0.32 -3.96 -7.09
C ILE A 80 -1.38 -5.01 -6.75
N ASN A 81 -1.35 -5.54 -5.54
CA ASN A 81 -2.41 -6.33 -4.94
C ASN A 81 -2.62 -5.82 -3.52
N VAL A 82 -3.78 -6.11 -2.94
CA VAL A 82 -4.19 -5.61 -1.63
C VAL A 82 -4.45 -6.82 -0.73
N GLU A 83 -4.12 -6.70 0.56
CA GLU A 83 -4.78 -7.46 1.60
C GLU A 83 -5.29 -6.49 2.65
N PHE A 84 -6.26 -7.01 3.40
CA PHE A 84 -6.77 -6.42 4.62
C PHE A 84 -6.42 -7.40 5.73
N ALA A 85 -5.29 -7.18 6.39
CA ALA A 85 -4.92 -7.91 7.59
C ALA A 85 -5.55 -7.16 8.77
N LYS A 86 -6.88 -7.23 8.87
CA LYS A 86 -7.63 -6.65 9.95
C LYS A 86 -7.60 -7.63 11.11
N GLY A 87 -6.47 -7.70 11.80
CA GLY A 87 -6.33 -8.47 13.03
C GLY A 87 -7.45 -8.07 13.97
N SER A 88 -8.30 -9.03 14.33
CA SER A 88 -9.49 -8.87 15.14
C SER A 88 -9.49 -9.98 16.18
N GLY A 1 0.75 -2.41 13.81
CA GLY A 1 -0.33 -2.70 12.86
C GLY A 1 -0.93 -4.06 13.14
N HIS A 2 -2.02 -4.12 13.90
CA HIS A 2 -2.84 -5.33 14.11
C HIS A 2 -4.27 -4.97 13.75
N MET A 3 -4.84 -4.01 14.48
CA MET A 3 -5.97 -3.27 13.95
C MET A 3 -5.49 -2.56 12.69
N ASP A 4 -6.29 -2.70 11.64
CA ASP A 4 -6.39 -1.88 10.46
C ASP A 4 -5.03 -1.55 9.90
N THR A 5 -4.54 -2.48 9.12
CA THR A 5 -3.33 -2.30 8.35
C THR A 5 -3.64 -2.78 6.94
N ILE A 6 -3.77 -1.87 5.99
CA ILE A 6 -3.92 -2.25 4.59
C ILE A 6 -2.49 -2.52 4.10
N ILE A 7 -2.25 -3.72 3.56
CA ILE A 7 -0.97 -4.11 2.99
C ILE A 7 -1.02 -3.97 1.47
N LEU A 8 0.06 -3.42 0.90
CA LEU A 8 0.38 -3.41 -0.52
C LEU A 8 1.28 -4.61 -0.78
N ARG A 9 1.22 -5.19 -1.98
CA ARG A 9 2.02 -6.33 -2.43
C ARG A 9 2.38 -6.09 -3.89
N ASN A 10 3.17 -6.99 -4.47
CA ASN A 10 3.67 -6.94 -5.83
C ASN A 10 4.33 -5.59 -6.12
N LEU A 11 5.20 -5.19 -5.20
CA LEU A 11 5.99 -3.98 -5.33
C LEU A 11 7.33 -4.35 -5.95
N ASN A 12 7.72 -3.65 -7.04
CA ASN A 12 9.03 -3.83 -7.64
C ASN A 12 10.08 -3.31 -6.67
N PRO A 13 11.26 -3.92 -6.58
CA PRO A 13 12.28 -3.58 -5.61
C PRO A 13 12.87 -2.19 -5.83
N HIS A 14 12.96 -1.73 -7.09
CA HIS A 14 13.52 -0.42 -7.43
C HIS A 14 12.79 0.72 -6.73
N SER A 15 11.49 0.60 -6.47
CA SER A 15 10.69 1.71 -6.01
C SER A 15 10.91 1.98 -4.51
N THR A 16 10.35 3.08 -4.03
CA THR A 16 10.43 3.56 -2.66
C THR A 16 9.00 3.68 -2.13
N MET A 17 8.33 4.80 -2.35
CA MET A 17 6.94 5.04 -2.10
C MET A 17 6.49 6.29 -2.84
N ASP A 18 7.38 7.29 -2.90
CA ASP A 18 7.10 8.60 -3.43
C ASP A 18 6.60 8.52 -4.88
N SER A 19 7.29 7.77 -5.73
CA SER A 19 6.96 7.52 -7.13
C SER A 19 5.89 6.41 -7.28
N ILE A 20 5.09 6.20 -6.24
CA ILE A 20 3.87 5.42 -6.25
C ILE A 20 2.71 6.31 -5.75
N LEU A 21 2.90 7.12 -4.71
CA LEU A 21 1.84 7.95 -4.14
C LEU A 21 1.31 9.03 -5.10
N GLY A 22 2.01 9.34 -6.20
CA GLY A 22 1.51 10.26 -7.22
C GLY A 22 0.66 9.57 -8.28
N ALA A 23 0.70 8.22 -8.37
CA ALA A 23 0.04 7.47 -9.44
C ALA A 23 -0.62 6.17 -8.99
N LEU A 24 -0.77 5.96 -7.70
CA LEU A 24 -1.54 4.87 -7.12
C LEU A 24 -2.54 5.44 -6.11
N ALA A 25 -2.85 6.73 -6.20
CA ALA A 25 -3.68 7.44 -5.25
C ALA A 25 -4.89 8.10 -5.91
N PRO A 26 -5.74 7.36 -6.66
CA PRO A 26 -7.01 7.88 -7.14
C PRO A 26 -8.08 7.96 -6.04
N TYR A 27 -7.91 7.28 -4.90
CA TYR A 27 -8.90 7.26 -3.82
C TYR A 27 -8.23 7.39 -2.47
N ALA A 28 -7.46 6.40 -2.03
CA ALA A 28 -6.66 6.53 -0.83
C ALA A 28 -5.42 7.31 -1.20
N VAL A 29 -5.12 8.39 -0.46
CA VAL A 29 -4.06 9.34 -0.77
C VAL A 29 -3.30 9.59 0.55
N LEU A 30 -2.38 8.69 0.88
CA LEU A 30 -1.75 8.67 2.20
C LEU A 30 -0.73 9.80 2.35
N SER A 31 -0.48 10.21 3.59
CA SER A 31 0.54 11.18 3.96
C SER A 31 1.88 10.48 4.18
N SER A 32 2.37 9.79 3.15
CA SER A 32 3.70 9.19 3.07
C SER A 32 3.98 8.19 4.19
N SER A 33 4.35 8.62 5.39
CA SER A 33 4.74 7.74 6.47
C SER A 33 3.61 6.82 6.94
N ASN A 34 2.33 7.17 6.73
CA ASN A 34 1.24 6.19 6.91
C ASN A 34 1.60 4.85 6.27
N VAL A 35 2.30 4.89 5.13
CA VAL A 35 2.83 3.71 4.49
C VAL A 35 4.24 3.43 5.04
N ARG A 36 4.35 2.45 5.94
CA ARG A 36 5.61 1.84 6.37
C ARG A 36 6.17 1.01 5.20
N VAL A 37 7.36 1.37 4.73
CA VAL A 37 8.12 0.66 3.70
C VAL A 37 9.50 0.30 4.29
N ILE A 38 9.78 -1.00 4.44
CA ILE A 38 11.08 -1.53 4.82
C ILE A 38 11.93 -1.71 3.56
N LYS A 39 13.26 -1.60 3.67
CA LYS A 39 14.22 -2.00 2.64
C LYS A 39 15.26 -2.93 3.26
N ASP A 40 15.93 -3.76 2.47
CA ASP A 40 16.91 -4.71 3.04
C ASP A 40 18.18 -4.01 3.50
N LYS A 41 19.01 -4.75 4.25
CA LYS A 41 20.32 -4.33 4.71
C LYS A 41 21.34 -4.54 3.61
N GLN A 42 21.42 -5.74 3.03
CA GLN A 42 22.33 -5.98 1.91
C GLN A 42 21.89 -5.21 0.69
N THR A 43 20.69 -5.50 0.21
CA THR A 43 20.32 -5.14 -1.16
C THR A 43 19.85 -3.68 -1.23
N GLN A 44 19.46 -3.12 -0.07
CA GLN A 44 18.91 -1.78 0.08
C GLN A 44 17.60 -1.58 -0.71
N LEU A 45 16.97 -2.67 -1.15
CA LEU A 45 15.73 -2.68 -1.90
C LEU A 45 14.61 -3.20 -1.01
N ASN A 46 13.38 -2.85 -1.36
CA ASN A 46 12.18 -3.25 -0.63
C ASN A 46 11.93 -4.76 -0.62
N ARG A 47 11.00 -5.17 0.26
CA ARG A 47 10.62 -6.56 0.54
C ARG A 47 9.58 -7.10 -0.47
N GLY A 48 8.98 -6.20 -1.25
CA GLY A 48 7.92 -6.47 -2.21
C GLY A 48 6.52 -6.24 -1.65
N PHE A 49 6.42 -5.57 -0.49
CA PHE A 49 5.16 -5.20 0.16
C PHE A 49 5.41 -3.98 1.05
N ALA A 50 4.33 -3.32 1.49
CA ALA A 50 4.35 -2.16 2.37
C ALA A 50 3.04 -2.10 3.18
N PHE A 51 2.98 -1.26 4.21
CA PHE A 51 1.96 -1.30 5.25
C PHE A 51 1.36 0.09 5.46
N ILE A 52 0.13 0.35 5.00
CA ILE A 52 -0.64 1.54 5.31
C ILE A 52 -1.18 1.45 6.74
N GLN A 53 -1.24 2.57 7.46
CA GLN A 53 -1.88 2.75 8.75
C GLN A 53 -2.90 3.88 8.60
N LEU A 54 -4.18 3.61 8.92
CA LEU A 54 -5.30 4.55 8.88
C LEU A 54 -6.13 4.38 10.17
N SER A 55 -7.19 5.17 10.36
CA SER A 55 -8.18 4.96 11.39
C SER A 55 -8.86 3.60 11.21
N THR A 56 -9.45 3.10 12.29
CA THR A 56 -10.15 1.82 12.31
C THR A 56 -11.35 1.80 11.35
N ILE A 57 -11.98 2.96 11.15
CA ILE A 57 -13.14 3.12 10.29
C ILE A 57 -12.67 3.40 8.86
N GLU A 58 -11.75 4.36 8.69
CA GLU A 58 -11.35 4.83 7.37
C GLU A 58 -10.72 3.70 6.58
N ALA A 59 -9.79 2.94 7.20
CA ALA A 59 -9.15 1.81 6.55
C ALA A 59 -10.21 0.89 5.96
N ALA A 60 -11.13 0.43 6.81
CA ALA A 60 -12.23 -0.43 6.41
C ALA A 60 -13.05 0.19 5.29
N GLN A 61 -13.61 1.39 5.49
CA GLN A 61 -14.53 2.03 4.54
C GLN A 61 -13.90 2.13 3.15
N LEU A 62 -12.71 2.72 3.09
CA LEU A 62 -12.01 3.02 1.85
C LEU A 62 -11.61 1.73 1.15
N LEU A 63 -11.17 0.74 1.92
CA LEU A 63 -10.73 -0.55 1.40
C LEU A 63 -11.86 -1.21 0.61
N GLN A 64 -13.10 -1.16 1.11
CA GLN A 64 -14.24 -1.77 0.41
C GLN A 64 -14.42 -1.17 -0.99
N ILE A 65 -14.14 0.14 -1.16
CA ILE A 65 -14.29 0.86 -2.42
C ILE A 65 -13.35 0.22 -3.44
N LEU A 66 -12.05 0.13 -3.10
CA LEU A 66 -11.01 -0.54 -3.86
C LEU A 66 -11.27 -2.03 -4.13
N GLN A 67 -12.22 -2.66 -3.44
CA GLN A 67 -12.57 -4.06 -3.66
C GLN A 67 -13.79 -4.22 -4.57
N ALA A 68 -14.19 -3.16 -5.26
CA ALA A 68 -15.42 -3.14 -6.06
C ALA A 68 -15.33 -2.34 -7.35
N LEU A 69 -14.14 -1.97 -7.83
CA LEU A 69 -13.93 -1.01 -8.91
C LEU A 69 -12.89 -1.48 -9.92
N HIS A 70 -12.37 -0.57 -10.75
CA HIS A 70 -11.30 -0.89 -11.68
C HIS A 70 -9.97 -1.12 -10.92
N PRO A 71 -9.10 -2.03 -11.39
CA PRO A 71 -7.84 -2.36 -10.75
C PRO A 71 -6.83 -1.20 -10.76
N PRO A 72 -5.71 -1.32 -10.01
CA PRO A 72 -4.76 -0.24 -9.85
C PRO A 72 -3.93 0.05 -11.11
N LEU A 73 -3.43 1.28 -11.21
CA LEU A 73 -2.52 1.82 -12.21
C LEU A 73 -1.13 1.28 -11.89
N THR A 74 -0.51 0.54 -12.80
CA THR A 74 0.86 0.03 -12.63
C THR A 74 1.85 1.12 -13.08
N ILE A 75 2.90 1.35 -12.29
CA ILE A 75 3.83 2.47 -12.50
C ILE A 75 5.26 1.97 -12.75
N ASP A 76 5.41 0.67 -13.01
CA ASP A 76 6.69 0.00 -13.34
C ASP A 76 6.41 -1.42 -13.85
N GLY A 77 5.28 -1.61 -14.55
CA GLY A 77 4.86 -2.91 -15.07
C GLY A 77 4.57 -3.95 -14.00
N LYS A 78 4.28 -3.53 -12.77
CA LYS A 78 3.86 -4.33 -11.62
C LYS A 78 2.49 -3.83 -11.18
N THR A 79 1.44 -4.62 -11.35
CA THR A 79 0.12 -4.21 -10.90
C THR A 79 -0.01 -4.56 -9.41
N ILE A 80 -0.35 -3.57 -8.59
CA ILE A 80 -0.41 -3.69 -7.14
C ILE A 80 -1.61 -4.56 -6.73
N ASN A 81 -1.63 -5.01 -5.47
CA ASN A 81 -2.67 -5.84 -4.85
C ASN A 81 -3.23 -5.12 -3.62
N VAL A 82 -4.40 -5.53 -3.13
CA VAL A 82 -4.94 -5.15 -1.82
C VAL A 82 -4.77 -6.32 -0.85
N GLU A 83 -4.47 -6.02 0.42
CA GLU A 83 -4.76 -6.89 1.55
C GLU A 83 -5.25 -6.04 2.71
N PHE A 84 -5.91 -6.72 3.66
CA PHE A 84 -6.60 -6.12 4.79
C PHE A 84 -6.24 -6.91 6.05
N ALA A 85 -5.25 -6.44 6.81
CA ALA A 85 -4.97 -6.97 8.13
C ALA A 85 -5.82 -6.17 9.14
N LYS A 86 -7.06 -6.60 9.32
CA LYS A 86 -8.05 -6.15 10.28
C LYS A 86 -8.08 -7.16 11.43
N GLY A 87 -7.00 -7.21 12.22
CA GLY A 87 -6.90 -8.11 13.36
C GLY A 87 -7.87 -7.77 14.49
N SER A 88 -8.45 -6.56 14.47
CA SER A 88 -9.19 -6.00 15.61
C SER A 88 -8.35 -6.10 16.88
N GLY A 1 -5.66 -3.60 19.27
CA GLY A 1 -4.86 -2.72 18.39
C GLY A 1 -4.60 -3.39 17.06
N HIS A 2 -3.94 -2.67 16.13
CA HIS A 2 -3.75 -3.09 14.74
C HIS A 2 -5.09 -3.36 14.04
N MET A 3 -6.14 -2.66 14.48
CA MET A 3 -7.49 -2.72 13.92
C MET A 3 -7.57 -2.01 12.57
N ASP A 4 -6.46 -1.87 11.85
CA ASP A 4 -6.35 -1.08 10.65
C ASP A 4 -4.98 -1.27 10.01
N THR A 5 -4.89 -2.33 9.20
CA THR A 5 -3.75 -2.57 8.34
C THR A 5 -4.28 -3.00 6.97
N ILE A 6 -4.16 -2.11 5.99
CA ILE A 6 -4.16 -2.51 4.60
C ILE A 6 -2.69 -2.87 4.29
N ILE A 7 -2.47 -3.88 3.47
CA ILE A 7 -1.16 -4.32 2.99
C ILE A 7 -1.19 -4.25 1.47
N LEU A 8 -0.03 -4.07 0.85
CA LEU A 8 0.13 -4.12 -0.59
C LEU A 8 1.10 -5.24 -0.91
N ARG A 9 0.99 -5.80 -2.11
CA ARG A 9 1.85 -6.88 -2.59
C ARG A 9 2.28 -6.58 -4.03
N ASN A 10 3.30 -7.31 -4.51
CA ASN A 10 3.86 -7.17 -5.85
C ASN A 10 4.50 -5.79 -6.05
N LEU A 11 5.23 -5.31 -5.04
CA LEU A 11 5.97 -4.08 -5.13
C LEU A 11 7.27 -4.46 -5.85
N ASN A 12 7.57 -3.82 -6.97
CA ASN A 12 8.86 -3.96 -7.64
C ASN A 12 9.94 -3.40 -6.71
N PRO A 13 11.20 -3.83 -6.88
CA PRO A 13 12.26 -3.46 -5.96
C PRO A 13 12.61 -1.98 -6.12
N HIS A 14 12.50 -1.44 -7.34
CA HIS A 14 12.72 -0.03 -7.67
C HIS A 14 11.63 0.90 -7.14
N SER A 15 10.47 0.36 -6.76
CA SER A 15 9.39 1.20 -6.29
C SER A 15 9.80 1.86 -4.98
N THR A 16 9.15 2.96 -4.65
CA THR A 16 9.43 3.76 -3.48
C THR A 16 8.06 4.06 -2.89
N MET A 17 8.04 4.39 -1.60
CA MET A 17 6.85 4.80 -0.90
C MET A 17 6.31 6.00 -1.63
N ASP A 18 7.14 7.01 -1.90
CA ASP A 18 6.72 8.28 -2.46
C ASP A 18 6.25 8.16 -3.92
N SER A 19 6.92 7.32 -4.71
CA SER A 19 6.47 6.96 -6.06
C SER A 19 5.07 6.39 -6.01
N ILE A 20 4.85 5.36 -5.19
CA ILE A 20 3.54 4.71 -5.11
C ILE A 20 2.55 5.68 -4.45
N LEU A 21 2.98 6.50 -3.49
CA LEU A 21 2.09 7.47 -2.86
C LEU A 21 1.55 8.48 -3.85
N GLY A 22 2.34 8.88 -4.86
CA GLY A 22 1.89 9.83 -5.86
C GLY A 22 1.12 9.18 -7.00
N ALA A 23 1.36 7.90 -7.29
CA ALA A 23 0.89 7.25 -8.51
C ALA A 23 -0.22 6.22 -8.28
N LEU A 24 -0.39 5.75 -7.05
CA LEU A 24 -1.47 4.86 -6.63
C LEU A 24 -2.43 5.63 -5.73
N ALA A 25 -2.70 6.90 -6.05
CA ALA A 25 -3.50 7.77 -5.21
C ALA A 25 -4.53 8.61 -5.99
N PRO A 26 -5.40 8.01 -6.81
CA PRO A 26 -6.55 8.71 -7.34
C PRO A 26 -7.61 8.95 -6.26
N TYR A 27 -7.76 8.03 -5.30
CA TYR A 27 -8.91 7.98 -4.39
C TYR A 27 -8.49 8.05 -2.92
N ALA A 28 -7.25 7.67 -2.58
CA ALA A 28 -6.68 7.93 -1.27
C ALA A 28 -5.25 8.42 -1.43
N VAL A 29 -4.99 9.64 -0.99
CA VAL A 29 -3.67 10.24 -0.92
C VAL A 29 -3.21 10.07 0.54
N LEU A 30 -2.56 8.95 0.85
CA LEU A 30 -2.10 8.63 2.21
C LEU A 30 -0.96 9.59 2.58
N SER A 31 -0.52 9.61 3.85
CA SER A 31 0.74 10.25 4.22
C SER A 31 1.84 9.19 4.33
N SER A 32 3.10 9.61 4.23
CA SER A 32 4.25 8.71 4.43
C SER A 32 4.27 8.11 5.83
N SER A 33 3.75 8.78 6.85
CA SER A 33 3.64 8.20 8.19
C SER A 33 2.71 6.98 8.22
N ASN A 34 1.73 6.88 7.31
CA ASN A 34 0.85 5.72 7.25
C ASN A 34 1.55 4.51 6.64
N VAL A 35 2.56 4.72 5.78
CA VAL A 35 2.99 3.71 4.82
C VAL A 35 4.36 3.15 5.20
N ARG A 36 4.39 1.90 5.68
CA ARG A 36 5.62 1.19 6.05
C ARG A 36 6.14 0.41 4.85
N VAL A 37 7.30 0.79 4.32
CA VAL A 37 8.00 0.08 3.24
C VAL A 37 9.33 -0.39 3.82
N ILE A 38 9.52 -1.70 4.02
CA ILE A 38 10.79 -2.24 4.47
C ILE A 38 11.76 -2.21 3.28
N LYS A 39 12.96 -1.65 3.46
CA LYS A 39 14.05 -1.64 2.50
C LYS A 39 15.18 -2.52 3.02
N ASP A 40 15.91 -3.19 2.14
CA ASP A 40 17.06 -4.02 2.51
C ASP A 40 18.27 -3.16 2.88
N LYS A 41 19.41 -3.78 3.22
CA LYS A 41 20.69 -3.12 3.45
C LYS A 41 21.80 -3.66 2.56
N GLN A 42 21.68 -4.90 2.12
CA GLN A 42 22.58 -5.51 1.16
C GLN A 42 22.08 -5.14 -0.22
N THR A 43 20.82 -5.47 -0.53
CA THR A 43 20.27 -5.15 -1.85
C THR A 43 19.87 -3.67 -1.94
N GLN A 44 19.63 -3.04 -0.78
CA GLN A 44 19.04 -1.73 -0.55
C GLN A 44 17.63 -1.55 -1.14
N LEU A 45 16.93 -2.61 -1.56
CA LEU A 45 15.65 -2.51 -2.27
C LEU A 45 14.51 -2.92 -1.35
N ASN A 46 13.26 -2.66 -1.72
CA ASN A 46 12.12 -3.03 -0.86
C ASN A 46 12.03 -4.56 -0.72
N ARG A 47 11.43 -5.04 0.37
CA ARG A 47 11.09 -6.47 0.55
C ARG A 47 9.99 -6.98 -0.39
N GLY A 48 9.27 -6.08 -1.06
CA GLY A 48 8.33 -6.43 -2.14
C GLY A 48 6.86 -6.42 -1.72
N PHE A 49 6.58 -5.85 -0.55
CA PHE A 49 5.27 -5.55 0.00
C PHE A 49 5.37 -4.21 0.74
N ALA A 50 4.25 -3.69 1.20
CA ALA A 50 4.18 -2.49 2.04
C ALA A 50 2.96 -2.62 2.94
N PHE A 51 2.88 -1.80 3.99
CA PHE A 51 1.78 -1.74 4.92
C PHE A 51 1.28 -0.31 4.92
N ILE A 52 0.01 -0.14 5.22
CA ILE A 52 -0.73 1.10 5.31
C ILE A 52 -1.52 0.99 6.60
N GLN A 53 -1.17 1.85 7.56
CA GLN A 53 -1.76 1.90 8.89
C GLN A 53 -2.67 3.11 8.86
N LEU A 54 -3.98 2.90 8.83
CA LEU A 54 -4.99 3.96 8.70
C LEU A 54 -5.74 4.09 10.03
N SER A 55 -6.82 4.87 10.03
CA SER A 55 -7.88 4.76 11.04
C SER A 55 -8.66 3.46 10.83
N THR A 56 -9.37 2.99 11.85
CA THR A 56 -10.23 1.81 11.79
C THR A 56 -11.24 1.94 10.65
N ILE A 57 -12.07 2.98 10.76
CA ILE A 57 -13.07 3.34 9.78
C ILE A 57 -12.41 3.63 8.44
N GLU A 58 -11.34 4.42 8.40
CA GLU A 58 -10.77 4.85 7.14
C GLU A 58 -10.24 3.66 6.32
N ALA A 59 -9.53 2.74 6.99
CA ALA A 59 -8.97 1.55 6.39
C ALA A 59 -10.10 0.75 5.76
N ALA A 60 -11.17 0.49 6.52
CA ALA A 60 -12.34 -0.22 6.03
C ALA A 60 -12.91 0.49 4.79
N GLN A 61 -13.29 1.76 4.93
CA GLN A 61 -13.97 2.57 3.90
C GLN A 61 -13.23 2.52 2.58
N LEU A 62 -11.97 2.97 2.59
CA LEU A 62 -11.15 3.03 1.40
C LEU A 62 -11.06 1.66 0.76
N LEU A 63 -10.85 0.62 1.57
CA LEU A 63 -10.71 -0.73 1.08
C LEU A 63 -11.99 -1.23 0.41
N GLN A 64 -13.16 -0.84 0.93
CA GLN A 64 -14.43 -1.23 0.32
C GLN A 64 -14.44 -0.73 -1.14
N ILE A 65 -14.03 0.53 -1.35
CA ILE A 65 -13.95 1.12 -2.68
C ILE A 65 -12.93 0.30 -3.50
N LEU A 66 -11.72 0.04 -2.96
CA LEU A 66 -10.68 -0.76 -3.60
C LEU A 66 -11.11 -2.18 -3.97
N GLN A 67 -12.22 -2.68 -3.45
CA GLN A 67 -12.78 -3.97 -3.83
C GLN A 67 -14.10 -3.82 -4.61
N ALA A 68 -14.40 -2.62 -5.08
CA ALA A 68 -15.57 -2.27 -5.88
C ALA A 68 -15.21 -1.60 -7.23
N LEU A 69 -13.97 -1.15 -7.40
CA LEU A 69 -13.61 -0.09 -8.35
C LEU A 69 -12.73 -0.56 -9.52
N HIS A 70 -12.22 0.41 -10.29
CA HIS A 70 -11.24 0.23 -11.35
C HIS A 70 -9.92 -0.36 -10.81
N PRO A 71 -9.23 -1.23 -11.57
CA PRO A 71 -8.13 -2.02 -11.05
C PRO A 71 -6.89 -1.16 -10.78
N PRO A 72 -6.01 -1.60 -9.86
CA PRO A 72 -4.94 -0.77 -9.33
C PRO A 72 -3.90 -0.41 -10.37
N LEU A 73 -3.53 0.87 -10.38
CA LEU A 73 -2.63 1.52 -11.30
C LEU A 73 -1.21 1.00 -11.07
N THR A 74 -0.61 0.39 -12.08
CA THR A 74 0.76 -0.13 -11.99
C THR A 74 1.75 1.02 -12.24
N ILE A 75 2.89 0.97 -11.55
CA ILE A 75 3.88 2.05 -11.60
C ILE A 75 5.28 1.50 -11.88
N ASP A 76 5.39 0.24 -12.33
CA ASP A 76 6.64 -0.37 -12.83
C ASP A 76 6.30 -1.71 -13.52
N GLY A 77 5.17 -1.77 -14.23
CA GLY A 77 4.65 -2.97 -14.88
C GLY A 77 4.26 -4.10 -13.92
N LYS A 78 4.15 -3.81 -12.63
CA LYS A 78 3.70 -4.71 -11.57
C LYS A 78 2.33 -4.27 -11.11
N THR A 79 1.29 -5.05 -11.38
CA THR A 79 -0.01 -4.72 -10.84
C THR A 79 0.00 -5.02 -9.33
N ILE A 80 -0.03 -3.95 -8.52
CA ILE A 80 -0.04 -3.98 -7.07
C ILE A 80 -1.30 -4.73 -6.62
N ASN A 81 -1.16 -5.57 -5.61
CA ASN A 81 -2.25 -6.25 -4.87
C ASN A 81 -2.61 -5.40 -3.65
N VAL A 82 -3.78 -5.67 -3.06
CA VAL A 82 -4.21 -5.13 -1.78
C VAL A 82 -4.54 -6.31 -0.86
N GLU A 83 -4.27 -6.22 0.43
CA GLU A 83 -4.75 -7.12 1.49
C GLU A 83 -5.33 -6.27 2.62
N PHE A 84 -6.07 -6.93 3.50
CA PHE A 84 -6.78 -6.31 4.62
C PHE A 84 -6.62 -7.15 5.88
N ALA A 85 -5.53 -6.97 6.61
CA ALA A 85 -5.28 -7.67 7.87
C ALA A 85 -5.84 -6.82 9.01
N LYS A 86 -7.14 -6.59 8.99
CA LYS A 86 -7.87 -5.90 10.03
C LYS A 86 -7.73 -6.70 11.33
N GLY A 87 -6.74 -6.38 12.17
CA GLY A 87 -6.47 -7.01 13.45
C GLY A 87 -7.58 -6.66 14.42
N SER A 88 -8.65 -7.43 14.39
CA SER A 88 -9.89 -7.12 15.07
C SER A 88 -9.73 -7.35 16.58
N GLY A 1 -1.47 -7.21 17.28
CA GLY A 1 -1.85 -5.86 17.72
C GLY A 1 -1.62 -4.84 16.63
N HIS A 2 -2.55 -4.75 15.69
CA HIS A 2 -2.70 -3.69 14.71
C HIS A 2 -4.17 -3.69 14.30
N MET A 3 -4.73 -2.51 14.09
CA MET A 3 -6.14 -2.34 13.80
C MET A 3 -6.28 -1.73 12.41
N ASP A 4 -6.83 -2.53 11.49
CA ASP A 4 -7.23 -2.16 10.14
C ASP A 4 -6.03 -1.66 9.33
N THR A 5 -5.31 -2.60 8.74
CA THR A 5 -4.02 -2.39 8.09
C THR A 5 -4.18 -2.83 6.64
N ILE A 6 -4.22 -1.89 5.70
CA ILE A 6 -4.25 -2.22 4.28
C ILE A 6 -2.80 -2.56 3.92
N ILE A 7 -2.58 -3.69 3.27
CA ILE A 7 -1.26 -4.09 2.78
C ILE A 7 -1.30 -3.93 1.26
N LEU A 8 -0.21 -3.46 0.65
CA LEU A 8 0.01 -3.55 -0.79
C LEU A 8 1.10 -4.58 -1.05
N ARG A 9 1.07 -5.15 -2.26
CA ARG A 9 1.84 -6.29 -2.72
C ARG A 9 2.29 -6.03 -4.16
N ASN A 10 3.17 -6.90 -4.66
CA ASN A 10 3.79 -6.80 -5.99
C ASN A 10 4.45 -5.43 -6.17
N LEU A 11 4.99 -4.88 -5.08
CA LEU A 11 5.72 -3.62 -5.09
C LEU A 11 7.10 -3.94 -5.66
N ASN A 12 7.43 -3.43 -6.85
CA ASN A 12 8.73 -3.70 -7.45
C ASN A 12 9.77 -3.17 -6.48
N PRO A 13 10.92 -3.82 -6.34
CA PRO A 13 11.91 -3.41 -5.36
C PRO A 13 12.45 -2.00 -5.63
N HIS A 14 12.51 -1.56 -6.89
CA HIS A 14 12.91 -0.21 -7.29
C HIS A 14 11.83 0.85 -7.02
N SER A 15 10.59 0.46 -6.76
CA SER A 15 9.56 1.40 -6.35
C SER A 15 9.78 1.76 -4.88
N THR A 16 9.21 2.88 -4.47
CA THR A 16 8.89 3.25 -3.12
C THR A 16 7.48 3.83 -3.11
N MET A 17 6.96 4.09 -1.92
CA MET A 17 5.72 4.82 -1.74
C MET A 17 5.81 6.16 -2.44
N ASP A 18 6.99 6.78 -2.51
CA ASP A 18 7.09 8.11 -3.08
C ASP A 18 6.71 8.10 -4.55
N SER A 19 6.93 6.97 -5.22
CA SER A 19 6.48 6.72 -6.59
C SER A 19 4.99 6.38 -6.57
N ILE A 20 4.63 5.31 -5.84
CA ILE A 20 3.29 4.72 -5.87
C ILE A 20 2.25 5.78 -5.44
N LEU A 21 2.53 6.55 -4.40
CA LEU A 21 1.62 7.57 -3.87
C LEU A 21 1.48 8.79 -4.79
N GLY A 22 2.38 8.97 -5.77
CA GLY A 22 2.29 10.05 -6.74
C GLY A 22 1.51 9.66 -7.99
N ALA A 23 1.31 8.35 -8.24
CA ALA A 23 0.81 7.81 -9.50
C ALA A 23 -0.36 6.83 -9.32
N LEU A 24 -0.59 6.37 -8.09
CA LEU A 24 -1.61 5.40 -7.72
C LEU A 24 -2.41 5.95 -6.53
N ALA A 25 -2.55 7.27 -6.42
CA ALA A 25 -3.31 7.92 -5.36
C ALA A 25 -4.44 8.82 -5.91
N PRO A 26 -5.35 8.30 -6.75
CA PRO A 26 -6.60 8.97 -7.06
C PRO A 26 -7.64 8.79 -5.94
N TYR A 27 -7.55 7.71 -5.14
CA TYR A 27 -8.59 7.29 -4.19
C TYR A 27 -8.04 7.23 -2.75
N ALA A 28 -6.92 6.54 -2.53
CA ALA A 28 -6.26 6.50 -1.23
C ALA A 28 -4.98 7.31 -1.34
N VAL A 29 -4.86 8.37 -0.55
CA VAL A 29 -3.92 9.46 -0.78
C VAL A 29 -3.20 9.72 0.55
N LEU A 30 -2.25 8.85 0.87
CA LEU A 30 -1.66 8.80 2.20
C LEU A 30 -0.64 9.92 2.39
N SER A 31 -0.34 10.21 3.66
CA SER A 31 0.63 11.21 4.12
C SER A 31 2.05 10.61 4.19
N SER A 32 2.34 9.56 3.40
CA SER A 32 3.59 8.83 3.32
C SER A 32 4.05 8.13 4.62
N SER A 33 4.09 8.78 5.77
CA SER A 33 4.41 8.13 7.05
C SER A 33 3.46 6.98 7.37
N ASN A 34 2.22 7.04 6.85
CA ASN A 34 1.23 5.98 6.97
C ASN A 34 1.73 4.68 6.34
N VAL A 35 2.65 4.75 5.37
CA VAL A 35 3.01 3.65 4.49
C VAL A 35 4.37 3.09 4.94
N ARG A 36 4.34 2.05 5.76
CA ARG A 36 5.50 1.30 6.20
C ARG A 36 6.14 0.55 5.03
N VAL A 37 7.04 1.20 4.27
CA VAL A 37 7.91 0.62 3.26
C VAL A 37 9.21 0.24 3.94
N ILE A 38 9.29 -0.98 4.47
CA ILE A 38 10.50 -1.48 5.06
C ILE A 38 11.49 -1.77 3.93
N LYS A 39 12.67 -1.13 3.95
CA LYS A 39 13.73 -1.50 3.02
C LYS A 39 14.39 -2.81 3.45
N ASP A 40 14.98 -3.51 2.49
CA ASP A 40 15.91 -4.61 2.72
C ASP A 40 17.23 -4.07 3.28
N LYS A 41 18.09 -4.95 3.82
CA LYS A 41 19.41 -4.60 4.37
C LYS A 41 20.58 -5.18 3.59
N GLN A 42 20.37 -5.68 2.37
CA GLN A 42 21.47 -6.07 1.50
C GLN A 42 21.29 -5.40 0.15
N THR A 43 20.10 -5.53 -0.44
CA THR A 43 19.84 -4.99 -1.76
C THR A 43 19.61 -3.46 -1.72
N GLN A 44 19.28 -2.92 -0.54
CA GLN A 44 18.86 -1.55 -0.30
C GLN A 44 17.55 -1.19 -1.01
N LEU A 45 16.79 -2.17 -1.48
CA LEU A 45 15.50 -2.03 -2.14
C LEU A 45 14.38 -2.17 -1.11
N ASN A 46 13.11 -2.29 -1.54
CA ASN A 46 12.00 -2.53 -0.62
C ASN A 46 11.67 -4.02 -0.56
N ARG A 47 10.90 -4.44 0.46
CA ARG A 47 10.65 -5.85 0.77
C ARG A 47 9.51 -6.51 -0.06
N GLY A 48 9.07 -5.87 -1.14
CA GLY A 48 7.97 -6.25 -2.03
C GLY A 48 6.56 -6.18 -1.43
N PHE A 49 6.38 -5.55 -0.28
CA PHE A 49 5.08 -5.17 0.27
C PHE A 49 5.26 -3.92 1.12
N ALA A 50 4.16 -3.27 1.49
CA ALA A 50 4.14 -2.15 2.43
C ALA A 50 2.78 -2.07 3.12
N PHE A 51 2.74 -1.47 4.30
CA PHE A 51 1.60 -1.48 5.22
C PHE A 51 1.11 -0.05 5.37
N ILE A 52 -0.13 0.24 5.04
CA ILE A 52 -0.82 1.48 5.36
C ILE A 52 -1.36 1.37 6.79
N GLN A 53 -1.31 2.44 7.58
CA GLN A 53 -1.95 2.56 8.88
C GLN A 53 -2.75 3.86 8.88
N LEU A 54 -3.94 3.80 8.27
CA LEU A 54 -4.99 4.80 8.41
C LEU A 54 -5.62 4.70 9.81
N SER A 55 -6.57 5.60 10.09
CA SER A 55 -7.57 5.40 11.15
C SER A 55 -8.26 4.06 10.92
N THR A 56 -8.81 3.44 11.96
CA THR A 56 -9.44 2.14 11.87
C THR A 56 -10.59 2.15 10.85
N ILE A 57 -11.51 3.09 11.01
CA ILE A 57 -12.69 3.20 10.18
C ILE A 57 -12.30 3.64 8.78
N GLU A 58 -11.36 4.58 8.69
CA GLU A 58 -10.86 5.10 7.42
C GLU A 58 -10.30 3.94 6.61
N ALA A 59 -9.39 3.16 7.20
CA ALA A 59 -8.85 1.94 6.62
C ALA A 59 -9.96 1.04 6.11
N ALA A 60 -10.93 0.71 6.97
CA ALA A 60 -11.99 -0.22 6.64
C ALA A 60 -12.90 0.28 5.51
N GLN A 61 -13.21 1.57 5.47
CA GLN A 61 -13.99 2.19 4.40
C GLN A 61 -13.19 2.16 3.11
N LEU A 62 -12.00 2.77 3.14
CA LEU A 62 -11.18 3.01 1.96
C LEU A 62 -10.82 1.68 1.30
N LEU A 63 -10.48 0.66 2.09
CA LEU A 63 -10.15 -0.67 1.58
C LEU A 63 -11.25 -1.18 0.66
N GLN A 64 -12.52 -1.06 1.08
CA GLN A 64 -13.63 -1.65 0.33
C GLN A 64 -13.86 -0.93 -0.99
N ILE A 65 -13.44 0.33 -1.07
CA ILE A 65 -13.31 1.02 -2.34
C ILE A 65 -12.31 0.20 -3.17
N LEU A 66 -11.06 0.04 -2.70
CA LEU A 66 -9.99 -0.66 -3.41
C LEU A 66 -10.28 -2.13 -3.72
N GLN A 67 -11.26 -2.75 -3.05
CA GLN A 67 -11.59 -4.15 -3.30
C GLN A 67 -12.83 -4.30 -4.19
N ALA A 68 -13.29 -3.25 -4.87
CA ALA A 68 -14.44 -3.32 -5.78
C ALA A 68 -14.44 -2.25 -6.88
N LEU A 69 -13.63 -1.20 -6.78
CA LEU A 69 -13.43 -0.14 -7.77
C LEU A 69 -12.73 -0.62 -9.05
N HIS A 70 -12.20 0.32 -9.85
CA HIS A 70 -11.31 0.02 -10.97
C HIS A 70 -9.96 -0.58 -10.53
N PRO A 71 -9.39 -1.49 -11.33
CA PRO A 71 -8.22 -2.28 -10.94
C PRO A 71 -6.97 -1.41 -10.77
N PRO A 72 -5.96 -1.92 -10.05
CA PRO A 72 -4.77 -1.15 -9.72
C PRO A 72 -3.92 -0.82 -10.95
N LEU A 73 -3.09 0.22 -10.80
CA LEU A 73 -2.36 0.90 -11.86
C LEU A 73 -0.88 0.63 -11.64
N THR A 74 -0.20 0.06 -12.65
CA THR A 74 1.24 -0.21 -12.60
C THR A 74 2.03 1.08 -12.84
N ILE A 75 3.15 1.24 -12.11
CA ILE A 75 4.03 2.42 -12.19
C ILE A 75 5.49 1.99 -12.39
N ASP A 76 5.74 0.72 -12.74
CA ASP A 76 7.08 0.14 -12.92
C ASP A 76 7.01 -1.23 -13.62
N GLY A 77 5.94 -1.46 -14.40
CA GLY A 77 5.66 -2.74 -15.04
C GLY A 77 5.23 -3.86 -14.08
N LYS A 78 4.67 -3.52 -12.92
CA LYS A 78 4.09 -4.42 -11.93
C LYS A 78 2.67 -4.00 -11.62
N THR A 79 1.67 -4.85 -11.85
CA THR A 79 0.33 -4.51 -11.40
C THR A 79 0.25 -4.77 -9.89
N ILE A 80 0.02 -3.73 -9.10
CA ILE A 80 -0.03 -3.80 -7.64
C ILE A 80 -1.15 -4.77 -7.22
N ASN A 81 -1.09 -5.26 -5.98
CA ASN A 81 -2.14 -6.05 -5.34
C ASN A 81 -2.48 -5.39 -4.01
N VAL A 82 -3.69 -5.61 -3.51
CA VAL A 82 -4.20 -5.09 -2.24
C VAL A 82 -4.56 -6.28 -1.35
N GLU A 83 -4.34 -6.13 -0.05
CA GLU A 83 -4.65 -7.06 1.02
C GLU A 83 -5.13 -6.24 2.22
N PHE A 84 -5.66 -6.94 3.21
CA PHE A 84 -5.98 -6.42 4.52
C PHE A 84 -5.28 -7.31 5.53
N ALA A 85 -5.04 -6.82 6.74
CA ALA A 85 -4.61 -7.60 7.88
C ALA A 85 -5.25 -6.96 9.10
N LYS A 86 -6.56 -7.16 9.24
CA LYS A 86 -7.34 -6.56 10.30
C LYS A 86 -7.20 -7.45 11.51
N GLY A 87 -6.28 -7.11 12.41
CA GLY A 87 -6.09 -7.84 13.66
C GLY A 87 -7.20 -7.47 14.64
N SER A 88 -8.36 -8.11 14.52
CA SER A 88 -9.36 -8.15 15.58
C SER A 88 -8.84 -9.02 16.70
N GLY A 1 -3.41 -2.72 19.19
CA GLY A 1 -2.26 -2.05 18.56
C GLY A 1 -2.57 -1.67 17.12
N HIS A 2 -1.90 -2.32 16.15
CA HIS A 2 -1.99 -2.07 14.71
C HIS A 2 -3.35 -2.52 14.16
N MET A 3 -4.43 -1.86 14.57
CA MET A 3 -5.73 -2.02 13.94
C MET A 3 -5.61 -1.56 12.48
N ASP A 4 -6.43 -2.19 11.63
CA ASP A 4 -6.78 -1.81 10.27
C ASP A 4 -5.55 -1.38 9.49
N THR A 5 -4.92 -2.41 8.99
CA THR A 5 -3.75 -2.36 8.14
C THR A 5 -4.13 -2.99 6.80
N ILE A 6 -4.23 -2.16 5.77
CA ILE A 6 -4.23 -2.62 4.39
C ILE A 6 -2.78 -3.00 4.07
N ILE A 7 -2.52 -4.21 3.58
CA ILE A 7 -1.20 -4.60 3.08
C ILE A 7 -1.23 -4.46 1.56
N LEU A 8 -0.18 -3.89 0.95
CA LEU A 8 0.04 -3.92 -0.50
C LEU A 8 0.82 -5.18 -0.88
N ARG A 9 0.78 -5.60 -2.14
CA ARG A 9 1.64 -6.66 -2.68
C ARG A 9 2.14 -6.25 -4.05
N ASN A 10 3.06 -7.05 -4.61
CA ASN A 10 3.63 -6.89 -5.94
C ASN A 10 4.32 -5.53 -6.10
N LEU A 11 5.12 -5.15 -5.11
CA LEU A 11 5.98 -3.97 -5.22
C LEU A 11 7.27 -4.43 -5.89
N ASN A 12 7.58 -3.86 -7.06
CA ASN A 12 8.92 -3.94 -7.65
C ASN A 12 9.91 -3.25 -6.70
N PRO A 13 11.21 -3.57 -6.79
CA PRO A 13 12.27 -2.98 -5.97
C PRO A 13 12.74 -1.62 -6.49
N HIS A 14 12.41 -1.30 -7.74
CA HIS A 14 12.76 -0.06 -8.44
C HIS A 14 11.96 1.15 -7.92
N SER A 15 10.90 0.89 -7.16
CA SER A 15 10.22 1.87 -6.33
C SER A 15 10.52 1.56 -4.87
N THR A 16 10.45 2.57 -4.00
CA THR A 16 10.58 2.43 -2.58
C THR A 16 9.31 3.03 -1.97
N MET A 17 9.03 4.30 -2.25
CA MET A 17 7.90 5.00 -1.64
C MET A 17 7.48 6.18 -2.52
N ASP A 18 8.41 7.09 -2.81
CA ASP A 18 8.15 8.33 -3.50
C ASP A 18 7.72 8.13 -4.95
N SER A 19 8.06 7.00 -5.55
CA SER A 19 7.69 6.57 -6.89
C SER A 19 6.43 5.68 -6.85
N ILE A 20 5.61 5.83 -5.81
CA ILE A 20 4.35 5.13 -5.64
C ILE A 20 3.32 6.14 -5.12
N LEU A 21 3.66 6.91 -4.08
CA LEU A 21 2.68 7.74 -3.36
C LEU A 21 1.88 8.63 -4.29
N GLY A 22 2.54 9.29 -5.25
CA GLY A 22 1.95 10.27 -6.15
C GLY A 22 1.54 9.65 -7.49
N ALA A 23 1.26 8.35 -7.53
CA ALA A 23 0.82 7.62 -8.71
C ALA A 23 -0.27 6.61 -8.33
N LEU A 24 -0.10 5.95 -7.19
CA LEU A 24 -1.06 5.06 -6.57
C LEU A 24 -2.12 5.85 -5.78
N ALA A 25 -2.29 7.15 -6.05
CA ALA A 25 -3.32 7.97 -5.41
C ALA A 25 -4.37 8.47 -6.44
N PRO A 26 -5.13 7.57 -7.09
CA PRO A 26 -6.35 7.91 -7.79
C PRO A 26 -7.60 7.92 -6.90
N TYR A 27 -7.61 7.30 -5.70
CA TYR A 27 -8.79 7.23 -4.82
C TYR A 27 -8.46 7.80 -3.44
N ALA A 28 -7.55 7.13 -2.71
CA ALA A 28 -7.08 7.50 -1.39
C ALA A 28 -5.69 8.10 -1.53
N VAL A 29 -5.55 9.39 -1.21
CA VAL A 29 -4.27 10.08 -1.15
C VAL A 29 -3.70 9.82 0.25
N LEU A 30 -2.69 8.96 0.36
CA LEU A 30 -2.12 8.60 1.66
C LEU A 30 -1.16 9.67 2.17
N SER A 31 -0.83 9.62 3.47
CA SER A 31 0.01 10.61 4.14
C SER A 31 1.44 10.07 4.37
N SER A 32 1.90 9.10 3.56
CA SER A 32 3.32 8.71 3.43
C SER A 32 3.84 7.92 4.65
N SER A 33 3.75 8.47 5.86
CA SER A 33 4.08 7.82 7.12
C SER A 33 3.22 6.57 7.36
N ASN A 34 1.97 6.57 6.86
CA ASN A 34 1.06 5.42 6.86
C ASN A 34 1.76 4.19 6.26
N VAL A 35 2.66 4.42 5.30
CA VAL A 35 3.20 3.41 4.43
C VAL A 35 4.51 2.89 5.02
N ARG A 36 4.45 1.72 5.65
CA ARG A 36 5.60 0.95 6.12
C ARG A 36 6.12 0.10 4.95
N VAL A 37 7.32 0.42 4.45
CA VAL A 37 8.10 -0.35 3.47
C VAL A 37 9.35 -0.87 4.18
N ILE A 38 9.36 -2.15 4.54
CA ILE A 38 10.57 -2.88 4.91
C ILE A 38 11.47 -2.91 3.68
N LYS A 39 12.77 -2.71 3.89
CA LYS A 39 13.78 -2.73 2.85
C LYS A 39 14.87 -3.71 3.26
N ASP A 40 15.54 -4.38 2.32
CA ASP A 40 16.57 -5.41 2.55
C ASP A 40 17.58 -5.02 3.64
N LYS A 41 18.64 -4.31 3.28
CA LYS A 41 19.70 -3.81 4.14
C LYS A 41 20.74 -3.23 3.21
N GLN A 42 21.18 -4.10 2.31
CA GLN A 42 22.37 -3.84 1.50
C GLN A 42 21.96 -3.37 0.13
N THR A 43 20.89 -3.94 -0.42
CA THR A 43 20.52 -3.70 -1.81
C THR A 43 19.82 -2.35 -1.99
N GLN A 44 19.40 -1.73 -0.88
CA GLN A 44 18.49 -0.59 -0.80
C GLN A 44 17.13 -0.82 -1.49
N LEU A 45 16.79 -2.08 -1.82
CA LEU A 45 15.49 -2.50 -2.39
C LEU A 45 14.49 -2.86 -1.27
N ASN A 46 13.27 -3.26 -1.65
CA ASN A 46 12.15 -3.54 -0.74
C ASN A 46 11.76 -5.04 -0.80
N ARG A 47 10.97 -5.53 0.16
CA ARG A 47 10.58 -6.95 0.30
C ARG A 47 9.44 -7.34 -0.66
N GLY A 48 8.75 -6.36 -1.23
CA GLY A 48 7.71 -6.55 -2.24
C GLY A 48 6.27 -6.44 -1.72
N PHE A 49 6.10 -5.94 -0.49
CA PHE A 49 4.81 -5.64 0.12
C PHE A 49 4.99 -4.46 1.07
N ALA A 50 3.91 -3.75 1.41
CA ALA A 50 3.93 -2.62 2.33
C ALA A 50 2.71 -2.70 3.23
N PHE A 51 2.70 -1.94 4.31
CA PHE A 51 1.62 -1.89 5.29
C PHE A 51 1.16 -0.44 5.33
N ILE A 52 -0.15 -0.22 5.37
CA ILE A 52 -0.84 1.05 5.25
C ILE A 52 -1.98 1.05 6.25
N GLN A 53 -2.03 2.00 7.19
CA GLN A 53 -3.10 2.05 8.16
C GLN A 53 -3.73 3.45 8.21
N LEU A 54 -5.01 3.49 8.59
CA LEU A 54 -5.92 4.62 8.52
C LEU A 54 -6.74 4.71 9.82
N SER A 55 -7.72 5.61 9.89
CA SER A 55 -8.76 5.63 10.92
C SER A 55 -9.57 4.32 10.85
N THR A 56 -10.21 3.90 11.94
CA THR A 56 -10.83 2.57 12.05
C THR A 56 -11.93 2.36 11.02
N ILE A 57 -12.86 3.31 10.93
CA ILE A 57 -13.92 3.32 9.93
C ILE A 57 -13.33 3.55 8.54
N GLU A 58 -12.42 4.52 8.42
CA GLU A 58 -11.88 4.99 7.16
C GLU A 58 -11.18 3.86 6.40
N ALA A 59 -10.30 3.12 7.10
CA ALA A 59 -9.61 1.96 6.58
C ALA A 59 -10.59 1.00 5.92
N ALA A 60 -11.58 0.53 6.70
CA ALA A 60 -12.54 -0.47 6.27
C ALA A 60 -13.42 0.04 5.12
N GLN A 61 -13.87 1.30 5.18
CA GLN A 61 -14.66 1.91 4.12
C GLN A 61 -13.87 1.89 2.81
N LEU A 62 -12.67 2.50 2.82
CA LEU A 62 -11.86 2.67 1.63
C LEU A 62 -11.48 1.31 1.07
N LEU A 63 -11.11 0.36 1.93
CA LEU A 63 -10.73 -0.97 1.51
C LEU A 63 -11.82 -1.60 0.63
N GLN A 64 -13.10 -1.46 1.02
CA GLN A 64 -14.20 -2.08 0.30
C GLN A 64 -14.36 -1.47 -1.11
N ILE A 65 -13.97 -0.21 -1.28
CA ILE A 65 -13.88 0.44 -2.59
C ILE A 65 -12.88 -0.33 -3.44
N LEU A 66 -11.65 -0.50 -2.94
CA LEU A 66 -10.59 -1.27 -3.59
C LEU A 66 -10.99 -2.73 -3.88
N GLN A 67 -12.05 -3.25 -3.28
CA GLN A 67 -12.57 -4.60 -3.49
C GLN A 67 -13.88 -4.60 -4.27
N ALA A 68 -14.16 -3.53 -5.03
CA ALA A 68 -15.32 -3.42 -5.92
C ALA A 68 -15.01 -2.72 -7.24
N LEU A 69 -14.05 -1.79 -7.25
CA LEU A 69 -13.86 -0.82 -8.33
C LEU A 69 -12.85 -1.27 -9.40
N HIS A 70 -12.36 -0.32 -10.19
CA HIS A 70 -11.34 -0.47 -11.23
C HIS A 70 -9.91 -0.59 -10.65
N PRO A 71 -9.00 -1.27 -11.35
CA PRO A 71 -7.72 -1.71 -10.80
C PRO A 71 -6.69 -0.58 -10.66
N PRO A 72 -5.65 -0.77 -9.83
CA PRO A 72 -4.70 0.27 -9.49
C PRO A 72 -3.73 0.58 -10.64
N LEU A 73 -3.36 1.86 -10.75
CA LEU A 73 -2.29 2.39 -11.59
C LEU A 73 -0.97 1.75 -11.18
N THR A 74 -0.34 1.03 -12.11
CA THR A 74 1.01 0.50 -11.97
C THR A 74 2.00 1.64 -12.26
N ILE A 75 3.17 1.60 -11.65
CA ILE A 75 4.20 2.64 -11.75
C ILE A 75 5.54 2.03 -12.20
N ASP A 76 5.55 0.79 -12.70
CA ASP A 76 6.76 0.04 -13.12
C ASP A 76 6.36 -1.30 -13.76
N GLY A 77 5.23 -1.35 -14.47
CA GLY A 77 4.69 -2.59 -15.02
C GLY A 77 4.30 -3.65 -13.98
N LYS A 78 4.17 -3.30 -12.68
CA LYS A 78 3.66 -4.14 -11.61
C LYS A 78 2.31 -3.60 -11.13
N THR A 79 1.22 -4.32 -11.38
CA THR A 79 -0.07 -3.93 -10.80
C THR A 79 -0.08 -4.29 -9.31
N ILE A 80 -0.24 -3.32 -8.44
CA ILE A 80 -0.21 -3.52 -6.99
C ILE A 80 -1.44 -4.32 -6.54
N ASN A 81 -1.32 -5.10 -5.47
CA ASN A 81 -2.44 -5.83 -4.85
C ASN A 81 -2.81 -5.27 -3.48
N VAL A 82 -3.91 -5.76 -2.91
CA VAL A 82 -4.50 -5.28 -1.66
C VAL A 82 -4.67 -6.49 -0.73
N GLU A 83 -4.65 -6.30 0.58
CA GLU A 83 -4.95 -7.25 1.64
C GLU A 83 -5.41 -6.45 2.85
N PHE A 84 -5.86 -7.14 3.89
CA PHE A 84 -6.38 -6.51 5.10
C PHE A 84 -5.93 -7.32 6.32
N ALA A 85 -4.80 -6.94 6.91
CA ALA A 85 -4.34 -7.44 8.20
C ALA A 85 -5.05 -6.64 9.29
N LYS A 86 -6.36 -6.85 9.40
CA LYS A 86 -7.16 -6.41 10.52
C LYS A 86 -6.81 -7.32 11.69
N GLY A 87 -5.73 -7.02 12.41
CA GLY A 87 -5.36 -7.78 13.60
C GLY A 87 -6.43 -7.52 14.66
N SER A 88 -6.37 -6.35 15.31
CA SER A 88 -7.28 -5.95 16.40
C SER A 88 -7.24 -6.89 17.60
N GLY A 1 -1.28 -2.11 19.01
CA GLY A 1 -2.42 -1.93 18.11
C GLY A 1 -2.62 -3.13 17.22
N HIS A 2 -2.06 -3.13 16.00
CA HIS A 2 -2.21 -4.17 14.98
C HIS A 2 -3.69 -4.54 14.68
N MET A 3 -4.53 -3.53 14.56
CA MET A 3 -5.85 -3.58 13.95
C MET A 3 -5.77 -2.85 12.60
N ASP A 4 -6.73 -3.07 11.70
CA ASP A 4 -7.11 -2.25 10.57
C ASP A 4 -5.91 -1.74 9.81
N THR A 5 -5.46 -2.63 8.94
CA THR A 5 -4.22 -2.43 8.21
C THR A 5 -4.46 -2.89 6.77
N ILE A 6 -4.22 -2.01 5.81
CA ILE A 6 -4.31 -2.32 4.38
C ILE A 6 -2.89 -2.65 3.96
N ILE A 7 -2.62 -3.91 3.64
CA ILE A 7 -1.35 -4.36 3.09
C ILE A 7 -1.38 -4.18 1.58
N LEU A 8 -0.21 -4.07 0.96
CA LEU A 8 -0.01 -4.00 -0.49
C LEU A 8 0.93 -5.14 -0.87
N ARG A 9 0.91 -5.62 -2.11
CA ARG A 9 1.83 -6.66 -2.61
C ARG A 9 2.25 -6.33 -4.04
N ASN A 10 3.22 -7.09 -4.55
CA ASN A 10 3.75 -6.98 -5.91
C ASN A 10 4.38 -5.60 -6.17
N LEU A 11 5.05 -5.05 -5.16
CA LEU A 11 5.88 -3.87 -5.33
C LEU A 11 7.16 -4.38 -6.02
N ASN A 12 7.61 -3.73 -7.11
CA ASN A 12 8.91 -4.07 -7.70
C ASN A 12 9.99 -3.61 -6.75
N PRO A 13 11.14 -4.32 -6.65
CA PRO A 13 12.22 -3.98 -5.74
C PRO A 13 12.84 -2.61 -6.03
N HIS A 14 12.65 -2.06 -7.24
CA HIS A 14 13.06 -0.71 -7.62
C HIS A 14 12.40 0.37 -6.76
N SER A 15 11.12 0.21 -6.42
CA SER A 15 10.35 1.27 -5.79
C SER A 15 10.80 1.52 -4.36
N THR A 16 10.50 2.72 -3.84
CA THR A 16 10.60 3.00 -2.42
C THR A 16 9.19 3.08 -1.87
N MET A 17 8.57 4.25 -1.95
CA MET A 17 7.38 4.63 -1.21
C MET A 17 6.79 5.83 -1.95
N ASP A 18 7.46 6.98 -1.92
CA ASP A 18 6.92 8.22 -2.48
C ASP A 18 6.76 8.11 -4.00
N SER A 19 7.61 7.31 -4.64
CA SER A 19 7.55 6.92 -6.05
C SER A 19 6.31 6.09 -6.40
N ILE A 20 5.72 5.39 -5.42
CA ILE A 20 4.45 4.70 -5.56
C ILE A 20 3.32 5.67 -5.27
N LEU A 21 3.38 6.45 -4.18
CA LEU A 21 2.29 7.35 -3.80
C LEU A 21 1.92 8.28 -4.96
N GLY A 22 2.88 8.75 -5.76
CA GLY A 22 2.59 9.63 -6.87
C GLY A 22 1.80 8.99 -8.02
N ALA A 23 1.68 7.67 -8.09
CA ALA A 23 0.97 6.96 -9.16
C ALA A 23 0.14 5.77 -8.66
N LEU A 24 -0.11 5.67 -7.35
CA LEU A 24 -1.02 4.71 -6.76
C LEU A 24 -1.99 5.38 -5.77
N ALA A 25 -2.21 6.70 -5.87
CA ALA A 25 -3.01 7.46 -4.92
C ALA A 25 -4.12 8.27 -5.59
N PRO A 26 -5.05 7.63 -6.34
CA PRO A 26 -6.15 8.33 -6.98
C PRO A 26 -7.24 8.79 -5.99
N TYR A 27 -7.56 7.98 -4.96
CA TYR A 27 -8.71 8.23 -4.07
C TYR A 27 -8.30 8.31 -2.60
N ALA A 28 -7.19 7.68 -2.21
CA ALA A 28 -6.61 7.81 -0.89
C ALA A 28 -5.14 8.16 -1.04
N VAL A 29 -4.81 9.39 -0.70
CA VAL A 29 -3.44 9.88 -0.61
C VAL A 29 -3.03 9.81 0.86
N LEU A 30 -2.13 8.89 1.20
CA LEU A 30 -1.55 8.81 2.53
C LEU A 30 -0.41 9.82 2.65
N SER A 31 -0.02 10.15 3.89
CA SER A 31 1.10 11.04 4.24
C SER A 31 2.47 10.38 4.02
N SER A 32 2.64 9.56 2.97
CA SER A 32 3.81 8.73 2.70
C SER A 32 4.08 7.73 3.84
N SER A 33 4.59 8.16 4.99
CA SER A 33 5.06 7.32 6.10
C SER A 33 4.02 6.33 6.62
N ASN A 34 2.72 6.65 6.51
CA ASN A 34 1.61 5.75 6.82
C ASN A 34 1.74 4.43 6.06
N VAL A 35 2.34 4.45 4.87
CA VAL A 35 2.76 3.29 4.12
C VAL A 35 4.09 2.80 4.68
N ARG A 36 4.05 1.85 5.61
CA ARG A 36 5.22 1.08 6.02
C ARG A 36 5.78 0.36 4.81
N VAL A 37 6.99 0.72 4.38
CA VAL A 37 7.82 -0.05 3.46
C VAL A 37 9.05 -0.54 4.24
N ILE A 38 9.32 -1.83 4.21
CA ILE A 38 10.60 -2.40 4.64
C ILE A 38 11.51 -2.35 3.41
N LYS A 39 12.71 -1.78 3.55
CA LYS A 39 13.77 -1.93 2.56
C LYS A 39 14.70 -3.03 3.07
N ASP A 40 15.30 -3.81 2.17
CA ASP A 40 16.29 -4.83 2.52
C ASP A 40 17.53 -4.18 3.13
N LYS A 41 17.75 -2.91 2.78
CA LYS A 41 18.84 -2.02 3.17
C LYS A 41 20.12 -2.38 2.45
N GLN A 42 20.61 -3.60 2.56
CA GLN A 42 21.92 -3.96 2.03
C GLN A 42 21.98 -3.79 0.52
N THR A 43 20.86 -4.09 -0.13
CA THR A 43 20.68 -4.08 -1.57
C THR A 43 20.11 -2.76 -2.07
N GLN A 44 19.61 -1.92 -1.13
CA GLN A 44 18.73 -0.77 -1.32
C GLN A 44 17.30 -1.12 -1.71
N LEU A 45 17.04 -2.35 -2.15
CA LEU A 45 15.75 -2.78 -2.68
C LEU A 45 14.70 -2.84 -1.58
N ASN A 46 13.45 -3.05 -1.97
CA ASN A 46 12.34 -3.33 -1.08
C ASN A 46 12.00 -4.83 -1.03
N ARG A 47 11.13 -5.21 -0.09
CA ARG A 47 10.74 -6.60 0.16
C ARG A 47 9.51 -7.02 -0.66
N GLY A 48 8.76 -6.08 -1.24
CA GLY A 48 7.79 -6.36 -2.29
C GLY A 48 6.34 -6.28 -1.82
N PHE A 49 6.11 -5.69 -0.64
CA PHE A 49 4.82 -5.46 -0.02
C PHE A 49 4.94 -4.20 0.82
N ALA A 50 3.84 -3.67 1.33
CA ALA A 50 3.83 -2.50 2.21
C ALA A 50 2.58 -2.53 3.09
N PHE A 51 2.45 -1.64 4.06
CA PHE A 51 1.39 -1.65 5.07
C PHE A 51 0.92 -0.21 5.30
N ILE A 52 -0.24 0.19 4.79
CA ILE A 52 -0.92 1.43 5.18
C ILE A 52 -1.47 1.29 6.61
N GLN A 53 -1.40 2.36 7.42
CA GLN A 53 -2.18 2.51 8.63
C GLN A 53 -3.11 3.71 8.44
N LEU A 54 -4.36 3.56 8.87
CA LEU A 54 -5.42 4.56 8.81
C LEU A 54 -6.25 4.46 10.10
N SER A 55 -7.20 5.40 10.29
CA SER A 55 -8.24 5.31 11.30
C SER A 55 -9.00 3.99 11.16
N THR A 56 -9.65 3.55 12.25
CA THR A 56 -10.27 2.24 12.34
C THR A 56 -11.31 2.04 11.23
N ILE A 57 -12.28 2.95 11.19
CA ILE A 57 -13.32 2.95 10.18
C ILE A 57 -12.74 3.36 8.83
N GLU A 58 -11.86 4.35 8.76
CA GLU A 58 -11.31 4.84 7.49
C GLU A 58 -10.63 3.73 6.72
N ALA A 59 -9.74 2.97 7.36
CA ALA A 59 -9.08 1.82 6.79
C ALA A 59 -10.11 0.89 6.13
N ALA A 60 -11.13 0.50 6.90
CA ALA A 60 -12.14 -0.43 6.47
C ALA A 60 -13.04 0.12 5.37
N GLN A 61 -13.42 1.40 5.43
CA GLN A 61 -14.26 2.05 4.44
C GLN A 61 -13.50 2.11 3.12
N LEU A 62 -12.37 2.81 3.12
CA LEU A 62 -11.63 3.14 1.92
C LEU A 62 -11.26 1.86 1.17
N LEU A 63 -10.89 0.81 1.91
CA LEU A 63 -10.54 -0.47 1.33
C LEU A 63 -11.66 -0.95 0.39
N GLN A 64 -12.92 -0.93 0.86
CA GLN A 64 -14.06 -1.43 0.10
C GLN A 64 -14.26 -0.65 -1.19
N ILE A 65 -13.90 0.63 -1.22
CA ILE A 65 -14.05 1.52 -2.38
C ILE A 65 -13.21 0.89 -3.51
N LEU A 66 -11.91 0.73 -3.29
CA LEU A 66 -10.99 0.09 -4.24
C LEU A 66 -11.42 -1.33 -4.59
N GLN A 67 -12.05 -2.06 -3.66
CA GLN A 67 -12.46 -3.46 -3.85
C GLN A 67 -13.79 -3.58 -4.63
N ALA A 68 -14.23 -2.50 -5.25
CA ALA A 68 -15.46 -2.44 -6.03
C ALA A 68 -15.27 -1.70 -7.35
N LEU A 69 -14.48 -0.62 -7.37
CA LEU A 69 -14.10 0.06 -8.61
C LEU A 69 -13.05 -0.75 -9.38
N HIS A 70 -12.54 -0.18 -10.48
CA HIS A 70 -11.49 -0.72 -11.34
C HIS A 70 -10.26 -1.22 -10.54
N PRO A 71 -9.42 -2.09 -11.15
CA PRO A 71 -8.22 -2.58 -10.50
C PRO A 71 -7.17 -1.49 -10.23
N PRO A 72 -6.14 -1.82 -9.43
CA PRO A 72 -5.08 -0.90 -9.09
C PRO A 72 -4.12 -0.65 -10.25
N LEU A 73 -3.30 0.38 -10.03
CA LEU A 73 -2.26 0.90 -10.93
C LEU A 73 -0.96 0.12 -10.78
N THR A 74 0.03 0.53 -11.54
CA THR A 74 1.40 0.07 -11.59
C THR A 74 2.25 1.33 -11.83
N ILE A 75 3.55 1.27 -11.53
CA ILE A 75 4.50 2.33 -11.82
C ILE A 75 5.79 1.74 -12.44
N ASP A 76 5.77 0.47 -12.85
CA ASP A 76 6.99 -0.30 -13.16
C ASP A 76 6.59 -1.68 -13.72
N GLY A 77 5.49 -1.75 -14.47
CA GLY A 77 4.94 -2.98 -15.04
C GLY A 77 4.48 -4.03 -14.01
N LYS A 78 4.34 -3.64 -12.74
CA LYS A 78 3.88 -4.45 -11.62
C LYS A 78 2.53 -3.96 -11.14
N THR A 79 1.43 -4.62 -11.53
CA THR A 79 0.13 -4.25 -11.00
C THR A 79 0.13 -4.51 -9.49
N ILE A 80 0.00 -3.47 -8.68
CA ILE A 80 0.02 -3.64 -7.23
C ILE A 80 -1.16 -4.53 -6.82
N ASN A 81 -1.07 -5.18 -5.66
CA ASN A 81 -2.19 -5.86 -5.02
C ASN A 81 -2.52 -5.21 -3.69
N VAL A 82 -3.71 -5.47 -3.17
CA VAL A 82 -4.26 -4.90 -1.95
C VAL A 82 -4.64 -6.06 -1.04
N GLU A 83 -4.45 -5.91 0.26
CA GLU A 83 -4.78 -6.87 1.28
C GLU A 83 -5.31 -6.14 2.51
N PHE A 84 -5.91 -6.88 3.43
CA PHE A 84 -6.59 -6.34 4.60
C PHE A 84 -6.44 -7.31 5.77
N ALA A 85 -5.50 -7.04 6.68
CA ALA A 85 -5.32 -7.81 7.91
C ALA A 85 -5.92 -6.99 9.04
N LYS A 86 -7.25 -7.03 9.13
CA LYS A 86 -8.03 -6.28 10.08
C LYS A 86 -8.13 -7.09 11.37
N GLY A 87 -7.26 -6.79 12.34
CA GLY A 87 -7.42 -7.22 13.72
C GLY A 87 -8.81 -6.83 14.21
N SER A 88 -9.70 -7.82 14.31
CA SER A 88 -10.91 -7.79 15.10
C SER A 88 -10.55 -8.45 16.42
N GLY A 1 -8.19 0.38 19.62
CA GLY A 1 -6.81 -0.11 19.67
C GLY A 1 -6.00 0.56 18.58
N HIS A 2 -5.72 -0.15 17.50
CA HIS A 2 -5.09 0.37 16.29
C HIS A 2 -5.75 -0.31 15.11
N MET A 3 -5.66 -1.65 15.05
CA MET A 3 -6.31 -2.47 14.04
C MET A 3 -5.96 -1.99 12.62
N ASP A 4 -6.73 -2.44 11.62
CA ASP A 4 -6.87 -1.90 10.29
C ASP A 4 -5.55 -1.66 9.57
N THR A 5 -5.12 -2.70 8.88
CA THR A 5 -3.94 -2.67 8.05
C THR A 5 -4.36 -3.01 6.62
N ILE A 6 -3.81 -2.30 5.63
CA ILE A 6 -3.97 -2.66 4.22
C ILE A 6 -2.56 -3.00 3.75
N ILE A 7 -2.33 -4.24 3.34
CA ILE A 7 -1.02 -4.73 2.94
C ILE A 7 -0.97 -4.69 1.42
N LEU A 8 0.13 -4.21 0.87
CA LEU A 8 0.39 -4.20 -0.56
C LEU A 8 1.42 -5.28 -0.88
N ARG A 9 1.41 -5.77 -2.13
CA ARG A 9 2.43 -6.66 -2.69
C ARG A 9 2.68 -6.22 -4.13
N ASN A 10 3.59 -6.92 -4.81
CA ASN A 10 4.06 -6.61 -6.15
C ASN A 10 4.56 -5.18 -6.24
N LEU A 11 5.25 -4.70 -5.22
CA LEU A 11 6.06 -3.53 -5.34
C LEU A 11 7.27 -3.99 -6.16
N ASN A 12 7.60 -3.25 -7.22
CA ASN A 12 8.91 -3.38 -7.87
C ASN A 12 9.92 -2.85 -6.87
N PRO A 13 11.14 -3.42 -6.84
CA PRO A 13 12.18 -2.97 -5.94
C PRO A 13 12.78 -1.62 -6.38
N HIS A 14 12.64 -1.24 -7.64
CA HIS A 14 13.15 0.05 -8.14
C HIS A 14 12.23 1.24 -7.77
N SER A 15 11.28 1.07 -6.85
CA SER A 15 10.48 2.12 -6.25
C SER A 15 10.62 2.13 -4.71
N THR A 16 9.96 3.08 -4.03
CA THR A 16 10.01 3.27 -2.59
C THR A 16 8.57 3.33 -2.07
N MET A 17 7.93 4.49 -2.07
CA MET A 17 6.52 4.64 -1.71
C MET A 17 5.97 5.91 -2.35
N ASP A 18 6.68 7.03 -2.16
CA ASP A 18 6.28 8.34 -2.66
C ASP A 18 6.07 8.29 -4.18
N SER A 19 6.86 7.46 -4.87
CA SER A 19 6.82 7.20 -6.31
C SER A 19 5.48 6.66 -6.79
N ILE A 20 4.79 5.92 -5.92
CA ILE A 20 3.58 5.16 -6.15
C ILE A 20 2.42 5.96 -5.63
N LEU A 21 2.50 6.41 -4.39
CA LEU A 21 1.45 7.13 -3.67
C LEU A 21 0.88 8.29 -4.46
N GLY A 22 1.72 9.00 -5.21
CA GLY A 22 1.32 10.16 -5.98
C GLY A 22 0.46 9.81 -7.21
N ALA A 23 0.40 8.55 -7.61
CA ALA A 23 -0.40 8.07 -8.73
C ALA A 23 -1.18 6.80 -8.36
N LEU A 24 -1.27 6.49 -7.08
CA LEU A 24 -2.06 5.40 -6.54
C LEU A 24 -3.04 5.99 -5.52
N ALA A 25 -3.48 7.23 -5.73
CA ALA A 25 -4.36 7.96 -4.83
C ALA A 25 -5.63 8.46 -5.53
N PRO A 26 -6.42 7.60 -6.19
CA PRO A 26 -7.71 8.01 -6.74
C PRO A 26 -8.79 8.25 -5.67
N TYR A 27 -8.63 7.74 -4.43
CA TYR A 27 -9.66 7.84 -3.38
C TYR A 27 -9.07 8.08 -1.97
N ALA A 28 -7.83 7.70 -1.71
CA ALA A 28 -7.11 7.93 -0.46
C ALA A 28 -5.73 8.44 -0.82
N VAL A 29 -5.24 9.43 -0.07
CA VAL A 29 -4.04 10.18 -0.41
C VAL A 29 -3.17 10.16 0.84
N LEU A 30 -2.22 9.22 0.90
CA LEU A 30 -1.51 8.85 2.13
C LEU A 30 -0.25 9.70 2.30
N SER A 31 0.29 9.79 3.51
CA SER A 31 1.31 10.77 3.87
C SER A 31 2.74 10.19 3.82
N SER A 32 2.98 9.12 3.07
CA SER A 32 4.16 8.26 3.08
C SER A 32 4.48 7.60 4.43
N SER A 33 4.46 8.32 5.56
CA SER A 33 4.74 7.79 6.90
C SER A 33 3.79 6.64 7.26
N ASN A 34 2.56 6.67 6.72
CA ASN A 34 1.56 5.61 6.82
C ASN A 34 2.05 4.28 6.29
N VAL A 35 3.04 4.28 5.39
CA VAL A 35 3.38 3.13 4.57
C VAL A 35 4.71 2.54 5.05
N ARG A 36 4.65 1.48 5.84
CA ARG A 36 5.80 0.70 6.25
C ARG A 36 6.44 0.03 5.03
N VAL A 37 7.58 0.56 4.56
CA VAL A 37 8.43 0.00 3.52
C VAL A 37 9.73 -0.45 4.18
N ILE A 38 9.77 -1.71 4.59
CA ILE A 38 11.01 -2.37 4.91
C ILE A 38 11.80 -2.48 3.59
N LYS A 39 13.12 -2.36 3.69
CA LYS A 39 14.04 -2.64 2.61
C LYS A 39 15.05 -3.69 3.04
N ASP A 40 15.65 -4.32 2.06
CA ASP A 40 16.73 -5.28 2.24
C ASP A 40 17.97 -4.57 2.77
N LYS A 41 18.93 -5.31 3.34
CA LYS A 41 20.19 -4.72 3.82
C LYS A 41 21.32 -4.84 2.82
N GLN A 42 21.22 -5.76 1.88
CA GLN A 42 22.34 -6.18 1.08
C GLN A 42 22.25 -5.54 -0.29
N THR A 43 21.03 -5.39 -0.84
CA THR A 43 20.80 -4.65 -2.09
C THR A 43 20.21 -3.25 -1.82
N GLN A 44 19.70 -2.98 -0.60
CA GLN A 44 18.90 -1.79 -0.27
C GLN A 44 17.50 -1.79 -0.88
N LEU A 45 17.19 -2.68 -1.84
CA LEU A 45 15.86 -2.71 -2.45
C LEU A 45 14.76 -2.89 -1.42
N ASN A 46 13.57 -2.37 -1.66
CA ASN A 46 12.40 -2.66 -0.83
C ASN A 46 12.08 -4.16 -0.93
N ARG A 47 11.31 -4.69 0.02
CA ARG A 47 11.05 -6.14 0.17
C ARG A 47 10.04 -6.71 -0.85
N GLY A 48 9.32 -5.85 -1.56
CA GLY A 48 8.31 -6.20 -2.56
C GLY A 48 6.89 -6.17 -2.00
N PHE A 49 6.71 -5.58 -0.82
CA PHE A 49 5.45 -5.39 -0.12
C PHE A 49 5.55 -4.17 0.76
N ALA A 50 4.41 -3.68 1.24
CA ALA A 50 4.33 -2.58 2.19
C ALA A 50 3.06 -2.72 3.03
N PHE A 51 2.95 -1.94 4.10
CA PHE A 51 1.85 -2.01 5.06
C PHE A 51 1.37 -0.59 5.27
N ILE A 52 0.19 -0.26 4.74
CA ILE A 52 -0.51 0.98 5.04
C ILE A 52 -1.07 0.86 6.46
N GLN A 53 -0.89 1.89 7.27
CA GLN A 53 -1.62 2.11 8.51
C GLN A 53 -2.43 3.38 8.27
N LEU A 54 -3.66 3.19 7.78
CA LEU A 54 -4.69 4.23 7.80
C LEU A 54 -5.33 4.24 9.20
N SER A 55 -6.28 5.14 9.44
CA SER A 55 -7.15 4.99 10.60
C SER A 55 -8.12 3.83 10.36
N THR A 56 -8.90 3.48 11.37
CA THR A 56 -9.82 2.35 11.35
C THR A 56 -10.83 2.48 10.22
N ILE A 57 -11.71 3.48 10.34
CA ILE A 57 -12.80 3.72 9.40
C ILE A 57 -12.22 4.06 8.03
N GLU A 58 -11.13 4.84 8.02
CA GLU A 58 -10.42 5.26 6.82
C GLU A 58 -10.01 4.04 5.99
N ALA A 59 -9.33 3.07 6.64
CA ALA A 59 -8.90 1.83 6.02
C ALA A 59 -10.09 1.03 5.54
N ALA A 60 -11.07 0.82 6.43
CA ALA A 60 -12.22 -0.02 6.18
C ALA A 60 -12.99 0.45 4.94
N GLN A 61 -13.33 1.74 4.90
CA GLN A 61 -14.02 2.32 3.75
C GLN A 61 -13.17 2.14 2.50
N LEU A 62 -11.92 2.62 2.51
CA LEU A 62 -11.03 2.62 1.36
C LEU A 62 -10.92 1.23 0.76
N LEU A 63 -10.68 0.21 1.60
CA LEU A 63 -10.55 -1.16 1.16
C LEU A 63 -11.80 -1.58 0.38
N GLN A 64 -12.98 -1.44 0.99
CA GLN A 64 -14.24 -1.91 0.43
C GLN A 64 -14.58 -1.14 -0.86
N ILE A 65 -14.22 0.14 -0.94
CA ILE A 65 -14.27 0.92 -2.17
C ILE A 65 -13.37 0.28 -3.24
N LEU A 66 -12.05 0.20 -3.03
CA LEU A 66 -11.12 -0.33 -4.03
C LEU A 66 -11.50 -1.72 -4.51
N GLN A 67 -12.01 -2.57 -3.61
CA GLN A 67 -12.39 -3.95 -3.91
C GLN A 67 -13.74 -4.04 -4.64
N ALA A 68 -14.25 -2.93 -5.18
CA ALA A 68 -15.45 -2.90 -6.01
C ALA A 68 -15.17 -2.40 -7.43
N LEU A 69 -14.04 -1.73 -7.68
CA LEU A 69 -13.84 -0.84 -8.82
C LEU A 69 -12.58 -1.22 -9.61
N HIS A 70 -12.28 -0.48 -10.69
CA HIS A 70 -11.15 -0.73 -11.60
C HIS A 70 -9.84 -1.04 -10.84
N PRO A 71 -8.99 -1.94 -11.36
CA PRO A 71 -7.81 -2.40 -10.65
C PRO A 71 -6.75 -1.30 -10.47
N PRO A 72 -5.82 -1.48 -9.51
CA PRO A 72 -4.82 -0.49 -9.15
C PRO A 72 -3.90 -0.11 -10.30
N LEU A 73 -3.59 1.19 -10.39
CA LEU A 73 -2.77 1.85 -11.40
C LEU A 73 -1.29 1.52 -11.14
N THR A 74 -0.62 0.96 -12.13
CA THR A 74 0.80 0.56 -12.04
C THR A 74 1.71 1.76 -12.33
N ILE A 75 2.84 1.88 -11.62
CA ILE A 75 3.83 2.93 -11.80
C ILE A 75 5.24 2.33 -11.77
N ASP A 76 5.48 1.28 -12.58
CA ASP A 76 6.79 0.73 -13.02
C ASP A 76 6.59 -0.57 -13.82
N GLY A 77 5.38 -0.84 -14.32
CA GLY A 77 5.03 -2.16 -14.81
C GLY A 77 4.86 -3.17 -13.67
N LYS A 78 4.37 -2.74 -12.50
CA LYS A 78 3.99 -3.62 -11.42
C LYS A 78 2.56 -3.36 -10.94
N THR A 79 1.55 -4.11 -11.43
CA THR A 79 0.20 -3.98 -10.86
C THR A 79 0.28 -4.30 -9.36
N ILE A 80 0.08 -3.31 -8.49
CA ILE A 80 0.17 -3.47 -7.05
C ILE A 80 -0.95 -4.43 -6.60
N ASN A 81 -0.68 -5.26 -5.60
CA ASN A 81 -1.67 -6.13 -4.99
C ASN A 81 -2.25 -5.46 -3.74
N VAL A 82 -3.41 -5.94 -3.28
CA VAL A 82 -4.10 -5.46 -2.09
C VAL A 82 -4.31 -6.68 -1.18
N GLU A 83 -4.31 -6.46 0.14
CA GLU A 83 -4.68 -7.37 1.21
C GLU A 83 -5.17 -6.50 2.37
N PHE A 84 -5.76 -7.17 3.35
CA PHE A 84 -6.30 -6.61 4.57
C PHE A 84 -5.72 -7.45 5.71
N ALA A 85 -5.33 -6.82 6.82
CA ALA A 85 -4.95 -7.51 8.04
C ALA A 85 -5.52 -6.72 9.21
N LYS A 86 -6.76 -7.04 9.54
CA LYS A 86 -7.53 -6.36 10.57
C LYS A 86 -7.25 -7.08 11.88
N GLY A 87 -6.22 -6.66 12.61
CA GLY A 87 -5.97 -7.17 13.95
C GLY A 87 -7.03 -6.66 14.91
N SER A 88 -8.06 -7.46 15.20
CA SER A 88 -8.74 -7.39 16.49
C SER A 88 -7.87 -8.24 17.40
N GLY A 1 -6.90 -8.92 18.55
CA GLY A 1 -7.34 -7.53 18.40
C GLY A 1 -6.43 -6.71 17.51
N HIS A 2 -5.94 -7.25 16.38
CA HIS A 2 -5.11 -6.48 15.46
C HIS A 2 -5.92 -5.32 14.88
N MET A 3 -5.29 -4.17 14.70
CA MET A 3 -5.85 -3.00 14.06
C MET A 3 -6.06 -3.21 12.56
N ASP A 4 -6.42 -2.13 11.87
CA ASP A 4 -6.72 -2.05 10.46
C ASP A 4 -5.42 -1.64 9.79
N THR A 5 -4.76 -2.63 9.22
CA THR A 5 -3.56 -2.47 8.41
C THR A 5 -3.92 -2.90 7.00
N ILE A 6 -4.10 -1.94 6.09
CA ILE A 6 -4.19 -2.27 4.68
C ILE A 6 -2.76 -2.62 4.26
N ILE A 7 -2.56 -3.74 3.57
CA ILE A 7 -1.27 -4.20 3.09
C ILE A 7 -1.29 -4.10 1.56
N LEU A 8 -0.14 -3.82 0.94
CA LEU A 8 0.04 -3.88 -0.51
C LEU A 8 0.96 -5.06 -0.82
N ARG A 9 0.90 -5.63 -2.03
CA ARG A 9 1.84 -6.68 -2.49
C ARG A 9 2.22 -6.44 -3.94
N ASN A 10 3.15 -7.25 -4.46
CA ASN A 10 3.69 -7.21 -5.81
C ASN A 10 4.40 -5.88 -6.10
N LEU A 11 5.05 -5.29 -5.10
CA LEU A 11 5.93 -4.16 -5.30
C LEU A 11 7.18 -4.69 -5.99
N ASN A 12 7.61 -4.08 -7.10
CA ASN A 12 8.96 -4.31 -7.64
C ASN A 12 9.94 -3.78 -6.61
N PRO A 13 11.17 -4.28 -6.54
CA PRO A 13 12.22 -3.72 -5.69
C PRO A 13 12.56 -2.26 -6.05
N HIS A 14 12.30 -1.81 -7.28
CA HIS A 14 12.39 -0.39 -7.65
C HIS A 14 11.44 0.50 -6.83
N SER A 15 10.31 -0.04 -6.38
CA SER A 15 9.32 0.73 -5.65
C SER A 15 9.97 1.24 -4.36
N THR A 16 9.54 2.43 -3.91
CA THR A 16 10.09 3.06 -2.73
C THR A 16 8.91 3.46 -1.85
N MET A 17 8.30 4.64 -2.05
CA MET A 17 7.11 5.10 -1.36
C MET A 17 6.45 6.16 -2.22
N ASP A 18 7.12 7.29 -2.38
CA ASP A 18 6.65 8.48 -3.06
C ASP A 18 6.35 8.20 -4.53
N SER A 19 7.09 7.26 -5.12
CA SER A 19 6.88 6.71 -6.45
C SER A 19 5.46 6.15 -6.56
N ILE A 20 5.04 5.39 -5.55
CA ILE A 20 3.77 4.70 -5.49
C ILE A 20 2.67 5.76 -5.28
N LEU A 21 2.86 6.68 -4.32
CA LEU A 21 1.91 7.77 -4.09
C LEU A 21 1.77 8.68 -5.31
N GLY A 22 2.69 8.64 -6.29
CA GLY A 22 2.59 9.46 -7.48
C GLY A 22 1.60 8.92 -8.51
N ALA A 23 1.27 7.62 -8.48
CA ALA A 23 0.44 6.95 -9.49
C ALA A 23 -0.71 6.16 -8.87
N LEU A 24 -0.45 5.48 -7.75
CA LEU A 24 -1.40 4.73 -6.95
C LEU A 24 -2.09 5.67 -5.96
N ALA A 25 -2.29 6.94 -6.30
CA ALA A 25 -3.16 7.85 -5.58
C ALA A 25 -4.37 8.31 -6.44
N PRO A 26 -5.16 7.40 -7.03
CA PRO A 26 -6.41 7.76 -7.70
C PRO A 26 -7.56 8.08 -6.73
N TYR A 27 -7.61 7.48 -5.54
CA TYR A 27 -8.76 7.60 -4.64
C TYR A 27 -8.36 7.75 -3.17
N ALA A 28 -7.18 7.26 -2.79
CA ALA A 28 -6.74 7.15 -1.41
C ALA A 28 -5.28 7.58 -1.35
N VAL A 29 -5.00 8.69 -0.68
CA VAL A 29 -3.76 9.42 -0.86
C VAL A 29 -3.16 9.69 0.52
N LEU A 30 -2.37 8.73 1.00
CA LEU A 30 -1.71 8.84 2.31
C LEU A 30 -0.74 10.01 2.36
N SER A 31 -0.32 10.37 3.58
CA SER A 31 0.78 11.29 3.85
C SER A 31 2.15 10.61 3.65
N SER A 32 2.27 9.70 2.69
CA SER A 32 3.46 8.92 2.36
C SER A 32 3.88 7.98 3.51
N SER A 33 4.39 8.49 4.64
CA SER A 33 5.03 7.68 5.68
C SER A 33 4.05 6.71 6.35
N ASN A 34 2.73 6.99 6.36
CA ASN A 34 1.68 6.04 6.76
C ASN A 34 1.83 4.70 6.06
N VAL A 35 2.39 4.70 4.83
CA VAL A 35 2.78 3.50 4.11
C VAL A 35 4.15 3.06 4.66
N ARG A 36 4.18 2.18 5.66
CA ARG A 36 5.39 1.51 6.13
C ARG A 36 5.92 0.64 5.00
N VAL A 37 7.07 1.02 4.45
CA VAL A 37 7.91 0.19 3.60
C VAL A 37 9.17 -0.15 4.39
N ILE A 38 9.39 -1.45 4.60
CA ILE A 38 10.65 -2.00 5.05
C ILE A 38 11.58 -2.02 3.84
N LYS A 39 12.81 -1.56 4.03
CA LYS A 39 13.86 -1.57 3.02
C LYS A 39 14.94 -2.55 3.45
N ASP A 40 15.53 -3.29 2.51
CA ASP A 40 16.73 -4.12 2.72
C ASP A 40 17.88 -3.28 3.29
N LYS A 41 18.89 -3.94 3.86
CA LYS A 41 20.06 -3.30 4.47
C LYS A 41 21.31 -3.48 3.61
N GLN A 42 21.32 -4.48 2.74
CA GLN A 42 22.37 -4.72 1.77
C GLN A 42 21.95 -4.04 0.48
N THR A 43 20.84 -4.48 -0.10
CA THR A 43 20.51 -4.18 -1.48
C THR A 43 19.84 -2.82 -1.64
N GLN A 44 19.39 -2.24 -0.53
CA GLN A 44 18.67 -0.96 -0.45
C GLN A 44 17.23 -1.02 -0.96
N LEU A 45 16.86 -2.09 -1.67
CA LEU A 45 15.55 -2.40 -2.23
C LEU A 45 14.48 -2.52 -1.15
N ASN A 46 13.25 -2.82 -1.54
CA ASN A 46 12.13 -3.05 -0.62
C ASN A 46 11.87 -4.56 -0.48
N ARG A 47 10.96 -4.96 0.42
CA ARG A 47 10.66 -6.38 0.73
C ARG A 47 9.59 -7.04 -0.15
N GLY A 48 8.82 -6.25 -0.91
CA GLY A 48 7.86 -6.67 -1.92
C GLY A 48 6.40 -6.52 -1.51
N PHE A 49 6.15 -5.78 -0.42
CA PHE A 49 4.86 -5.44 0.13
C PHE A 49 5.03 -4.12 0.89
N ALA A 50 3.94 -3.54 1.37
CA ALA A 50 3.93 -2.34 2.20
C ALA A 50 2.70 -2.38 3.12
N PHE A 51 2.65 -1.50 4.11
CA PHE A 51 1.63 -1.51 5.17
C PHE A 51 1.14 -0.09 5.38
N ILE A 52 -0.10 0.24 5.02
CA ILE A 52 -0.76 1.49 5.39
C ILE A 52 -1.18 1.42 6.87
N GLN A 53 -1.05 2.50 7.64
CA GLN A 53 -1.61 2.63 8.97
C GLN A 53 -2.56 3.83 9.02
N LEU A 54 -3.86 3.58 9.19
CA LEU A 54 -4.90 4.60 9.23
C LEU A 54 -5.67 4.54 10.55
N SER A 55 -6.63 5.45 10.71
CA SER A 55 -7.77 5.30 11.61
C SER A 55 -8.44 3.95 11.35
N THR A 56 -9.02 3.35 12.40
CA THR A 56 -9.86 2.17 12.35
C THR A 56 -10.93 2.32 11.27
N ILE A 57 -11.87 3.24 11.46
CA ILE A 57 -13.06 3.33 10.63
C ILE A 57 -12.65 3.79 9.22
N GLU A 58 -11.67 4.70 9.12
CA GLU A 58 -11.19 5.21 7.84
C GLU A 58 -10.67 4.08 6.97
N ALA A 59 -9.71 3.30 7.48
CA ALA A 59 -9.14 2.16 6.78
C ALA A 59 -10.24 1.25 6.23
N ALA A 60 -11.14 0.80 7.11
CA ALA A 60 -12.17 -0.17 6.76
C ALA A 60 -13.18 0.38 5.75
N GLN A 61 -13.48 1.68 5.80
CA GLN A 61 -14.34 2.34 4.82
C GLN A 61 -13.65 2.41 3.47
N LEU A 62 -12.47 3.01 3.43
CA LEU A 62 -11.75 3.33 2.20
C LEU A 62 -11.49 2.05 1.43
N LEU A 63 -11.03 0.99 2.13
CA LEU A 63 -10.65 -0.24 1.46
C LEU A 63 -11.83 -0.79 0.63
N GLN A 64 -13.06 -0.68 1.16
CA GLN A 64 -14.23 -1.19 0.44
C GLN A 64 -14.44 -0.46 -0.89
N ILE A 65 -14.07 0.82 -0.99
CA ILE A 65 -14.16 1.59 -2.22
C ILE A 65 -13.23 0.93 -3.24
N LEU A 66 -11.95 0.76 -2.88
CA LEU A 66 -10.89 0.13 -3.68
C LEU A 66 -11.21 -1.29 -4.18
N GLN A 67 -12.26 -1.95 -3.67
CA GLN A 67 -12.66 -3.26 -4.17
C GLN A 67 -13.83 -3.17 -5.18
N ALA A 68 -14.14 -1.97 -5.70
CA ALA A 68 -15.23 -1.73 -6.66
C ALA A 68 -14.87 -0.91 -7.91
N LEU A 69 -13.95 0.05 -7.83
CA LEU A 69 -13.32 0.71 -8.97
C LEU A 69 -12.59 -0.26 -9.92
N HIS A 70 -12.08 0.29 -11.02
CA HIS A 70 -11.06 -0.31 -11.86
C HIS A 70 -9.81 -0.68 -11.04
N PRO A 71 -9.02 -1.66 -11.49
CA PRO A 71 -7.86 -2.18 -10.77
C PRO A 71 -6.73 -1.16 -10.55
N PRO A 72 -5.78 -1.46 -9.65
CA PRO A 72 -4.74 -0.54 -9.24
C PRO A 72 -3.74 -0.24 -10.35
N LEU A 73 -3.26 1.01 -10.39
CA LEU A 73 -2.35 1.51 -11.42
C LEU A 73 -0.93 1.06 -11.12
N THR A 74 -0.31 0.32 -12.05
CA THR A 74 1.08 -0.13 -11.95
C THR A 74 2.01 1.08 -12.12
N ILE A 75 3.22 1.01 -11.56
CA ILE A 75 4.21 2.07 -11.64
C ILE A 75 5.60 1.55 -12.05
N ASP A 76 5.68 0.30 -12.54
CA ASP A 76 6.94 -0.32 -12.99
C ASP A 76 6.63 -1.67 -13.68
N GLY A 77 5.48 -1.75 -14.37
CA GLY A 77 5.01 -2.99 -15.02
C GLY A 77 4.57 -4.09 -14.04
N LYS A 78 4.35 -3.75 -12.78
CA LYS A 78 3.91 -4.60 -11.68
C LYS A 78 2.56 -4.12 -11.20
N THR A 79 1.48 -4.86 -11.46
CA THR A 79 0.18 -4.47 -10.92
C THR A 79 0.15 -4.87 -9.44
N ILE A 80 0.07 -3.88 -8.57
CA ILE A 80 0.05 -4.02 -7.12
C ILE A 80 -1.18 -4.86 -6.71
N ASN A 81 -1.12 -5.47 -5.53
CA ASN A 81 -2.23 -6.19 -4.90
C ASN A 81 -2.59 -5.47 -3.61
N VAL A 82 -3.80 -5.70 -3.10
CA VAL A 82 -4.31 -5.12 -1.87
C VAL A 82 -4.67 -6.27 -0.91
N GLU A 83 -4.32 -6.16 0.35
CA GLU A 83 -4.83 -6.99 1.43
C GLU A 83 -5.34 -6.12 2.56
N PHE A 84 -6.13 -6.76 3.42
CA PHE A 84 -6.76 -6.14 4.57
C PHE A 84 -6.43 -6.97 5.81
N ALA A 85 -5.36 -6.62 6.54
CA ALA A 85 -5.07 -7.16 7.86
C ALA A 85 -5.82 -6.32 8.88
N LYS A 86 -7.07 -6.70 9.12
CA LYS A 86 -7.99 -6.17 10.11
C LYS A 86 -8.33 -7.29 11.08
N GLY A 87 -7.77 -7.23 12.28
CA GLY A 87 -8.01 -8.25 13.29
C GLY A 87 -9.45 -8.24 13.76
N SER A 88 -10.28 -9.13 13.21
CA SER A 88 -11.37 -9.78 13.95
C SER A 88 -10.78 -10.93 14.79
N GLY A 1 -5.49 -0.78 19.44
CA GLY A 1 -5.19 -0.27 18.09
C GLY A 1 -6.39 0.43 17.50
N HIS A 2 -6.20 1.03 16.32
CA HIS A 2 -7.29 1.45 15.46
C HIS A 2 -8.12 0.25 14.98
N MET A 3 -7.46 -0.88 14.78
CA MET A 3 -7.97 -2.15 14.29
C MET A 3 -8.25 -2.11 12.78
N ASP A 4 -7.16 -1.97 12.02
CA ASP A 4 -7.02 -1.98 10.58
C ASP A 4 -5.52 -2.23 10.32
N THR A 5 -5.18 -3.01 9.30
CA THR A 5 -3.93 -2.86 8.56
C THR A 5 -4.26 -3.26 7.12
N ILE A 6 -3.86 -2.44 6.15
CA ILE A 6 -3.92 -2.82 4.74
C ILE A 6 -2.48 -3.10 4.34
N ILE A 7 -2.25 -4.21 3.65
CA ILE A 7 -0.98 -4.51 3.02
C ILE A 7 -1.15 -4.20 1.53
N LEU A 8 -0.20 -3.47 0.95
CA LEU A 8 -0.04 -3.38 -0.49
C LEU A 8 0.89 -4.48 -0.95
N ARG A 9 0.73 -4.97 -2.17
CA ARG A 9 1.53 -6.07 -2.73
C ARG A 9 2.00 -5.68 -4.12
N ASN A 10 2.86 -6.52 -4.69
CA ASN A 10 3.38 -6.40 -6.05
C ASN A 10 4.07 -5.05 -6.23
N LEU A 11 4.86 -4.66 -5.22
CA LEU A 11 5.73 -3.50 -5.29
C LEU A 11 7.05 -4.03 -5.83
N ASN A 12 7.59 -3.38 -6.85
CA ASN A 12 8.83 -3.82 -7.49
C ASN A 12 10.03 -3.52 -6.59
N PRO A 13 11.16 -4.21 -6.79
CA PRO A 13 12.40 -3.95 -6.08
C PRO A 13 12.88 -2.50 -6.26
N HIS A 14 12.80 -1.97 -7.49
CA HIS A 14 13.17 -0.60 -7.83
C HIS A 14 12.24 0.46 -7.23
N SER A 15 11.04 0.11 -6.75
CA SER A 15 10.16 1.09 -6.14
C SER A 15 10.72 1.52 -4.78
N THR A 16 10.12 2.52 -4.14
CA THR A 16 10.36 2.81 -2.73
C THR A 16 8.98 2.89 -2.09
N MET A 17 8.31 4.05 -2.09
CA MET A 17 6.88 4.15 -1.74
C MET A 17 6.32 5.43 -2.33
N ASP A 18 7.07 6.52 -2.28
CA ASP A 18 6.60 7.79 -2.81
C ASP A 18 6.38 7.72 -4.32
N SER A 19 7.09 6.80 -4.99
CA SER A 19 6.88 6.42 -6.38
C SER A 19 5.40 6.12 -6.64
N ILE A 20 4.77 5.40 -5.72
CA ILE A 20 3.40 4.97 -5.78
C ILE A 20 2.52 6.07 -5.19
N LEU A 21 2.86 6.59 -4.01
CA LEU A 21 1.95 7.43 -3.23
C LEU A 21 1.63 8.76 -3.92
N GLY A 22 2.52 9.30 -4.75
CA GLY A 22 2.28 10.54 -5.45
C GLY A 22 1.78 10.33 -6.88
N ALA A 23 1.36 9.10 -7.21
CA ALA A 23 0.77 8.73 -8.49
C ALA A 23 -0.59 8.09 -8.21
N LEU A 24 -0.56 6.95 -7.54
CA LEU A 24 -1.67 6.02 -7.33
C LEU A 24 -2.45 6.42 -6.08
N ALA A 25 -2.74 7.71 -5.92
CA ALA A 25 -3.62 8.18 -4.88
C ALA A 25 -4.83 8.95 -5.45
N PRO A 26 -5.62 8.38 -6.38
CA PRO A 26 -6.87 8.99 -6.81
C PRO A 26 -7.99 8.90 -5.77
N TYR A 27 -7.89 8.00 -4.78
CA TYR A 27 -8.96 7.71 -3.82
C TYR A 27 -8.49 7.74 -2.37
N ALA A 28 -7.20 7.51 -2.10
CA ALA A 28 -6.64 7.56 -0.75
C ALA A 28 -5.19 8.00 -0.87
N VAL A 29 -4.89 9.17 -0.30
CA VAL A 29 -3.55 9.75 -0.31
C VAL A 29 -2.98 9.57 1.09
N LEU A 30 -2.19 8.51 1.31
CA LEU A 30 -1.46 8.33 2.55
C LEU A 30 -0.22 9.24 2.58
N SER A 31 0.37 9.44 3.75
CA SER A 31 1.78 9.81 3.86
C SER A 31 2.68 8.56 3.80
N SER A 32 3.96 8.77 3.50
CA SER A 32 4.99 7.74 3.54
C SER A 32 5.16 7.13 4.94
N SER A 33 4.88 7.88 5.99
CA SER A 33 4.96 7.44 7.36
C SER A 33 3.92 6.37 7.68
N ASN A 34 2.75 6.46 7.04
CA ASN A 34 1.67 5.49 7.18
C ASN A 34 2.02 4.21 6.44
N VAL A 35 2.92 4.27 5.46
CA VAL A 35 3.24 3.16 4.56
C VAL A 35 4.63 2.63 4.89
N ARG A 36 4.64 1.68 5.82
CA ARG A 36 5.82 0.91 6.20
C ARG A 36 6.27 0.05 5.02
N VAL A 37 7.41 0.39 4.40
CA VAL A 37 8.11 -0.42 3.42
C VAL A 37 9.40 -0.90 4.07
N ILE A 38 9.48 -2.19 4.41
CA ILE A 38 10.73 -2.82 4.79
C ILE A 38 11.61 -2.83 3.55
N LYS A 39 12.79 -2.19 3.61
CA LYS A 39 13.83 -2.44 2.65
C LYS A 39 14.61 -3.67 3.08
N ASP A 40 15.24 -4.36 2.12
CA ASP A 40 16.30 -5.34 2.44
C ASP A 40 17.46 -4.66 3.14
N LYS A 41 17.59 -3.35 2.87
CA LYS A 41 18.67 -2.47 3.24
C LYS A 41 19.85 -2.78 2.34
N GLN A 42 20.49 -3.95 2.45
CA GLN A 42 21.76 -4.22 1.77
C GLN A 42 21.66 -4.14 0.25
N THR A 43 20.65 -4.78 -0.32
CA THR A 43 20.41 -4.80 -1.76
C THR A 43 19.85 -3.45 -2.25
N GLN A 44 19.42 -2.61 -1.28
CA GLN A 44 18.68 -1.37 -1.39
C GLN A 44 17.28 -1.57 -2.00
N LEU A 45 16.79 -2.80 -2.08
CA LEU A 45 15.49 -3.14 -2.62
C LEU A 45 14.45 -3.16 -1.49
N ASN A 46 13.18 -3.35 -1.83
CA ASN A 46 12.11 -3.54 -0.87
C ASN A 46 11.97 -5.04 -0.53
N ARG A 47 10.95 -5.42 0.23
CA ARG A 47 10.48 -6.82 0.31
C ARG A 47 9.30 -7.09 -0.64
N GLY A 48 8.67 -6.03 -1.18
CA GLY A 48 7.70 -6.10 -2.27
C GLY A 48 6.24 -6.12 -1.81
N PHE A 49 6.01 -5.83 -0.53
CA PHE A 49 4.73 -5.42 0.02
C PHE A 49 4.99 -4.24 0.95
N ALA A 50 3.94 -3.52 1.34
CA ALA A 50 4.01 -2.41 2.30
C ALA A 50 2.84 -2.51 3.25
N PHE A 51 2.92 -1.86 4.40
CA PHE A 51 1.91 -1.89 5.44
C PHE A 51 1.39 -0.47 5.64
N ILE A 52 0.17 -0.21 5.22
CA ILE A 52 -0.57 1.02 5.48
C ILE A 52 -1.13 0.94 6.91
N GLN A 53 -1.14 2.07 7.65
CA GLN A 53 -1.79 2.23 8.94
C GLN A 53 -2.67 3.49 8.86
N LEU A 54 -3.97 3.33 8.60
CA LEU A 54 -4.92 4.43 8.44
C LEU A 54 -5.68 4.67 9.76
N SER A 55 -6.68 5.54 9.73
CA SER A 55 -7.79 5.58 10.67
C SER A 55 -8.62 4.30 10.51
N THR A 56 -9.29 3.83 11.57
CA THR A 56 -10.16 2.65 11.52
C THR A 56 -11.14 2.71 10.34
N ILE A 57 -11.99 3.75 10.31
CA ILE A 57 -13.05 3.89 9.34
C ILE A 57 -12.44 4.17 7.96
N GLU A 58 -11.45 5.07 7.89
CA GLU A 58 -10.79 5.44 6.64
C GLU A 58 -10.22 4.17 5.98
N ALA A 59 -9.57 3.31 6.76
CA ALA A 59 -8.98 2.06 6.31
C ALA A 59 -10.09 1.11 5.85
N ALA A 60 -11.07 0.88 6.73
CA ALA A 60 -12.09 -0.14 6.58
C ALA A 60 -12.92 0.11 5.33
N GLN A 61 -13.40 1.35 5.14
CA GLN A 61 -14.21 1.72 4.00
C GLN A 61 -13.39 1.63 2.72
N LEU A 62 -12.21 2.26 2.69
CA LEU A 62 -11.33 2.30 1.53
C LEU A 62 -11.04 0.91 1.01
N LEU A 63 -10.80 -0.06 1.92
CA LEU A 63 -10.52 -1.43 1.52
C LEU A 63 -11.67 -1.95 0.66
N GLN A 64 -12.92 -1.77 1.10
CA GLN A 64 -14.08 -2.24 0.37
C GLN A 64 -14.19 -1.58 -1.02
N ILE A 65 -13.78 -0.31 -1.13
CA ILE A 65 -13.73 0.42 -2.41
C ILE A 65 -12.68 -0.26 -3.30
N LEU A 66 -11.44 -0.42 -2.82
CA LEU A 66 -10.37 -1.12 -3.53
C LEU A 66 -10.73 -2.56 -3.91
N GLN A 67 -11.73 -3.16 -3.28
CA GLN A 67 -12.16 -4.53 -3.58
C GLN A 67 -13.37 -4.54 -4.51
N ALA A 68 -13.70 -3.40 -5.13
CA ALA A 68 -14.88 -3.26 -5.96
C ALA A 68 -14.74 -2.28 -7.13
N LEU A 69 -13.78 -1.35 -7.06
CA LEU A 69 -13.51 -0.37 -8.11
C LEU A 69 -12.64 -0.96 -9.24
N HIS A 70 -12.26 -0.10 -10.19
CA HIS A 70 -11.29 -0.44 -11.24
C HIS A 70 -9.84 -0.49 -10.71
N PRO A 71 -9.01 -1.40 -11.22
CA PRO A 71 -7.68 -1.71 -10.73
C PRO A 71 -6.68 -0.55 -10.88
N PRO A 72 -5.58 -0.58 -10.10
CA PRO A 72 -4.64 0.53 -10.00
C PRO A 72 -3.69 0.69 -11.19
N LEU A 73 -3.31 1.93 -11.46
CA LEU A 73 -2.29 2.38 -12.41
C LEU A 73 -0.92 1.95 -11.89
N THR A 74 -0.20 1.18 -12.70
CA THR A 74 1.15 0.69 -12.41
C THR A 74 2.17 1.82 -12.55
N ILE A 75 3.19 1.82 -11.68
CA ILE A 75 4.23 2.85 -11.63
C ILE A 75 5.64 2.26 -11.71
N ASP A 76 5.79 1.01 -12.16
CA ASP A 76 7.11 0.45 -12.53
C ASP A 76 6.91 -0.83 -13.36
N GLY A 77 5.80 -0.92 -14.10
CA GLY A 77 5.35 -2.13 -14.78
C GLY A 77 4.80 -3.21 -13.85
N LYS A 78 4.42 -2.89 -12.60
CA LYS A 78 3.81 -3.79 -11.63
C LYS A 78 2.44 -3.24 -11.18
N THR A 79 1.34 -3.96 -11.39
CA THR A 79 0.04 -3.54 -10.88
C THR A 79 -0.02 -3.77 -9.36
N ILE A 80 -0.32 -2.75 -8.56
CA ILE A 80 -0.41 -2.87 -7.11
C ILE A 80 -1.61 -3.75 -6.72
N ASN A 81 -1.50 -4.49 -5.62
CA ASN A 81 -2.58 -5.29 -5.05
C ASN A 81 -2.75 -5.03 -3.56
N VAL A 82 -3.76 -5.65 -2.95
CA VAL A 82 -4.24 -5.32 -1.61
C VAL A 82 -4.41 -6.61 -0.82
N GLU A 83 -3.99 -6.63 0.44
CA GLU A 83 -4.45 -7.56 1.45
C GLU A 83 -4.94 -6.76 2.64
N PHE A 84 -5.70 -7.43 3.50
CA PHE A 84 -6.26 -6.91 4.73
C PHE A 84 -5.68 -7.76 5.84
N ALA A 85 -4.83 -7.17 6.68
CA ALA A 85 -4.06 -7.86 7.70
C ALA A 85 -4.54 -7.41 9.07
N LYS A 86 -5.86 -7.40 9.28
CA LYS A 86 -6.43 -7.08 10.57
C LYS A 86 -6.09 -8.20 11.53
N GLY A 87 -5.02 -7.99 12.31
CA GLY A 87 -4.51 -8.94 13.28
C GLY A 87 -5.61 -9.42 14.21
N SER A 88 -5.93 -8.58 15.20
CA SER A 88 -6.82 -8.92 16.30
C SER A 88 -6.39 -10.26 16.92
N GLY A 1 -1.10 -7.69 13.56
CA GLY A 1 -0.45 -6.48 13.06
C GLY A 1 -1.40 -5.28 13.15
N HIS A 2 -1.13 -4.38 14.10
CA HIS A 2 -1.86 -3.14 14.38
C HIS A 2 -3.39 -3.34 14.47
N MET A 3 -4.15 -2.25 14.55
CA MET A 3 -5.52 -2.15 14.13
C MET A 3 -5.45 -1.59 12.71
N ASP A 4 -6.28 -2.15 11.83
CA ASP A 4 -6.54 -1.79 10.46
C ASP A 4 -5.24 -1.52 9.70
N THR A 5 -4.82 -2.60 9.05
CA THR A 5 -3.73 -2.61 8.10
C THR A 5 -4.28 -2.97 6.72
N ILE A 6 -4.04 -2.11 5.74
CA ILE A 6 -4.11 -2.48 4.33
C ILE A 6 -2.67 -2.83 3.97
N ILE A 7 -2.45 -4.09 3.58
CA ILE A 7 -1.16 -4.52 3.05
C ILE A 7 -1.25 -4.37 1.54
N LEU A 8 -0.13 -3.99 0.91
CA LEU A 8 0.07 -4.04 -0.52
C LEU A 8 1.09 -5.12 -0.78
N ARG A 9 0.99 -5.75 -1.95
CA ARG A 9 1.93 -6.77 -2.43
C ARG A 9 2.33 -6.38 -3.85
N ASN A 10 3.33 -7.08 -4.39
CA ASN A 10 3.88 -6.88 -5.72
C ASN A 10 4.64 -5.54 -5.86
N LEU A 11 5.23 -5.01 -4.79
CA LEU A 11 6.05 -3.82 -4.85
C LEU A 11 7.38 -4.21 -5.52
N ASN A 12 7.68 -3.61 -6.68
CA ASN A 12 8.95 -3.81 -7.38
C ASN A 12 10.09 -3.18 -6.57
N PRO A 13 11.34 -3.57 -6.88
CA PRO A 13 12.53 -3.07 -6.22
C PRO A 13 12.82 -1.61 -6.59
N HIS A 14 12.49 -1.19 -7.83
CA HIS A 14 12.76 0.15 -8.34
C HIS A 14 11.86 1.23 -7.73
N SER A 15 10.75 0.89 -7.05
CA SER A 15 10.00 1.82 -6.22
C SER A 15 10.54 1.81 -4.79
N THR A 16 10.15 2.79 -3.97
CA THR A 16 10.51 2.90 -2.56
C THR A 16 9.28 3.28 -1.73
N MET A 17 8.45 4.20 -2.26
CA MET A 17 7.10 4.48 -1.80
C MET A 17 6.48 5.48 -2.74
N ASP A 18 7.11 6.64 -2.85
CA ASP A 18 6.55 7.87 -3.40
C ASP A 18 5.92 7.68 -4.79
N SER A 19 6.47 6.76 -5.58
CA SER A 19 5.88 6.39 -6.87
C SER A 19 4.50 5.78 -6.66
N ILE A 20 4.42 4.68 -5.91
CA ILE A 20 3.18 4.02 -5.54
C ILE A 20 2.25 5.06 -4.89
N LEU A 21 2.79 5.89 -4.01
CA LEU A 21 2.00 6.72 -3.13
C LEU A 21 1.25 7.83 -3.85
N GLY A 22 1.70 8.22 -5.05
CA GLY A 22 1.02 9.23 -5.86
C GLY A 22 0.32 8.63 -7.07
N ALA A 23 0.72 7.44 -7.52
CA ALA A 23 0.09 6.78 -8.66
C ALA A 23 -1.14 6.02 -8.17
N LEU A 24 -0.99 5.27 -7.08
CA LEU A 24 -2.02 4.38 -6.56
C LEU A 24 -3.04 5.17 -5.73
N ALA A 25 -3.11 6.50 -5.93
CA ALA A 25 -3.88 7.42 -5.11
C ALA A 25 -4.95 8.20 -5.89
N PRO A 26 -5.86 7.54 -6.65
CA PRO A 26 -7.04 8.21 -7.18
C PRO A 26 -8.03 8.59 -6.07
N TYR A 27 -7.99 7.91 -4.90
CA TYR A 27 -8.93 8.12 -3.79
C TYR A 27 -8.20 8.29 -2.44
N ALA A 28 -6.97 7.77 -2.30
CA ALA A 28 -6.19 7.88 -1.08
C ALA A 28 -4.71 8.05 -1.42
N VAL A 29 -4.22 9.27 -1.28
CA VAL A 29 -2.83 9.60 -1.07
C VAL A 29 -2.60 9.35 0.42
N LEU A 30 -1.89 8.29 0.79
CA LEU A 30 -1.44 8.18 2.17
C LEU A 30 -0.27 9.14 2.41
N SER A 31 -0.05 9.51 3.67
CA SER A 31 1.15 10.20 4.11
C SER A 31 2.25 9.16 4.40
N SER A 32 3.51 9.57 4.31
CA SER A 32 4.68 8.70 4.40
C SER A 32 4.83 8.00 5.74
N SER A 33 4.29 8.59 6.81
CA SER A 33 4.29 7.93 8.11
C SER A 33 3.43 6.66 8.03
N ASN A 34 2.22 6.80 7.47
CA ASN A 34 1.21 5.76 7.44
C ASN A 34 1.65 4.54 6.65
N VAL A 35 2.68 4.66 5.81
CA VAL A 35 3.08 3.64 4.87
C VAL A 35 4.50 3.18 5.17
N ARG A 36 4.59 2.07 5.91
CA ARG A 36 5.87 1.39 6.13
C ARG A 36 6.18 0.55 4.89
N VAL A 37 7.21 0.92 4.14
CA VAL A 37 7.86 0.02 3.19
C VAL A 37 9.21 -0.28 3.86
N ILE A 38 9.33 -1.47 4.46
CA ILE A 38 10.60 -1.95 4.96
C ILE A 38 11.46 -2.24 3.72
N LYS A 39 12.73 -1.84 3.76
CA LYS A 39 13.68 -2.09 2.70
C LYS A 39 14.94 -2.68 3.28
N ASP A 40 15.76 -3.33 2.45
CA ASP A 40 16.97 -4.03 2.87
C ASP A 40 18.07 -3.06 3.36
N LYS A 41 19.26 -3.58 3.69
CA LYS A 41 20.44 -2.81 4.06
C LYS A 41 21.53 -2.90 3.00
N GLN A 42 21.72 -4.09 2.43
CA GLN A 42 22.80 -4.37 1.51
C GLN A 42 22.31 -4.38 0.08
N THR A 43 21.10 -4.86 -0.19
CA THR A 43 20.58 -4.87 -1.55
C THR A 43 20.01 -3.49 -1.92
N GLN A 44 19.65 -2.70 -0.89
CA GLN A 44 18.99 -1.42 -0.97
C GLN A 44 17.66 -1.52 -1.74
N LEU A 45 16.82 -2.53 -1.47
CA LEU A 45 15.50 -2.67 -2.12
C LEU A 45 14.44 -3.09 -1.10
N ASN A 46 13.16 -2.86 -1.42
CA ASN A 46 12.01 -3.22 -0.58
C ASN A 46 11.99 -4.71 -0.25
N ARG A 47 11.21 -5.09 0.77
CA ARG A 47 10.88 -6.49 1.03
C ARG A 47 9.86 -7.03 0.01
N GLY A 48 9.17 -6.19 -0.76
CA GLY A 48 8.20 -6.64 -1.77
C GLY A 48 6.74 -6.47 -1.35
N PHE A 49 6.45 -6.22 -0.07
CA PHE A 49 5.12 -5.83 0.40
C PHE A 49 5.26 -4.56 1.26
N ALA A 50 4.15 -3.86 1.51
CA ALA A 50 4.13 -2.55 2.16
C ALA A 50 2.86 -2.40 3.00
N PHE A 51 2.87 -1.52 3.99
CA PHE A 51 1.96 -1.54 5.14
C PHE A 51 1.32 -0.16 5.37
N ILE A 52 0.09 0.05 4.90
CA ILE A 52 -0.71 1.23 5.21
C ILE A 52 -1.33 1.03 6.60
N GLN A 53 -1.34 2.07 7.45
CA GLN A 53 -2.05 2.16 8.71
C GLN A 53 -2.99 3.36 8.57
N LEU A 54 -4.29 3.15 8.67
CA LEU A 54 -5.31 4.20 8.63
C LEU A 54 -6.16 4.10 9.89
N SER A 55 -6.98 5.13 10.12
CA SER A 55 -7.93 5.15 11.23
C SER A 55 -8.99 4.05 11.05
N THR A 56 -9.73 3.74 12.12
CA THR A 56 -10.59 2.56 12.23
C THR A 56 -11.57 2.47 11.06
N ILE A 57 -12.52 3.41 10.98
CA ILE A 57 -13.51 3.44 9.93
C ILE A 57 -12.85 3.78 8.60
N GLU A 58 -11.87 4.67 8.60
CA GLU A 58 -11.23 5.21 7.40
C GLU A 58 -10.63 4.08 6.56
N ALA A 59 -9.85 3.21 7.22
CA ALA A 59 -9.24 2.03 6.62
C ALA A 59 -10.30 1.18 5.91
N ALA A 60 -11.36 0.81 6.64
CA ALA A 60 -12.40 -0.05 6.12
C ALA A 60 -13.14 0.62 4.96
N GLN A 61 -13.48 1.91 5.10
CA GLN A 61 -14.18 2.67 4.08
C GLN A 61 -13.39 2.70 2.80
N LEU A 62 -12.13 3.17 2.87
CA LEU A 62 -11.25 3.32 1.74
C LEU A 62 -11.13 2.00 1.01
N LEU A 63 -10.81 0.93 1.74
CA LEU A 63 -10.60 -0.40 1.18
C LEU A 63 -11.77 -0.80 0.28
N GLN A 64 -13.00 -0.73 0.79
CA GLN A 64 -14.17 -1.22 0.07
C GLN A 64 -14.44 -0.46 -1.23
N ILE A 65 -13.97 0.79 -1.36
CA ILE A 65 -14.05 1.57 -2.59
C ILE A 65 -13.15 0.89 -3.64
N LEU A 66 -11.86 0.76 -3.37
CA LEU A 66 -10.88 0.16 -4.29
C LEU A 66 -11.21 -1.30 -4.63
N GLN A 67 -11.97 -1.99 -3.78
CA GLN A 67 -12.40 -3.38 -3.99
C GLN A 67 -13.67 -3.50 -4.85
N ALA A 68 -14.05 -2.44 -5.53
CA ALA A 68 -15.25 -2.40 -6.35
C ALA A 68 -14.98 -1.78 -7.72
N LEU A 69 -14.22 -0.69 -7.76
CA LEU A 69 -13.83 0.02 -8.98
C LEU A 69 -12.70 -0.68 -9.74
N HIS A 70 -12.13 0.02 -10.72
CA HIS A 70 -11.08 -0.45 -11.61
C HIS A 70 -9.85 -1.02 -10.87
N PRO A 71 -9.04 -1.88 -11.52
CA PRO A 71 -7.90 -2.54 -10.89
C PRO A 71 -6.79 -1.54 -10.51
N PRO A 72 -5.87 -1.92 -9.61
CA PRO A 72 -4.82 -1.04 -9.11
C PRO A 72 -3.86 -0.60 -10.22
N LEU A 73 -3.45 0.67 -10.14
CA LEU A 73 -2.60 1.35 -11.09
C LEU A 73 -1.16 0.91 -10.87
N THR A 74 -0.56 0.22 -11.84
CA THR A 74 0.86 -0.11 -11.77
C THR A 74 1.72 1.15 -11.97
N ILE A 75 2.97 1.07 -11.51
CA ILE A 75 3.95 2.16 -11.51
C ILE A 75 5.33 1.63 -11.91
N ASP A 76 5.41 0.43 -12.51
CA ASP A 76 6.62 -0.21 -13.09
C ASP A 76 6.24 -1.60 -13.62
N GLY A 77 5.10 -1.73 -14.30
CA GLY A 77 4.59 -3.01 -14.82
C GLY A 77 4.08 -4.00 -13.78
N LYS A 78 4.36 -3.83 -12.48
CA LYS A 78 3.87 -4.71 -11.42
C LYS A 78 2.47 -4.28 -11.02
N THR A 79 1.41 -5.03 -11.33
CA THR A 79 0.10 -4.63 -10.82
C THR A 79 0.09 -4.83 -9.30
N ILE A 80 -0.01 -3.73 -8.55
CA ILE A 80 -0.07 -3.77 -7.09
C ILE A 80 -1.29 -4.61 -6.64
N ASN A 81 -1.31 -4.99 -5.38
CA ASN A 81 -2.29 -5.85 -4.73
C ASN A 81 -2.83 -5.09 -3.53
N VAL A 82 -3.98 -5.49 -3.02
CA VAL A 82 -4.60 -4.89 -1.84
C VAL A 82 -4.95 -6.05 -0.92
N GLU A 83 -4.81 -5.88 0.38
CA GLU A 83 -5.14 -6.87 1.39
C GLU A 83 -5.75 -6.16 2.58
N PHE A 84 -6.37 -6.94 3.44
CA PHE A 84 -7.13 -6.44 4.59
C PHE A 84 -6.87 -7.38 5.76
N ALA A 85 -6.06 -6.95 6.73
CA ALA A 85 -5.68 -7.78 7.88
C ALA A 85 -6.00 -7.03 9.18
N LYS A 86 -7.29 -6.81 9.40
CA LYS A 86 -7.93 -6.18 10.53
C LYS A 86 -7.87 -7.07 11.80
N GLY A 87 -6.75 -7.72 12.09
CA GLY A 87 -6.55 -8.44 13.35
C GLY A 87 -7.32 -9.76 13.47
N SER A 88 -8.30 -9.97 12.61
CA SER A 88 -8.93 -11.24 12.33
C SER A 88 -7.94 -12.08 11.54
N GLY A 1 -0.82 1.33 15.39
CA GLY A 1 -0.87 0.87 14.00
C GLY A 1 -1.07 -0.62 13.93
N HIS A 2 -2.33 -1.09 13.92
CA HIS A 2 -2.71 -2.51 13.84
C HIS A 2 -4.18 -2.65 13.45
N MET A 3 -5.06 -1.86 14.10
CA MET A 3 -6.49 -1.89 13.78
C MET A 3 -6.69 -1.40 12.36
N ASP A 4 -7.20 -2.29 11.51
CA ASP A 4 -7.55 -2.07 10.12
C ASP A 4 -6.30 -1.67 9.35
N THR A 5 -5.61 -2.67 8.81
CA THR A 5 -4.33 -2.54 8.13
C THR A 5 -4.48 -3.03 6.70
N ILE A 6 -4.12 -2.18 5.74
CA ILE A 6 -3.94 -2.60 4.37
C ILE A 6 -2.49 -3.06 4.26
N ILE A 7 -2.30 -4.21 3.64
CA ILE A 7 -1.02 -4.67 3.11
C ILE A 7 -1.14 -4.67 1.59
N LEU A 8 -0.01 -4.55 0.91
CA LEU A 8 0.10 -4.59 -0.54
C LEU A 8 1.10 -5.66 -0.93
N ARG A 9 1.05 -6.13 -2.18
CA ARG A 9 2.03 -7.07 -2.74
C ARG A 9 2.43 -6.61 -4.14
N ASN A 10 3.54 -7.13 -4.64
CA ASN A 10 4.07 -6.91 -5.99
C ASN A 10 4.70 -5.53 -6.17
N LEU A 11 5.41 -5.04 -5.15
CA LEU A 11 6.13 -3.79 -5.17
C LEU A 11 7.51 -4.04 -5.79
N ASN A 12 7.70 -3.76 -7.08
CA ASN A 12 9.00 -3.87 -7.78
C ASN A 12 10.10 -3.16 -6.99
N PRO A 13 11.36 -3.56 -7.16
CA PRO A 13 12.49 -3.05 -6.40
C PRO A 13 12.61 -1.53 -6.50
N HIS A 14 12.54 -0.98 -7.72
CA HIS A 14 12.75 0.45 -7.96
C HIS A 14 11.49 1.30 -7.73
N SER A 15 10.45 0.76 -7.09
CA SER A 15 9.16 1.39 -6.94
C SER A 15 9.12 2.55 -5.93
N THR A 16 10.05 2.59 -4.97
CA THR A 16 10.08 3.58 -3.89
C THR A 16 8.82 3.54 -3.00
N MET A 17 8.61 4.59 -2.19
CA MET A 17 7.38 4.80 -1.44
C MET A 17 6.71 6.07 -1.94
N ASP A 18 7.41 7.20 -1.86
CA ASP A 18 6.82 8.51 -2.20
C ASP A 18 6.35 8.55 -3.65
N SER A 19 7.04 7.80 -4.50
CA SER A 19 6.65 7.48 -5.87
C SER A 19 5.19 6.99 -5.90
N ILE A 20 4.92 5.85 -5.25
CA ILE A 20 3.62 5.20 -5.18
C ILE A 20 2.63 6.15 -4.51
N LEU A 21 3.00 6.84 -3.42
CA LEU A 21 2.11 7.79 -2.77
C LEU A 21 1.60 8.81 -3.79
N GLY A 22 2.48 9.32 -4.64
CA GLY A 22 2.16 10.33 -5.63
C GLY A 22 1.63 9.79 -6.96
N ALA A 23 1.23 8.51 -7.03
CA ALA A 23 0.70 7.86 -8.23
C ALA A 23 -0.54 6.99 -7.95
N LEU A 24 -0.55 6.30 -6.81
CA LEU A 24 -1.58 5.39 -6.34
C LEU A 24 -2.54 6.13 -5.39
N ALA A 25 -2.77 7.44 -5.60
CA ALA A 25 -3.77 8.19 -4.84
C ALA A 25 -4.72 8.96 -5.76
N PRO A 26 -5.38 8.30 -6.73
CA PRO A 26 -6.35 8.97 -7.58
C PRO A 26 -7.63 9.33 -6.82
N TYR A 27 -8.04 8.51 -5.84
CA TYR A 27 -9.31 8.68 -5.14
C TYR A 27 -9.13 9.20 -3.71
N ALA A 28 -8.00 8.91 -3.06
CA ALA A 28 -7.75 9.15 -1.63
C ALA A 28 -6.25 9.29 -1.41
N VAL A 29 -5.79 10.29 -0.66
CA VAL A 29 -4.40 10.72 -0.66
C VAL A 29 -3.72 10.41 0.68
N LEU A 30 -3.02 9.28 0.72
CA LEU A 30 -2.24 8.79 1.85
C LEU A 30 -1.02 9.68 2.17
N SER A 31 -0.38 9.43 3.31
CA SER A 31 0.83 10.11 3.78
C SER A 31 1.92 9.10 4.22
N SER A 32 3.17 9.55 4.36
CA SER A 32 4.35 8.70 4.42
C SER A 32 4.58 7.99 5.75
N SER A 33 4.07 8.50 6.87
CA SER A 33 4.11 7.80 8.14
C SER A 33 3.18 6.60 8.09
N ASN A 34 2.06 6.72 7.38
CA ASN A 34 1.05 5.67 7.33
C ASN A 34 1.61 4.48 6.56
N VAL A 35 2.39 4.72 5.51
CA VAL A 35 2.88 3.69 4.61
C VAL A 35 4.25 3.16 5.10
N ARG A 36 4.50 1.85 4.92
CA ARG A 36 5.69 1.17 5.44
C ARG A 36 6.33 0.33 4.33
N VAL A 37 7.28 0.94 3.62
CA VAL A 37 8.19 0.33 2.66
C VAL A 37 9.49 -0.02 3.40
N ILE A 38 9.51 -1.21 4.02
CA ILE A 38 10.68 -1.82 4.63
C ILE A 38 11.72 -2.01 3.53
N LYS A 39 12.92 -1.46 3.69
CA LYS A 39 14.02 -1.70 2.78
C LYS A 39 14.86 -2.87 3.29
N ASP A 40 15.61 -3.55 2.41
CA ASP A 40 16.67 -4.48 2.82
C ASP A 40 17.87 -3.73 3.40
N LYS A 41 18.89 -4.45 3.90
CA LYS A 41 20.20 -3.89 4.27
C LYS A 41 21.35 -4.33 3.39
N GLN A 42 21.21 -5.36 2.56
CA GLN A 42 22.23 -5.76 1.63
C GLN A 42 21.95 -5.15 0.27
N THR A 43 20.78 -5.39 -0.34
CA THR A 43 20.51 -4.92 -1.68
C THR A 43 20.24 -3.41 -1.74
N GLN A 44 19.98 -2.80 -0.57
CA GLN A 44 19.48 -1.45 -0.40
C GLN A 44 18.02 -1.27 -0.89
N LEU A 45 17.46 -2.22 -1.65
CA LEU A 45 16.14 -2.14 -2.27
C LEU A 45 15.04 -2.27 -1.21
N ASN A 46 13.79 -2.37 -1.65
CA ASN A 46 12.62 -2.74 -0.88
C ASN A 46 12.56 -4.26 -0.61
N ARG A 47 11.45 -4.73 -0.01
CA ARG A 47 11.18 -6.12 0.36
C ARG A 47 10.06 -6.76 -0.48
N GLY A 48 9.25 -5.99 -1.21
CA GLY A 48 8.27 -6.55 -2.16
C GLY A 48 6.84 -6.61 -1.62
N PHE A 49 6.57 -5.92 -0.52
CA PHE A 49 5.25 -5.70 0.05
C PHE A 49 5.26 -4.29 0.66
N ALA A 50 4.12 -3.72 1.03
CA ALA A 50 4.08 -2.52 1.86
C ALA A 50 2.87 -2.60 2.77
N PHE A 51 2.90 -1.86 3.88
CA PHE A 51 1.80 -1.75 4.83
C PHE A 51 1.30 -0.32 4.75
N ILE A 52 0.07 -0.12 5.22
CA ILE A 52 -0.62 1.15 5.31
C ILE A 52 -1.41 1.09 6.63
N GLN A 53 -1.11 2.01 7.53
CA GLN A 53 -1.69 2.11 8.86
C GLN A 53 -2.51 3.39 8.85
N LEU A 54 -3.77 3.30 8.41
CA LEU A 54 -4.71 4.43 8.41
C LEU A 54 -5.39 4.53 9.78
N SER A 55 -6.38 5.40 9.92
CA SER A 55 -7.35 5.33 11.02
C SER A 55 -8.22 4.08 10.83
N THR A 56 -8.84 3.59 11.90
CA THR A 56 -9.71 2.43 11.97
C THR A 56 -10.71 2.41 10.81
N ILE A 57 -11.65 3.35 10.85
CA ILE A 57 -12.74 3.50 9.89
C ILE A 57 -12.16 3.78 8.52
N GLU A 58 -11.20 4.69 8.41
CA GLU A 58 -10.63 5.12 7.14
C GLU A 58 -10.00 3.96 6.39
N ALA A 59 -9.16 3.19 7.08
CA ALA A 59 -8.47 2.03 6.53
C ALA A 59 -9.48 1.00 5.98
N ALA A 60 -10.60 0.79 6.68
CA ALA A 60 -11.67 -0.07 6.21
C ALA A 60 -12.36 0.56 5.00
N GLN A 61 -12.91 1.78 5.15
CA GLN A 61 -13.65 2.51 4.12
C GLN A 61 -12.87 2.52 2.82
N LEU A 62 -11.63 3.04 2.87
CA LEU A 62 -10.76 3.18 1.72
C LEU A 62 -10.57 1.83 1.04
N LEU A 63 -10.21 0.78 1.79
CA LEU A 63 -9.98 -0.53 1.18
C LEU A 63 -11.21 -1.00 0.41
N GLN A 64 -12.40 -0.90 1.02
CA GLN A 64 -13.64 -1.40 0.43
C GLN A 64 -13.91 -0.77 -0.94
N ILE A 65 -13.57 0.50 -1.11
CA ILE A 65 -13.72 1.24 -2.37
C ILE A 65 -12.91 0.55 -3.47
N LEU A 66 -11.58 0.52 -3.36
CA LEU A 66 -10.68 -0.03 -4.38
C LEU A 66 -10.92 -1.52 -4.64
N GLN A 67 -11.67 -2.21 -3.77
CA GLN A 67 -12.00 -3.62 -3.86
C GLN A 67 -13.38 -3.84 -4.51
N ALA A 68 -13.97 -2.82 -5.16
CA ALA A 68 -15.28 -2.92 -5.77
C ALA A 68 -15.41 -2.17 -7.11
N LEU A 69 -14.30 -1.76 -7.72
CA LEU A 69 -14.31 -0.96 -8.94
C LEU A 69 -12.96 -1.01 -9.62
N HIS A 70 -12.97 -0.98 -10.95
CA HIS A 70 -11.79 -0.93 -11.80
C HIS A 70 -10.78 -2.06 -11.53
N PRO A 71 -9.78 -2.27 -12.40
CA PRO A 71 -8.66 -3.11 -12.07
C PRO A 71 -7.79 -2.45 -10.98
N PRO A 72 -6.83 -3.18 -10.41
CA PRO A 72 -5.68 -2.59 -9.74
C PRO A 72 -4.79 -1.82 -10.73
N LEU A 73 -4.02 -0.87 -10.20
CA LEU A 73 -3.16 0.06 -10.88
C LEU A 73 -1.76 -0.55 -10.99
N THR A 74 -0.90 0.10 -11.77
CA THR A 74 0.53 -0.15 -11.73
C THR A 74 1.33 1.14 -11.96
N ILE A 75 2.54 1.20 -11.40
CA ILE A 75 3.50 2.29 -11.48
C ILE A 75 4.92 1.75 -11.67
N ASP A 76 5.10 0.50 -12.12
CA ASP A 76 6.40 -0.02 -12.59
C ASP A 76 6.18 -1.30 -13.40
N GLY A 77 5.04 -1.41 -14.08
CA GLY A 77 4.60 -2.62 -14.78
C GLY A 77 4.31 -3.81 -13.87
N LYS A 78 4.19 -3.61 -12.56
CA LYS A 78 3.78 -4.64 -11.60
C LYS A 78 2.41 -4.26 -11.02
N THR A 79 1.38 -5.05 -11.31
CA THR A 79 0.03 -4.73 -10.83
C THR A 79 -0.05 -4.98 -9.32
N ILE A 80 -0.36 -3.96 -8.52
CA ILE A 80 -0.33 -4.06 -7.06
C ILE A 80 -1.51 -4.92 -6.59
N ASN A 81 -1.22 -5.84 -5.67
CA ASN A 81 -2.21 -6.62 -4.93
C ASN A 81 -2.52 -5.89 -3.63
N VAL A 82 -3.68 -6.16 -3.04
CA VAL A 82 -4.15 -5.55 -1.80
C VAL A 82 -4.51 -6.69 -0.83
N GLU A 83 -4.36 -6.45 0.47
CA GLU A 83 -4.75 -7.34 1.54
C GLU A 83 -5.29 -6.52 2.70
N PHE A 84 -5.98 -7.19 3.61
CA PHE A 84 -6.67 -6.60 4.75
C PHE A 84 -6.42 -7.48 5.97
N ALA A 85 -5.34 -7.24 6.71
CA ALA A 85 -5.06 -7.98 7.94
C ALA A 85 -5.65 -7.19 9.11
N LYS A 86 -6.97 -7.28 9.24
CA LYS A 86 -7.72 -6.52 10.22
C LYS A 86 -7.51 -7.16 11.58
N GLY A 87 -6.81 -6.47 12.48
CA GLY A 87 -6.69 -6.87 13.88
C GLY A 87 -7.97 -6.62 14.66
N SER A 88 -9.02 -7.43 14.45
CA SER A 88 -10.10 -7.57 15.43
C SER A 88 -9.52 -8.26 16.65
N GLY A 1 -2.94 -3.07 19.14
CA GLY A 1 -2.41 -4.21 18.37
C GLY A 1 -3.17 -4.42 17.08
N HIS A 2 -2.46 -4.56 15.96
CA HIS A 2 -2.96 -4.92 14.61
C HIS A 2 -3.68 -3.75 13.92
N MET A 3 -4.74 -3.21 14.53
CA MET A 3 -5.65 -2.24 13.92
C MET A 3 -6.13 -2.71 12.55
N ASP A 4 -6.67 -1.80 11.74
CA ASP A 4 -7.12 -2.02 10.38
C ASP A 4 -5.93 -1.60 9.54
N THR A 5 -5.11 -2.59 9.18
CA THR A 5 -3.97 -2.42 8.29
C THR A 5 -4.37 -2.87 6.89
N ILE A 6 -4.03 -2.06 5.89
CA ILE A 6 -4.04 -2.54 4.51
C ILE A 6 -2.60 -2.92 4.22
N ILE A 7 -2.39 -4.10 3.65
CA ILE A 7 -1.09 -4.57 3.15
C ILE A 7 -1.16 -4.51 1.62
N LEU A 8 -0.03 -4.29 0.95
CA LEU A 8 0.09 -4.30 -0.49
C LEU A 8 1.10 -5.38 -0.86
N ARG A 9 1.02 -5.92 -2.07
CA ARG A 9 1.98 -6.90 -2.59
C ARG A 9 2.31 -6.58 -4.05
N ASN A 10 3.27 -7.32 -4.62
CA ASN A 10 3.82 -7.12 -5.97
C ASN A 10 4.52 -5.77 -6.10
N LEU A 11 5.10 -5.22 -5.04
CA LEU A 11 5.90 -4.01 -5.11
C LEU A 11 7.20 -4.42 -5.81
N ASN A 12 7.56 -3.76 -6.91
CA ASN A 12 8.84 -4.04 -7.56
C ASN A 12 9.99 -3.66 -6.62
N PRO A 13 11.16 -4.31 -6.77
CA PRO A 13 12.36 -3.94 -6.05
C PRO A 13 12.78 -2.49 -6.34
N HIS A 14 12.72 -2.09 -7.62
CA HIS A 14 13.00 -0.73 -8.08
C HIS A 14 11.98 0.31 -7.61
N SER A 15 10.80 -0.10 -7.11
CA SER A 15 9.79 0.86 -6.66
C SER A 15 10.29 1.54 -5.38
N THR A 16 9.67 2.66 -5.02
CA THR A 16 9.83 3.31 -3.73
C THR A 16 8.44 3.43 -3.10
N MET A 17 8.32 4.27 -2.07
CA MET A 17 7.09 4.72 -1.46
C MET A 17 6.60 5.90 -2.27
N ASP A 18 7.44 6.92 -2.41
CA ASP A 18 7.10 8.22 -2.93
C ASP A 18 6.51 8.16 -4.34
N SER A 19 6.90 7.15 -5.12
CA SER A 19 6.41 6.96 -6.47
C SER A 19 4.95 6.51 -6.41
N ILE A 20 4.73 5.41 -5.69
CA ILE A 20 3.43 4.83 -5.41
C ILE A 20 2.53 5.91 -4.78
N LEU A 21 3.06 6.72 -3.85
CA LEU A 21 2.22 7.73 -3.20
C LEU A 21 1.67 8.78 -4.16
N GLY A 22 2.27 8.98 -5.35
CA GLY A 22 1.78 9.95 -6.33
C GLY A 22 1.25 9.30 -7.60
N ALA A 23 1.01 7.99 -7.60
CA ALA A 23 0.52 7.26 -8.78
C ALA A 23 -0.45 6.14 -8.44
N LEU A 24 -0.43 5.62 -7.21
CA LEU A 24 -1.47 4.72 -6.69
C LEU A 24 -2.52 5.54 -5.94
N ALA A 25 -2.54 6.87 -6.10
CA ALA A 25 -3.41 7.75 -5.34
C ALA A 25 -4.38 8.56 -6.22
N PRO A 26 -5.16 7.95 -7.13
CA PRO A 26 -6.30 8.61 -7.75
C PRO A 26 -7.47 8.75 -6.75
N TYR A 27 -7.65 7.80 -5.83
CA TYR A 27 -8.85 7.71 -5.01
C TYR A 27 -8.62 8.09 -3.56
N ALA A 28 -7.45 7.78 -3.01
CA ALA A 28 -7.08 8.20 -1.67
C ALA A 28 -5.61 8.56 -1.70
N VAL A 29 -5.26 9.61 -0.97
CA VAL A 29 -3.92 10.18 -0.95
C VAL A 29 -3.42 10.02 0.49
N LEU A 30 -2.62 8.98 0.72
CA LEU A 30 -2.00 8.68 2.00
C LEU A 30 -0.83 9.63 2.27
N SER A 31 -0.18 9.50 3.42
CA SER A 31 1.08 10.17 3.72
C SER A 31 2.16 9.16 4.13
N SER A 32 3.39 9.64 4.25
CA SER A 32 4.59 8.85 4.41
C SER A 32 4.66 8.12 5.76
N SER A 33 3.98 8.61 6.81
CA SER A 33 3.88 7.88 8.06
C SER A 33 2.79 6.79 7.96
N ASN A 34 1.78 6.96 7.09
CA ASN A 34 0.78 5.92 6.91
C ASN A 34 1.42 4.74 6.22
N VAL A 35 2.15 5.00 5.13
CA VAL A 35 2.77 3.94 4.36
C VAL A 35 3.99 3.39 5.09
N ARG A 36 4.21 2.08 4.99
CA ARG A 36 5.45 1.43 5.42
C ARG A 36 5.93 0.58 4.25
N VAL A 37 7.05 0.95 3.66
CA VAL A 37 7.79 0.18 2.67
C VAL A 37 9.07 -0.25 3.38
N ILE A 38 9.13 -1.49 3.88
CA ILE A 38 10.33 -2.00 4.53
C ILE A 38 11.35 -2.28 3.42
N LYS A 39 12.57 -1.75 3.55
CA LYS A 39 13.67 -2.06 2.64
C LYS A 39 14.44 -3.29 3.14
N ASP A 40 15.11 -3.98 2.24
CA ASP A 40 15.98 -5.12 2.51
C ASP A 40 17.34 -4.67 3.07
N LYS A 41 17.80 -3.47 2.69
CA LYS A 41 18.88 -2.68 3.32
C LYS A 41 20.28 -3.23 3.07
N GLN A 42 20.39 -4.50 2.72
CA GLN A 42 21.56 -5.00 2.02
C GLN A 42 21.55 -4.40 0.62
N THR A 43 20.58 -4.74 -0.22
CA THR A 43 20.59 -4.34 -1.63
C THR A 43 19.84 -3.02 -1.85
N GLN A 44 19.52 -2.30 -0.77
CA GLN A 44 18.67 -1.11 -0.70
C GLN A 44 17.23 -1.29 -1.19
N LEU A 45 16.92 -2.38 -1.90
CA LEU A 45 15.62 -2.67 -2.49
C LEU A 45 14.53 -2.71 -1.41
N ASN A 46 13.27 -2.75 -1.82
CA ASN A 46 12.16 -3.03 -0.92
C ASN A 46 12.13 -4.52 -0.58
N ARG A 47 11.18 -4.95 0.26
CA ARG A 47 10.90 -6.37 0.51
C ARG A 47 9.86 -6.98 -0.45
N GLY A 48 9.13 -6.13 -1.19
CA GLY A 48 8.17 -6.53 -2.21
C GLY A 48 6.72 -6.58 -1.74
N PHE A 49 6.46 -6.03 -0.55
CA PHE A 49 5.15 -5.77 0.04
C PHE A 49 5.25 -4.44 0.78
N ALA A 50 4.11 -3.81 1.08
CA ALA A 50 4.05 -2.56 1.82
C ALA A 50 2.83 -2.60 2.72
N PHE A 51 2.65 -1.59 3.55
CA PHE A 51 1.60 -1.48 4.55
C PHE A 51 1.05 -0.07 4.51
N ILE A 52 -0.12 0.11 5.11
CA ILE A 52 -0.85 1.36 5.33
C ILE A 52 -1.38 1.29 6.76
N GLN A 53 -1.08 2.30 7.59
CA GLN A 53 -1.50 2.41 8.96
C GLN A 53 -2.39 3.65 9.06
N LEU A 54 -3.72 3.45 9.08
CA LEU A 54 -4.73 4.51 9.09
C LEU A 54 -5.56 4.41 10.38
N SER A 55 -6.61 5.23 10.49
CA SER A 55 -7.67 5.03 11.47
C SER A 55 -8.43 3.74 11.14
N THR A 56 -9.17 3.19 12.11
CA THR A 56 -10.03 2.03 11.90
C THR A 56 -11.00 2.31 10.75
N ILE A 57 -11.84 3.33 10.94
CA ILE A 57 -12.84 3.80 10.01
C ILE A 57 -12.21 4.09 8.66
N GLU A 58 -11.22 5.00 8.61
CA GLU A 58 -10.69 5.51 7.36
C GLU A 58 -10.17 4.35 6.51
N ALA A 59 -9.38 3.45 7.13
CA ALA A 59 -8.83 2.27 6.48
C ALA A 59 -9.95 1.38 5.93
N ALA A 60 -10.88 1.00 6.82
CA ALA A 60 -11.96 0.08 6.53
C ALA A 60 -12.80 0.60 5.36
N GLN A 61 -13.21 1.88 5.42
CA GLN A 61 -13.96 2.58 4.39
C GLN A 61 -13.26 2.51 3.05
N LEU A 62 -12.00 2.96 2.99
CA LEU A 62 -11.22 3.00 1.77
C LEU A 62 -11.06 1.61 1.17
N LEU A 63 -10.83 0.60 2.00
CA LEU A 63 -10.63 -0.77 1.54
C LEU A 63 -11.89 -1.27 0.81
N GLN A 64 -13.09 -0.88 1.29
CA GLN A 64 -14.32 -1.25 0.58
C GLN A 64 -14.32 -0.68 -0.84
N ILE A 65 -13.88 0.58 -1.00
CA ILE A 65 -13.77 1.24 -2.30
C ILE A 65 -12.82 0.42 -3.18
N LEU A 66 -11.61 0.12 -2.67
CA LEU A 66 -10.59 -0.69 -3.34
C LEU A 66 -11.08 -2.05 -3.81
N GLN A 67 -12.16 -2.60 -3.22
CA GLN A 67 -12.70 -3.90 -3.59
C GLN A 67 -13.99 -3.79 -4.41
N ALA A 68 -14.29 -2.60 -4.94
CA ALA A 68 -15.47 -2.32 -5.74
C ALA A 68 -15.15 -1.66 -7.10
N LEU A 69 -14.12 -0.83 -7.15
CA LEU A 69 -13.75 0.05 -8.27
C LEU A 69 -12.83 -0.61 -9.32
N HIS A 70 -12.23 0.20 -10.20
CA HIS A 70 -11.19 -0.19 -11.15
C HIS A 70 -9.85 -0.57 -10.46
N PRO A 71 -9.04 -1.44 -11.08
CA PRO A 71 -7.80 -1.95 -10.51
C PRO A 71 -6.72 -0.87 -10.35
N PRO A 72 -5.67 -1.17 -9.58
CA PRO A 72 -4.63 -0.20 -9.28
C PRO A 72 -3.74 0.10 -10.49
N LEU A 73 -3.40 1.37 -10.64
CA LEU A 73 -2.43 1.89 -11.60
C LEU A 73 -1.05 1.40 -11.17
N THR A 74 -0.37 0.71 -12.08
CA THR A 74 1.02 0.26 -11.91
C THR A 74 1.98 1.40 -12.18
N ILE A 75 3.09 1.40 -11.44
CA ILE A 75 4.07 2.48 -11.41
C ILE A 75 5.48 1.90 -11.66
N ASP A 76 5.59 0.69 -12.23
CA ASP A 76 6.86 0.06 -12.67
C ASP A 76 6.57 -1.25 -13.43
N GLY A 77 5.44 -1.34 -14.14
CA GLY A 77 4.97 -2.58 -14.79
C GLY A 77 4.57 -3.71 -13.83
N LYS A 78 4.37 -3.38 -12.55
CA LYS A 78 3.86 -4.25 -11.51
C LYS A 78 2.47 -3.78 -11.11
N THR A 79 1.42 -4.50 -11.52
CA THR A 79 0.12 -4.22 -10.94
C THR A 79 0.11 -4.68 -9.48
N ILE A 80 -0.02 -3.73 -8.57
CA ILE A 80 -0.03 -3.93 -7.13
C ILE A 80 -1.24 -4.79 -6.71
N ASN A 81 -1.15 -5.41 -5.54
CA ASN A 81 -2.21 -6.15 -4.85
C ASN A 81 -2.64 -5.38 -3.61
N VAL A 82 -3.83 -5.68 -3.08
CA VAL A 82 -4.35 -5.16 -1.82
C VAL A 82 -4.65 -6.37 -0.93
N GLU A 83 -4.32 -6.29 0.36
CA GLU A 83 -4.76 -7.21 1.40
C GLU A 83 -5.26 -6.40 2.59
N PHE A 84 -5.99 -7.09 3.46
CA PHE A 84 -6.61 -6.53 4.65
C PHE A 84 -6.11 -7.35 5.84
N ALA A 85 -5.28 -6.74 6.69
CA ALA A 85 -4.79 -7.32 7.92
C ALA A 85 -5.38 -6.53 9.08
N LYS A 86 -6.68 -6.71 9.28
CA LYS A 86 -7.35 -6.25 10.48
C LYS A 86 -6.89 -7.11 11.65
N GLY A 87 -7.05 -6.64 12.88
CA GLY A 87 -6.87 -7.47 14.06
C GLY A 87 -7.88 -8.60 14.07
N SER A 88 -9.15 -8.24 14.33
CA SER A 88 -10.30 -9.11 14.48
C SER A 88 -10.21 -10.08 15.65
N GLY A 1 -1.20 -5.79 11.53
CA GLY A 1 -1.23 -4.60 12.38
C GLY A 1 -2.37 -4.68 13.38
N HIS A 2 -2.18 -4.03 14.53
CA HIS A 2 -2.99 -4.15 15.74
C HIS A 2 -4.47 -3.88 15.48
N MET A 3 -4.78 -2.93 14.62
CA MET A 3 -6.10 -2.58 14.12
C MET A 3 -5.89 -2.20 12.67
N ASP A 4 -6.77 -2.75 11.83
CA ASP A 4 -7.25 -2.27 10.55
C ASP A 4 -6.09 -1.74 9.74
N THR A 5 -5.44 -2.68 9.09
CA THR A 5 -4.23 -2.47 8.33
C THR A 5 -4.59 -2.78 6.89
N ILE A 6 -3.92 -2.14 5.94
CA ILE A 6 -3.96 -2.55 4.54
C ILE A 6 -2.53 -3.04 4.26
N ILE A 7 -2.41 -4.19 3.61
CA ILE A 7 -1.14 -4.76 3.16
C ILE A 7 -1.14 -4.59 1.64
N LEU A 8 0.01 -4.25 1.07
CA LEU A 8 0.21 -4.18 -0.37
C LEU A 8 1.20 -5.27 -0.77
N ARG A 9 1.15 -5.73 -2.01
CA ARG A 9 2.12 -6.65 -2.60
C ARG A 9 2.55 -6.18 -3.98
N ASN A 10 3.46 -6.93 -4.59
CA ASN A 10 3.96 -6.73 -5.94
C ASN A 10 4.49 -5.32 -6.13
N LEU A 11 5.35 -4.91 -5.19
CA LEU A 11 6.14 -3.70 -5.31
C LEU A 11 7.39 -4.10 -6.07
N ASN A 12 7.66 -3.46 -7.21
CA ASN A 12 8.95 -3.65 -7.87
C ASN A 12 10.06 -3.26 -6.91
N PRO A 13 11.25 -3.86 -7.05
CA PRO A 13 12.35 -3.59 -6.16
C PRO A 13 12.82 -2.15 -6.28
N HIS A 14 12.81 -1.59 -7.51
CA HIS A 14 13.29 -0.24 -7.77
C HIS A 14 12.15 0.80 -7.69
N SER A 15 10.98 0.43 -7.13
CA SER A 15 9.99 1.38 -6.65
C SER A 15 10.22 1.65 -5.16
N THR A 16 9.62 2.70 -4.58
CA THR A 16 9.10 2.73 -3.22
C THR A 16 7.71 3.39 -3.29
N MET A 17 7.06 3.57 -2.15
CA MET A 17 5.89 4.39 -1.96
C MET A 17 6.08 5.77 -2.52
N ASP A 18 7.30 6.31 -2.46
CA ASP A 18 7.58 7.64 -3.01
C ASP A 18 7.27 7.71 -4.50
N SER A 19 7.37 6.58 -5.22
CA SER A 19 7.07 6.50 -6.65
C SER A 19 5.81 5.68 -6.93
N ILE A 20 4.90 5.59 -5.96
CA ILE A 20 3.59 4.95 -6.11
C ILE A 20 2.52 5.87 -5.54
N LEU A 21 2.82 6.60 -4.45
CA LEU A 21 1.96 7.67 -3.96
C LEU A 21 1.62 8.63 -5.09
N GLY A 22 2.59 9.06 -5.89
CA GLY A 22 2.42 10.09 -6.90
C GLY A 22 1.69 9.64 -8.18
N ALA A 23 1.02 8.48 -8.19
CA ALA A 23 0.30 7.96 -9.35
C ALA A 23 -0.89 7.10 -8.93
N LEU A 24 -0.72 6.31 -7.88
CA LEU A 24 -1.73 5.43 -7.31
C LEU A 24 -2.51 6.13 -6.18
N ALA A 25 -2.53 7.46 -6.14
CA ALA A 25 -3.38 8.24 -5.23
C ALA A 25 -4.44 9.07 -5.98
N PRO A 26 -5.26 8.48 -6.86
CA PRO A 26 -6.43 9.14 -7.44
C PRO A 26 -7.60 9.23 -6.45
N TYR A 27 -7.56 8.46 -5.34
CA TYR A 27 -8.61 8.37 -4.34
C TYR A 27 -7.98 8.73 -2.98
N ALA A 28 -7.27 7.78 -2.35
CA ALA A 28 -6.59 7.99 -1.08
C ALA A 28 -5.24 8.65 -1.32
N VAL A 29 -5.16 9.93 -1.01
CA VAL A 29 -3.90 10.66 -0.95
C VAL A 29 -3.34 10.45 0.46
N LEU A 30 -2.61 9.35 0.64
CA LEU A 30 -2.04 8.98 1.95
C LEU A 30 -0.98 10.00 2.35
N SER A 31 -0.74 10.16 3.65
CA SER A 31 0.13 11.18 4.23
C SER A 31 1.62 10.78 4.13
N SER A 32 1.99 9.91 3.19
CA SER A 32 3.23 9.15 3.13
C SER A 32 3.47 8.32 4.40
N SER A 33 3.59 8.91 5.58
CA SER A 33 3.86 8.28 6.87
C SER A 33 2.88 7.15 7.22
N ASN A 34 1.66 7.14 6.67
CA ASN A 34 0.74 5.99 6.76
C ASN A 34 1.42 4.71 6.30
N VAL A 35 2.36 4.79 5.36
CA VAL A 35 2.86 3.67 4.60
C VAL A 35 4.21 3.20 5.15
N ARG A 36 4.44 1.89 5.13
CA ARG A 36 5.66 1.23 5.59
C ARG A 36 6.15 0.29 4.48
N VAL A 37 7.07 0.78 3.64
CA VAL A 37 7.89 -0.04 2.74
C VAL A 37 9.20 -0.28 3.49
N ILE A 38 9.41 -1.49 4.01
CA ILE A 38 10.69 -1.89 4.61
C ILE A 38 11.67 -2.16 3.47
N LYS A 39 12.99 -1.98 3.70
CA LYS A 39 14.03 -2.24 2.72
C LYS A 39 15.13 -3.13 3.28
N ASP A 40 15.68 -4.00 2.44
CA ASP A 40 16.80 -4.85 2.82
C ASP A 40 18.02 -4.00 3.19
N LYS A 41 18.88 -4.50 4.09
CA LYS A 41 20.13 -3.81 4.46
C LYS A 41 21.35 -4.28 3.68
N GLN A 42 21.18 -5.02 2.60
CA GLN A 42 22.29 -5.56 1.82
C GLN A 42 22.16 -5.11 0.38
N THR A 43 21.00 -5.28 -0.25
CA THR A 43 20.77 -4.83 -1.63
C THR A 43 20.18 -3.42 -1.65
N GLN A 44 19.69 -2.91 -0.51
CA GLN A 44 18.92 -1.68 -0.39
C GLN A 44 17.49 -1.78 -0.94
N LEU A 45 17.14 -2.84 -1.69
CA LEU A 45 15.80 -2.97 -2.29
C LEU A 45 14.74 -3.04 -1.20
N ASN A 46 13.48 -3.03 -1.58
CA ASN A 46 12.33 -3.29 -0.71
C ASN A 46 12.31 -4.76 -0.28
N ARG A 47 11.18 -5.18 0.26
CA ARG A 47 10.82 -6.58 0.54
C ARG A 47 9.74 -7.11 -0.42
N GLY A 48 9.08 -6.22 -1.17
CA GLY A 48 8.09 -6.59 -2.17
C GLY A 48 6.66 -6.64 -1.63
N PHE A 49 6.45 -6.08 -0.44
CA PHE A 49 5.16 -5.84 0.16
C PHE A 49 5.30 -4.57 1.00
N ALA A 50 4.19 -4.00 1.44
CA ALA A 50 4.17 -2.86 2.34
C ALA A 50 2.92 -2.93 3.21
N PHE A 51 2.80 -1.95 4.12
CA PHE A 51 1.70 -1.80 5.05
C PHE A 51 1.21 -0.37 4.95
N ILE A 52 -0.03 -0.15 5.36
CA ILE A 52 -0.67 1.14 5.56
C ILE A 52 -1.31 1.07 6.95
N GLN A 53 -1.07 2.06 7.79
CA GLN A 53 -1.70 2.24 9.09
C GLN A 53 -2.63 3.45 8.96
N LEU A 54 -3.91 3.28 9.28
CA LEU A 54 -4.96 4.31 9.24
C LEU A 54 -5.72 4.29 10.57
N SER A 55 -6.71 5.15 10.71
CA SER A 55 -7.76 4.97 11.72
C SER A 55 -8.43 3.60 11.49
N THR A 56 -8.93 3.01 12.57
CA THR A 56 -9.73 1.79 12.58
C THR A 56 -10.80 1.84 11.48
N ILE A 57 -11.71 2.80 11.59
CA ILE A 57 -12.85 2.91 10.71
C ILE A 57 -12.35 3.22 9.29
N GLU A 58 -11.45 4.20 9.15
CA GLU A 58 -11.12 4.77 7.85
C GLU A 58 -10.48 3.75 6.93
N ALA A 59 -9.56 2.96 7.50
CA ALA A 59 -8.86 1.89 6.79
C ALA A 59 -9.87 1.00 6.05
N ALA A 60 -10.87 0.51 6.77
CA ALA A 60 -11.89 -0.38 6.25
C ALA A 60 -12.70 0.33 5.15
N GLN A 61 -13.12 1.58 5.36
CA GLN A 61 -13.94 2.29 4.38
C GLN A 61 -13.20 2.41 3.05
N LEU A 62 -12.01 3.01 3.07
CA LEU A 62 -11.26 3.29 1.85
C LEU A 62 -10.96 1.99 1.12
N LEU A 63 -10.52 0.96 1.85
CA LEU A 63 -10.20 -0.32 1.25
C LEU A 63 -11.35 -0.84 0.38
N GLN A 64 -12.58 -0.79 0.89
CA GLN A 64 -13.73 -1.33 0.19
C GLN A 64 -13.99 -0.61 -1.14
N ILE A 65 -13.66 0.69 -1.24
CA ILE A 65 -13.82 1.51 -2.44
C ILE A 65 -13.00 0.88 -3.56
N LEU A 66 -11.68 0.74 -3.35
CA LEU A 66 -10.76 0.05 -4.25
C LEU A 66 -11.32 -1.32 -4.64
N GLN A 67 -11.86 -2.04 -3.65
CA GLN A 67 -12.39 -3.40 -3.81
C GLN A 67 -13.79 -3.45 -4.45
N ALA A 68 -14.21 -2.39 -5.13
CA ALA A 68 -15.39 -2.39 -5.99
C ALA A 68 -15.13 -1.78 -7.36
N LEU A 69 -14.26 -0.75 -7.43
CA LEU A 69 -13.87 -0.10 -8.68
C LEU A 69 -12.88 -0.97 -9.49
N HIS A 70 -12.24 -0.37 -10.50
CA HIS A 70 -11.18 -0.99 -11.28
C HIS A 70 -10.02 -1.53 -10.41
N PRO A 71 -9.14 -2.36 -10.98
CA PRO A 71 -7.92 -2.78 -10.31
C PRO A 71 -6.94 -1.62 -10.11
N PRO A 72 -5.88 -1.81 -9.29
CA PRO A 72 -4.89 -0.78 -9.03
C PRO A 72 -4.06 -0.44 -10.28
N LEU A 73 -3.67 0.83 -10.36
CA LEU A 73 -2.89 1.44 -11.43
C LEU A 73 -1.42 1.06 -11.25
N THR A 74 -0.81 0.50 -12.29
CA THR A 74 0.62 0.14 -12.30
C THR A 74 1.46 1.36 -12.71
N ILE A 75 2.73 1.42 -12.30
CA ILE A 75 3.61 2.58 -12.48
C ILE A 75 5.08 2.16 -12.76
N ASP A 76 5.29 0.88 -13.07
CA ASP A 76 6.60 0.28 -13.40
C ASP A 76 6.38 -1.12 -14.02
N GLY A 77 5.17 -1.42 -14.51
CA GLY A 77 4.77 -2.75 -15.01
C GLY A 77 4.57 -3.77 -13.91
N LYS A 78 4.16 -3.32 -12.72
CA LYS A 78 3.88 -4.10 -11.53
C LYS A 78 2.48 -3.77 -11.04
N THR A 79 1.49 -4.59 -11.37
CA THR A 79 0.17 -4.34 -10.83
C THR A 79 0.21 -4.64 -9.33
N ILE A 80 -0.03 -3.67 -8.48
CA ILE A 80 -0.03 -3.83 -7.02
C ILE A 80 -1.11 -4.85 -6.64
N ASN A 81 -0.94 -5.52 -5.51
CA ASN A 81 -1.99 -6.30 -4.85
C ASN A 81 -2.35 -5.64 -3.53
N VAL A 82 -3.53 -5.95 -2.99
CA VAL A 82 -4.09 -5.37 -1.79
C VAL A 82 -4.62 -6.51 -0.92
N GLU A 83 -4.38 -6.45 0.39
CA GLU A 83 -5.15 -7.17 1.38
C GLU A 83 -5.65 -6.17 2.42
N PHE A 84 -6.79 -6.46 3.01
CA PHE A 84 -7.10 -5.97 4.35
C PHE A 84 -6.32 -6.87 5.31
N ALA A 85 -5.91 -6.36 6.46
CA ALA A 85 -5.33 -7.12 7.55
C ALA A 85 -6.02 -6.68 8.82
N LYS A 86 -7.26 -7.13 8.95
CA LYS A 86 -8.11 -6.94 10.10
C LYS A 86 -8.10 -8.23 10.89
N GLY A 87 -7.43 -8.21 12.03
CA GLY A 87 -7.42 -9.32 12.97
C GLY A 87 -8.79 -9.41 13.65
N SER A 88 -9.21 -8.31 14.27
CA SER A 88 -10.44 -8.18 15.03
C SER A 88 -11.64 -8.53 14.16
N GLY A 1 -2.68 -6.15 18.48
CA GLY A 1 -3.05 -6.54 17.12
C GLY A 1 -2.86 -5.37 16.17
N HIS A 2 -2.57 -5.62 14.90
CA HIS A 2 -2.65 -4.61 13.84
C HIS A 2 -4.14 -4.37 13.54
N MET A 3 -4.74 -3.41 14.24
CA MET A 3 -6.15 -3.11 14.10
C MET A 3 -6.27 -2.07 13.00
N ASP A 4 -6.69 -2.53 11.81
CA ASP A 4 -6.92 -1.78 10.59
C ASP A 4 -5.60 -1.40 9.93
N THR A 5 -5.20 -2.18 8.93
CA THR A 5 -4.06 -1.92 8.07
C THR A 5 -4.40 -2.46 6.68
N ILE A 6 -4.24 -1.65 5.63
CA ILE A 6 -4.28 -2.14 4.24
C ILE A 6 -2.84 -2.54 3.92
N ILE A 7 -2.60 -3.77 3.51
CA ILE A 7 -1.29 -4.22 3.01
C ILE A 7 -1.30 -4.01 1.50
N LEU A 8 -0.16 -3.67 0.92
CA LEU A 8 0.09 -3.77 -0.51
C LEU A 8 1.13 -4.86 -0.75
N ARG A 9 1.12 -5.43 -1.95
CA ARG A 9 1.96 -6.55 -2.39
C ARG A 9 2.34 -6.34 -3.86
N ASN A 10 3.27 -7.13 -4.39
CA ASN A 10 3.80 -7.00 -5.75
C ASN A 10 4.44 -5.63 -5.99
N LEU A 11 4.99 -5.01 -4.95
CA LEU A 11 5.84 -3.85 -5.10
C LEU A 11 7.13 -4.35 -5.75
N ASN A 12 7.45 -3.84 -6.94
CA ASN A 12 8.75 -4.09 -7.56
C ASN A 12 9.79 -3.36 -6.72
N PRO A 13 11.05 -3.82 -6.72
CA PRO A 13 12.08 -3.29 -5.84
C PRO A 13 12.59 -1.92 -6.27
N HIS A 14 12.30 -1.48 -7.50
CA HIS A 14 12.79 -0.22 -8.04
C HIS A 14 12.00 0.97 -7.52
N SER A 15 10.76 0.74 -7.06
CA SER A 15 10.03 1.70 -6.26
C SER A 15 10.47 1.57 -4.80
N THR A 16 10.06 2.53 -3.97
CA THR A 16 10.26 2.49 -2.53
C THR A 16 8.88 2.68 -1.91
N MET A 17 8.35 3.89 -1.95
CA MET A 17 7.03 4.20 -1.41
C MET A 17 6.46 5.40 -2.14
N ASP A 18 7.27 6.45 -2.28
CA ASP A 18 6.88 7.70 -2.91
C ASP A 18 6.49 7.50 -4.37
N SER A 19 7.06 6.48 -5.01
CA SER A 19 6.73 6.06 -6.37
C SER A 19 5.25 5.67 -6.49
N ILE A 20 4.71 5.06 -5.43
CA ILE A 20 3.35 4.54 -5.37
C ILE A 20 2.45 5.60 -4.78
N LEU A 21 2.93 6.40 -3.82
CA LEU A 21 2.14 7.46 -3.20
C LEU A 21 1.68 8.47 -4.25
N GLY A 22 2.50 8.77 -5.25
CA GLY A 22 2.17 9.76 -6.27
C GLY A 22 1.54 9.17 -7.53
N ALA A 23 1.05 7.91 -7.49
CA ALA A 23 0.46 7.24 -8.65
C ALA A 23 -0.73 6.33 -8.30
N LEU A 24 -0.72 5.68 -7.14
CA LEU A 24 -1.75 4.74 -6.69
C LEU A 24 -2.80 5.43 -5.82
N ALA A 25 -2.87 6.77 -5.83
CA ALA A 25 -3.70 7.52 -4.90
C ALA A 25 -4.83 8.33 -5.56
N PRO A 26 -5.70 7.73 -6.40
CA PRO A 26 -6.91 8.40 -6.86
C PRO A 26 -7.95 8.58 -5.74
N TYR A 27 -7.97 7.76 -4.68
CA TYR A 27 -9.01 7.79 -3.64
C TYR A 27 -8.47 7.97 -2.23
N ALA A 28 -7.22 7.59 -1.98
CA ALA A 28 -6.53 7.90 -0.74
C ALA A 28 -5.09 8.24 -1.07
N VAL A 29 -4.76 9.51 -0.94
CA VAL A 29 -3.40 9.98 -0.81
C VAL A 29 -3.01 9.77 0.66
N LEU A 30 -1.97 8.98 0.90
CA LEU A 30 -1.33 8.85 2.20
C LEU A 30 -0.10 9.76 2.32
N SER A 31 0.56 9.69 3.47
CA SER A 31 1.91 10.18 3.70
C SER A 31 2.87 8.99 3.90
N SER A 32 4.17 9.20 3.72
CA SER A 32 5.20 8.17 3.87
C SER A 32 5.24 7.64 5.31
N SER A 33 4.81 8.44 6.30
CA SER A 33 4.62 7.99 7.66
C SER A 33 3.67 6.80 7.73
N ASN A 34 2.57 6.90 7.00
CA ASN A 34 1.45 5.99 7.05
C ASN A 34 1.72 4.79 6.16
N VAL A 35 2.55 4.96 5.12
CA VAL A 35 3.03 3.90 4.27
C VAL A 35 4.34 3.35 4.82
N ARG A 36 4.21 2.38 5.71
CA ARG A 36 5.33 1.58 6.19
C ARG A 36 5.91 0.80 5.00
N VAL A 37 7.15 1.09 4.61
CA VAL A 37 7.99 0.26 3.78
C VAL A 37 9.21 -0.16 4.58
N ILE A 38 9.51 -1.46 4.54
CA ILE A 38 10.79 -2.01 4.94
C ILE A 38 11.65 -1.98 3.67
N LYS A 39 12.87 -1.44 3.78
CA LYS A 39 13.87 -1.56 2.73
C LYS A 39 14.99 -2.46 3.23
N ASP A 40 15.62 -3.22 2.35
CA ASP A 40 16.83 -4.00 2.63
C ASP A 40 18.01 -3.05 2.94
N LYS A 41 19.10 -3.52 3.59
CA LYS A 41 20.27 -2.69 3.96
C LYS A 41 21.55 -3.12 3.23
N GLN A 42 21.44 -3.93 2.18
CA GLN A 42 22.52 -4.56 1.46
C GLN A 42 22.37 -4.33 -0.04
N THR A 43 21.14 -4.44 -0.57
CA THR A 43 20.80 -4.12 -1.95
C THR A 43 20.10 -2.76 -1.99
N GLN A 44 19.66 -2.26 -0.84
CA GLN A 44 18.82 -1.08 -0.65
C GLN A 44 17.36 -1.29 -1.05
N LEU A 45 17.00 -2.37 -1.76
CA LEU A 45 15.65 -2.52 -2.35
C LEU A 45 14.54 -2.54 -1.29
N ASN A 46 13.27 -2.63 -1.70
CA ASN A 46 12.15 -2.86 -0.78
C ASN A 46 11.84 -4.37 -0.73
N ARG A 47 11.07 -4.81 0.27
CA ARG A 47 10.80 -6.24 0.54
C ARG A 47 9.74 -6.86 -0.39
N GLY A 48 8.98 -6.06 -1.12
CA GLY A 48 7.92 -6.49 -2.03
C GLY A 48 6.51 -6.27 -1.46
N PHE A 49 6.37 -5.49 -0.39
CA PHE A 49 5.10 -5.16 0.24
C PHE A 49 5.21 -3.79 0.91
N ALA A 50 4.09 -3.28 1.40
CA ALA A 50 4.00 -2.10 2.24
C ALA A 50 2.74 -2.21 3.12
N PHE A 51 2.62 -1.33 4.12
CA PHE A 51 1.50 -1.31 5.06
C PHE A 51 0.99 0.13 5.15
N ILE A 52 -0.26 0.37 4.81
CA ILE A 52 -0.97 1.64 4.93
C ILE A 52 -1.66 1.65 6.30
N GLN A 53 -1.29 2.58 7.17
CA GLN A 53 -1.91 2.83 8.46
C GLN A 53 -2.94 3.96 8.26
N LEU A 54 -4.18 3.75 8.73
CA LEU A 54 -5.31 4.64 8.58
C LEU A 54 -6.04 4.72 9.94
N SER A 55 -7.33 5.04 9.95
CA SER A 55 -8.19 5.04 11.13
C SER A 55 -8.98 3.71 11.15
N THR A 56 -9.56 3.37 12.32
CA THR A 56 -10.23 2.09 12.60
C THR A 56 -11.45 1.77 11.73
N ILE A 57 -11.94 2.79 11.04
CA ILE A 57 -13.08 2.73 10.14
C ILE A 57 -12.59 3.10 8.74
N GLU A 58 -11.77 4.15 8.63
CA GLU A 58 -11.29 4.69 7.36
C GLU A 58 -10.60 3.60 6.55
N ALA A 59 -9.70 2.82 7.18
CA ALA A 59 -8.99 1.75 6.49
C ALA A 59 -9.97 0.82 5.77
N ALA A 60 -10.96 0.32 6.51
CA ALA A 60 -11.99 -0.56 6.01
C ALA A 60 -12.82 0.13 4.92
N GLN A 61 -13.32 1.34 5.18
CA GLN A 61 -14.20 2.05 4.25
C GLN A 61 -13.48 2.34 2.94
N LEU A 62 -12.27 2.90 3.00
CA LEU A 62 -11.48 3.29 1.85
C LEU A 62 -11.14 2.06 1.02
N LEU A 63 -10.73 0.96 1.67
CA LEU A 63 -10.41 -0.27 0.97
C LEU A 63 -11.58 -0.69 0.08
N GLN A 64 -12.81 -0.65 0.60
CA GLN A 64 -14.00 -1.09 -0.13
C GLN A 64 -14.28 -0.26 -1.37
N ILE A 65 -13.86 1.00 -1.38
CA ILE A 65 -13.94 1.88 -2.55
C ILE A 65 -13.09 1.25 -3.66
N LEU A 66 -11.77 1.09 -3.46
CA LEU A 66 -10.87 0.52 -4.47
C LEU A 66 -11.30 -0.89 -4.91
N GLN A 67 -11.93 -1.67 -4.03
CA GLN A 67 -12.45 -3.00 -4.38
C GLN A 67 -13.73 -2.94 -5.20
N ALA A 68 -14.50 -1.85 -5.07
CA ALA A 68 -15.72 -1.69 -5.82
C ALA A 68 -15.48 -1.14 -7.23
N LEU A 69 -14.42 -0.35 -7.45
CA LEU A 69 -14.06 0.22 -8.75
C LEU A 69 -13.05 -0.67 -9.48
N HIS A 70 -12.36 -0.16 -10.50
CA HIS A 70 -11.33 -0.87 -11.24
C HIS A 70 -10.20 -1.35 -10.30
N PRO A 71 -9.41 -2.35 -10.72
CA PRO A 71 -8.27 -2.86 -9.97
C PRO A 71 -7.17 -1.79 -9.81
N PRO A 72 -6.19 -2.05 -8.92
CA PRO A 72 -5.09 -1.11 -8.63
C PRO A 72 -4.23 -0.86 -9.87
N LEU A 73 -3.51 0.26 -9.85
CA LEU A 73 -2.56 0.63 -10.87
C LEU A 73 -1.26 -0.16 -10.75
N THR A 74 -0.35 0.15 -11.66
CA THR A 74 1.03 -0.30 -11.71
C THR A 74 1.89 0.95 -11.93
N ILE A 75 3.14 0.92 -11.47
CA ILE A 75 4.10 2.01 -11.60
C ILE A 75 5.46 1.48 -12.09
N ASP A 76 5.50 0.25 -12.61
CA ASP A 76 6.75 -0.42 -13.02
C ASP A 76 6.45 -1.77 -13.71
N GLY A 77 5.28 -1.89 -14.33
CA GLY A 77 4.82 -3.15 -14.88
C GLY A 77 4.44 -4.20 -13.83
N LYS A 78 4.13 -3.82 -12.58
CA LYS A 78 3.65 -4.72 -11.54
C LYS A 78 2.24 -4.29 -11.15
N THR A 79 1.18 -5.02 -11.46
CA THR A 79 -0.11 -4.65 -10.87
C THR A 79 -0.01 -4.89 -9.37
N ILE A 80 -0.09 -3.84 -8.57
CA ILE A 80 -0.06 -3.96 -7.13
C ILE A 80 -1.18 -4.92 -6.69
N ASN A 81 -0.92 -5.75 -5.68
CA ASN A 81 -1.93 -6.52 -4.97
C ASN A 81 -2.29 -5.72 -3.72
N VAL A 82 -3.51 -5.87 -3.22
CA VAL A 82 -4.04 -5.20 -2.04
C VAL A 82 -4.50 -6.29 -1.09
N GLU A 83 -4.33 -6.09 0.21
CA GLU A 83 -4.84 -6.94 1.27
C GLU A 83 -5.31 -6.07 2.42
N PHE A 84 -6.03 -6.71 3.33
CA PHE A 84 -6.60 -6.08 4.52
C PHE A 84 -6.18 -6.84 5.77
N ALA A 85 -5.11 -6.38 6.44
CA ALA A 85 -4.73 -6.85 7.76
C ALA A 85 -5.61 -6.16 8.80
N LYS A 86 -6.83 -6.67 8.93
CA LYS A 86 -7.77 -6.29 9.95
C LYS A 86 -7.64 -7.25 11.12
N GLY A 87 -6.79 -6.92 12.09
CA GLY A 87 -6.76 -7.59 13.37
C GLY A 87 -7.98 -7.19 14.19
N SER A 88 -9.16 -7.71 13.86
CA SER A 88 -10.25 -7.84 14.81
C SER A 88 -10.09 -9.17 15.55
N GLY A 1 -2.53 -6.33 19.23
CA GLY A 1 -3.68 -5.81 18.50
C GLY A 1 -3.24 -4.88 17.39
N HIS A 2 -3.72 -5.08 16.16
CA HIS A 2 -3.49 -4.15 15.06
C HIS A 2 -4.77 -4.07 14.21
N MET A 3 -5.81 -3.49 14.79
CA MET A 3 -6.99 -3.15 14.01
C MET A 3 -6.55 -2.21 12.90
N ASP A 4 -6.93 -2.56 11.67
CA ASP A 4 -6.93 -1.72 10.50
C ASP A 4 -5.53 -1.51 9.93
N THR A 5 -5.19 -2.35 8.97
CA THR A 5 -4.00 -2.24 8.14
C THR A 5 -4.41 -2.74 6.75
N ILE A 6 -3.88 -2.13 5.70
CA ILE A 6 -4.07 -2.55 4.30
C ILE A 6 -2.67 -2.94 3.86
N ILE A 7 -2.43 -4.19 3.42
CA ILE A 7 -1.10 -4.55 2.94
C ILE A 7 -1.18 -4.46 1.41
N LEU A 8 -0.07 -4.08 0.78
CA LEU A 8 0.10 -4.07 -0.67
C LEU A 8 1.13 -5.12 -1.01
N ARG A 9 1.01 -5.70 -2.21
CA ARG A 9 1.88 -6.78 -2.69
C ARG A 9 2.30 -6.47 -4.12
N ASN A 10 3.25 -7.25 -4.63
CA ASN A 10 3.81 -7.17 -5.97
C ASN A 10 4.62 -5.89 -6.18
N LEU A 11 5.03 -5.17 -5.14
CA LEU A 11 5.95 -4.06 -5.30
C LEU A 11 7.25 -4.63 -5.82
N ASN A 12 7.78 -3.98 -6.84
CA ASN A 12 9.11 -4.21 -7.36
C ASN A 12 10.13 -3.72 -6.34
N PRO A 13 11.36 -4.24 -6.41
CA PRO A 13 12.45 -3.81 -5.55
C PRO A 13 12.74 -2.32 -5.74
N HIS A 14 12.61 -1.81 -6.97
CA HIS A 14 12.88 -0.42 -7.33
C HIS A 14 11.77 0.55 -6.90
N SER A 15 10.57 0.07 -6.53
CA SER A 15 9.49 0.97 -6.15
C SER A 15 9.94 1.88 -5.02
N THR A 16 9.27 3.01 -4.86
CA THR A 16 9.41 3.85 -3.68
C THR A 16 8.03 4.45 -3.42
N MET A 17 7.76 4.80 -2.18
CA MET A 17 6.47 5.23 -1.71
C MET A 17 6.12 6.54 -2.39
N ASP A 18 7.10 7.36 -2.74
CA ASP A 18 6.89 8.65 -3.35
C ASP A 18 6.37 8.48 -4.77
N SER A 19 6.83 7.40 -5.42
CA SER A 19 6.47 7.03 -6.78
C SER A 19 5.10 6.35 -6.74
N ILE A 20 4.90 5.39 -5.83
CA ILE A 20 3.61 4.79 -5.57
C ILE A 20 2.59 5.89 -5.25
N LEU A 21 2.94 6.85 -4.38
CA LEU A 21 2.03 7.97 -4.06
C LEU A 21 1.69 8.82 -5.29
N GLY A 22 2.49 8.79 -6.35
CA GLY A 22 2.27 9.58 -7.56
C GLY A 22 1.42 8.88 -8.62
N ALA A 23 1.21 7.56 -8.51
CA ALA A 23 0.44 6.81 -9.50
C ALA A 23 -0.43 5.71 -8.89
N LEU A 24 -0.60 5.71 -7.58
CA LEU A 24 -1.54 4.87 -6.87
C LEU A 24 -2.41 5.73 -5.93
N ALA A 25 -2.64 7.00 -6.30
CA ALA A 25 -3.48 7.93 -5.57
C ALA A 25 -4.75 8.36 -6.38
N PRO A 26 -5.57 7.42 -6.91
CA PRO A 26 -6.84 7.75 -7.54
C PRO A 26 -7.98 8.06 -6.58
N TYR A 27 -7.92 7.61 -5.31
CA TYR A 27 -9.03 7.77 -4.36
C TYR A 27 -8.49 8.26 -3.02
N ALA A 28 -7.57 7.49 -2.41
CA ALA A 28 -6.90 7.86 -1.17
C ALA A 28 -5.46 8.22 -1.47
N VAL A 29 -4.89 9.12 -0.67
CA VAL A 29 -3.58 9.71 -0.87
C VAL A 29 -2.97 9.89 0.52
N LEU A 30 -2.06 8.99 0.90
CA LEU A 30 -1.54 8.97 2.26
C LEU A 30 -0.58 10.12 2.55
N SER A 31 -0.32 10.39 3.83
CA SER A 31 0.56 11.46 4.31
C SER A 31 2.01 10.99 4.46
N SER A 32 2.45 10.07 3.61
CA SER A 32 3.79 9.49 3.59
C SER A 32 4.04 8.60 4.82
N SER A 33 4.02 9.10 6.05
CA SER A 33 4.31 8.34 7.27
C SER A 33 3.40 7.12 7.40
N ASN A 34 2.14 7.20 6.96
CA ASN A 34 1.18 6.09 7.00
C ASN A 34 1.71 4.83 6.31
N VAL A 35 2.66 4.95 5.39
CA VAL A 35 3.12 3.84 4.59
C VAL A 35 4.42 3.31 5.19
N ARG A 36 4.51 1.98 5.32
CA ARG A 36 5.68 1.22 5.74
C ARG A 36 6.15 0.42 4.53
N VAL A 37 7.00 1.02 3.69
CA VAL A 37 7.83 0.29 2.74
C VAL A 37 9.08 -0.10 3.53
N ILE A 38 9.18 -1.35 3.95
CA ILE A 38 10.44 -1.85 4.51
C ILE A 38 11.38 -2.07 3.31
N LYS A 39 12.61 -1.57 3.36
CA LYS A 39 13.68 -1.86 2.41
C LYS A 39 14.87 -2.51 3.13
N ASP A 40 15.72 -3.19 2.36
CA ASP A 40 16.76 -4.04 2.92
C ASP A 40 17.97 -3.23 3.42
N LYS A 41 18.77 -3.81 4.32
CA LYS A 41 19.99 -3.21 4.81
C LYS A 41 21.13 -3.16 3.83
N GLN A 42 21.22 -4.13 2.91
CA GLN A 42 22.33 -4.19 1.98
C GLN A 42 21.86 -3.66 0.64
N THR A 43 20.77 -4.22 0.14
CA THR A 43 20.38 -3.97 -1.24
C THR A 43 19.70 -2.60 -1.39
N GLN A 44 19.24 -2.01 -0.28
CA GLN A 44 18.36 -0.84 -0.22
C GLN A 44 17.05 -1.05 -0.99
N LEU A 45 16.70 -2.29 -1.34
CA LEU A 45 15.51 -2.62 -2.12
C LEU A 45 14.40 -3.03 -1.17
N ASN A 46 13.17 -2.76 -1.56
CA ASN A 46 11.99 -3.05 -0.75
C ASN A 46 11.86 -4.55 -0.48
N ARG A 47 11.06 -4.93 0.51
CA ARG A 47 10.72 -6.35 0.74
C ARG A 47 9.54 -6.82 -0.13
N GLY A 48 9.16 -6.06 -1.16
CA GLY A 48 8.15 -6.41 -2.15
C GLY A 48 6.71 -6.49 -1.65
N PHE A 49 6.45 -5.99 -0.44
CA PHE A 49 5.13 -5.66 0.09
C PHE A 49 5.29 -4.38 0.90
N ALA A 50 4.19 -3.70 1.19
CA ALA A 50 4.15 -2.48 1.98
C ALA A 50 2.87 -2.48 2.80
N PHE A 51 2.77 -1.61 3.79
CA PHE A 51 1.71 -1.61 4.77
C PHE A 51 1.20 -0.18 4.88
N ILE A 52 -0.10 0.05 4.79
CA ILE A 52 -0.76 1.32 5.05
C ILE A 52 -1.29 1.23 6.48
N GLN A 53 -1.03 2.26 7.30
CA GLN A 53 -1.54 2.41 8.65
C GLN A 53 -2.56 3.53 8.56
N LEU A 54 -3.85 3.18 8.49
CA LEU A 54 -4.96 4.11 8.53
C LEU A 54 -5.83 3.78 9.75
N SER A 55 -6.79 4.65 10.00
CA SER A 55 -7.66 4.69 11.16
C SER A 55 -8.71 3.56 11.11
N THR A 56 -9.39 3.31 12.23
CA THR A 56 -10.33 2.19 12.37
C THR A 56 -11.51 2.31 11.39
N ILE A 57 -11.92 3.54 11.08
CA ILE A 57 -12.90 3.81 10.03
C ILE A 57 -12.18 3.84 8.68
N GLU A 58 -11.13 4.66 8.57
CA GLU A 58 -10.62 5.10 7.29
C GLU A 58 -10.06 3.94 6.48
N ALA A 59 -9.28 3.07 7.12
CA ALA A 59 -8.71 1.92 6.45
C ALA A 59 -9.83 1.01 5.95
N ALA A 60 -10.81 0.71 6.82
CA ALA A 60 -11.94 -0.12 6.49
C ALA A 60 -12.72 0.45 5.30
N GLN A 61 -13.11 1.72 5.37
CA GLN A 61 -13.87 2.38 4.32
C GLN A 61 -13.09 2.35 3.02
N LEU A 62 -11.87 2.92 3.03
CA LEU A 62 -11.01 3.02 1.88
C LEU A 62 -10.86 1.64 1.26
N LEU A 63 -10.46 0.63 2.05
CA LEU A 63 -10.28 -0.71 1.55
C LEU A 63 -11.52 -1.17 0.81
N GLN A 64 -12.68 -1.03 1.45
CA GLN A 64 -13.89 -1.60 0.89
C GLN A 64 -14.18 -0.97 -0.49
N ILE A 65 -13.91 0.34 -0.64
CA ILE A 65 -13.99 1.04 -1.91
C ILE A 65 -13.11 0.35 -2.95
N LEU A 66 -11.81 0.10 -2.68
CA LEU A 66 -10.89 -0.56 -3.63
C LEU A 66 -11.37 -1.95 -4.03
N GLN A 67 -12.14 -2.62 -3.18
CA GLN A 67 -12.60 -3.99 -3.39
C GLN A 67 -13.86 -4.06 -4.23
N ALA A 68 -14.26 -2.97 -4.89
CA ALA A 68 -15.51 -2.88 -5.62
C ALA A 68 -15.36 -2.08 -6.92
N LEU A 69 -14.12 -1.83 -7.38
CA LEU A 69 -13.81 -0.89 -8.45
C LEU A 69 -12.67 -1.39 -9.34
N HIS A 70 -12.30 -0.57 -10.33
CA HIS A 70 -11.31 -0.86 -11.37
C HIS A 70 -9.88 -1.06 -10.80
N PRO A 71 -9.08 -1.96 -11.39
CA PRO A 71 -7.83 -2.42 -10.80
C PRO A 71 -6.75 -1.33 -10.71
N PRO A 72 -5.71 -1.53 -9.88
CA PRO A 72 -4.70 -0.52 -9.62
C PRO A 72 -3.83 -0.26 -10.85
N LEU A 73 -3.32 0.97 -10.94
CA LEU A 73 -2.39 1.45 -11.96
C LEU A 73 -0.97 1.14 -11.46
N THR A 74 -0.13 0.61 -12.33
CA THR A 74 1.24 0.19 -12.00
C THR A 74 2.20 1.37 -12.06
N ILE A 75 3.38 1.25 -11.43
CA ILE A 75 4.38 2.30 -11.38
C ILE A 75 5.79 1.74 -11.72
N ASP A 76 5.85 0.52 -12.25
CA ASP A 76 7.08 -0.09 -12.80
C ASP A 76 6.68 -1.39 -13.50
N GLY A 77 5.56 -1.37 -14.23
CA GLY A 77 5.03 -2.56 -14.90
C GLY A 77 4.44 -3.62 -13.97
N LYS A 78 4.68 -3.55 -12.65
CA LYS A 78 4.16 -4.48 -11.65
C LYS A 78 2.75 -4.07 -11.19
N THR A 79 1.68 -4.78 -11.55
CA THR A 79 0.37 -4.38 -11.06
C THR A 79 0.28 -4.67 -9.55
N ILE A 80 -0.12 -3.69 -8.75
CA ILE A 80 -0.22 -3.80 -7.31
C ILE A 80 -1.32 -4.81 -6.94
N ASN A 81 -1.33 -5.25 -5.69
CA ASN A 81 -2.38 -6.04 -5.06
C ASN A 81 -2.75 -5.39 -3.74
N VAL A 82 -3.94 -5.67 -3.24
CA VAL A 82 -4.52 -5.09 -2.03
C VAL A 82 -4.91 -6.24 -1.10
N GLU A 83 -4.91 -5.98 0.21
CA GLU A 83 -5.46 -6.82 1.26
C GLU A 83 -5.90 -5.99 2.44
N PHE A 84 -6.50 -6.67 3.41
CA PHE A 84 -7.14 -6.10 4.58
C PHE A 84 -6.68 -6.93 5.78
N ALA A 85 -5.56 -6.51 6.37
CA ALA A 85 -5.03 -7.09 7.60
C ALA A 85 -5.70 -6.36 8.77
N LYS A 86 -7.02 -6.52 8.90
CA LYS A 86 -7.77 -5.93 10.00
C LYS A 86 -7.55 -6.84 11.20
N GLY A 87 -6.36 -6.78 11.80
CA GLY A 87 -5.90 -7.65 12.87
C GLY A 87 -6.56 -7.28 14.18
N SER A 88 -7.86 -7.59 14.30
CA SER A 88 -8.69 -7.33 15.45
C SER A 88 -8.01 -7.82 16.72
N GLY A 1 -4.00 1.06 12.40
CA GLY A 1 -4.17 1.46 13.80
C GLY A 1 -4.15 0.23 14.70
N HIS A 2 -4.81 0.32 15.85
CA HIS A 2 -5.05 -0.82 16.73
C HIS A 2 -5.73 -1.97 15.97
N MET A 3 -6.63 -1.67 15.04
CA MET A 3 -7.23 -2.69 14.18
C MET A 3 -7.61 -2.05 12.85
N ASP A 4 -6.66 -1.92 11.93
CA ASP A 4 -6.87 -1.58 10.51
C ASP A 4 -5.50 -1.43 9.86
N THR A 5 -5.11 -2.35 9.00
CA THR A 5 -3.90 -2.28 8.17
C THR A 5 -4.32 -2.68 6.75
N ILE A 6 -3.74 -1.99 5.75
CA ILE A 6 -3.73 -2.43 4.37
C ILE A 6 -2.30 -2.92 4.12
N ILE A 7 -2.14 -4.04 3.43
CA ILE A 7 -0.86 -4.52 2.89
C ILE A 7 -0.95 -4.41 1.38
N LEU A 8 0.20 -4.34 0.71
CA LEU A 8 0.34 -4.31 -0.72
C LEU A 8 1.31 -5.41 -1.11
N ARG A 9 1.20 -5.96 -2.33
CA ARG A 9 2.11 -6.98 -2.83
C ARG A 9 2.56 -6.60 -4.24
N ASN A 10 3.64 -7.24 -4.71
CA ASN A 10 4.20 -7.07 -6.05
C ASN A 10 4.79 -5.66 -6.25
N LEU A 11 5.51 -5.16 -5.23
CA LEU A 11 6.23 -3.90 -5.28
C LEU A 11 7.57 -4.18 -5.98
N ASN A 12 7.77 -3.65 -7.19
CA ASN A 12 9.04 -3.74 -7.91
C ASN A 12 10.17 -3.25 -7.01
N PRO A 13 11.41 -3.72 -7.20
CA PRO A 13 12.57 -3.24 -6.46
C PRO A 13 12.74 -1.73 -6.64
N HIS A 14 12.49 -1.25 -7.86
CA HIS A 14 12.50 0.16 -8.26
C HIS A 14 11.47 1.05 -7.55
N SER A 15 10.47 0.51 -6.85
CA SER A 15 9.53 1.31 -6.08
C SER A 15 10.10 1.66 -4.70
N THR A 16 9.49 2.60 -4.00
CA THR A 16 9.85 2.92 -2.63
C THR A 16 8.60 3.37 -1.86
N MET A 17 8.11 4.58 -2.11
CA MET A 17 6.92 5.16 -1.51
C MET A 17 6.45 6.31 -2.38
N ASP A 18 7.34 7.28 -2.57
CA ASP A 18 7.03 8.48 -3.32
C ASP A 18 6.53 8.14 -4.72
N SER A 19 7.09 7.08 -5.30
CA SER A 19 6.73 6.57 -6.64
C SER A 19 5.51 5.65 -6.68
N ILE A 20 4.68 5.79 -5.67
CA ILE A 20 3.42 5.11 -5.43
C ILE A 20 2.41 6.17 -5.00
N LEU A 21 2.77 7.05 -4.08
CA LEU A 21 1.83 8.03 -3.52
C LEU A 21 1.33 9.06 -4.52
N GLY A 22 1.99 9.22 -5.67
CA GLY A 22 1.51 10.05 -6.76
C GLY A 22 0.59 9.32 -7.74
N ALA A 23 0.53 7.99 -7.69
CA ALA A 23 0.02 7.13 -8.77
C ALA A 23 -0.93 6.02 -8.32
N LEU A 24 -0.96 5.71 -7.02
CA LEU A 24 -1.87 4.78 -6.37
C LEU A 24 -2.80 5.55 -5.43
N ALA A 25 -2.98 6.86 -5.68
CA ALA A 25 -3.73 7.78 -4.84
C ALA A 25 -4.86 8.48 -5.62
N PRO A 26 -5.80 7.76 -6.27
CA PRO A 26 -6.98 8.37 -6.85
C PRO A 26 -7.93 8.87 -5.75
N TYR A 27 -8.22 8.03 -4.76
CA TYR A 27 -9.15 8.31 -3.64
C TYR A 27 -8.44 8.61 -2.31
N ALA A 28 -7.22 8.14 -2.16
CA ALA A 28 -6.45 8.31 -0.93
C ALA A 28 -5.01 8.68 -1.27
N VAL A 29 -4.70 9.96 -1.13
CA VAL A 29 -3.36 10.39 -0.80
C VAL A 29 -3.14 9.97 0.66
N LEU A 30 -2.03 9.29 0.90
CA LEU A 30 -1.49 9.07 2.24
C LEU A 30 -0.39 10.11 2.47
N SER A 31 -0.01 10.35 3.72
CA SER A 31 0.90 11.43 4.05
C SER A 31 2.31 11.05 3.57
N SER A 32 2.89 10.06 4.24
CA SER A 32 4.10 9.30 3.92
C SER A 32 4.37 8.37 5.10
N SER A 33 4.33 8.87 6.35
CA SER A 33 4.64 8.08 7.53
C SER A 33 3.69 6.88 7.70
N ASN A 34 2.48 7.00 7.13
CA ASN A 34 1.50 5.92 7.00
C ASN A 34 2.09 4.66 6.37
N VAL A 35 3.01 4.82 5.42
CA VAL A 35 3.45 3.75 4.53
C VAL A 35 4.73 3.14 5.09
N ARG A 36 4.70 1.91 5.61
CA ARG A 36 5.89 1.16 5.97
C ARG A 36 6.27 0.27 4.79
N VAL A 37 7.48 0.39 4.26
CA VAL A 37 8.05 -0.53 3.29
C VAL A 37 9.41 -0.95 3.84
N ILE A 38 9.55 -2.21 4.23
CA ILE A 38 10.83 -2.76 4.65
C ILE A 38 11.75 -2.73 3.42
N LYS A 39 12.83 -1.94 3.48
CA LYS A 39 13.89 -1.96 2.47
C LYS A 39 15.06 -2.74 3.03
N ASP A 40 15.81 -3.44 2.17
CA ASP A 40 16.94 -4.26 2.62
C ASP A 40 18.05 -3.43 3.28
N LYS A 41 18.98 -4.08 4.01
CA LYS A 41 20.20 -3.43 4.50
C LYS A 41 21.25 -3.34 3.40
N GLN A 42 21.56 -4.46 2.75
CA GLN A 42 22.61 -4.50 1.74
C GLN A 42 22.04 -4.09 0.40
N THR A 43 20.92 -4.69 0.00
CA THR A 43 20.49 -4.54 -1.39
C THR A 43 19.75 -3.22 -1.59
N GLN A 44 19.31 -2.58 -0.50
CA GLN A 44 18.61 -1.31 -0.45
C GLN A 44 17.21 -1.36 -1.10
N LEU A 45 16.63 -2.53 -1.37
CA LEU A 45 15.37 -2.67 -2.11
C LEU A 45 14.25 -3.17 -1.22
N ASN A 46 13.02 -2.92 -1.63
CA ASN A 46 11.81 -3.40 -0.93
C ASN A 46 11.82 -4.93 -0.90
N ARG A 47 11.11 -5.50 0.06
CA ARG A 47 10.91 -6.96 0.13
C ARG A 47 9.77 -7.45 -0.79
N GLY A 48 9.33 -6.65 -1.75
CA GLY A 48 8.25 -6.95 -2.69
C GLY A 48 6.84 -6.88 -2.08
N PHE A 49 6.69 -6.30 -0.89
CA PHE A 49 5.42 -5.99 -0.25
C PHE A 49 5.59 -4.72 0.59
N ALA A 50 4.49 -4.08 0.95
CA ALA A 50 4.42 -2.81 1.66
C ALA A 50 3.17 -2.78 2.54
N PHE A 51 3.03 -1.77 3.40
CA PHE A 51 1.98 -1.67 4.41
C PHE A 51 1.53 -0.21 4.51
N ILE A 52 0.30 0.00 4.95
CA ILE A 52 -0.34 1.29 5.22
C ILE A 52 -0.99 1.22 6.60
N GLN A 53 -0.73 2.22 7.43
CA GLN A 53 -1.25 2.39 8.77
C GLN A 53 -2.23 3.58 8.73
N LEU A 54 -3.48 3.33 9.10
CA LEU A 54 -4.59 4.30 9.08
C LEU A 54 -5.41 4.12 10.38
N SER A 55 -6.46 4.93 10.55
CA SER A 55 -7.45 4.76 11.61
C SER A 55 -8.23 3.46 11.43
N THR A 56 -8.94 3.05 12.49
CA THR A 56 -9.78 1.87 12.69
C THR A 56 -10.89 1.63 11.66
N ILE A 57 -11.35 2.70 10.99
CA ILE A 57 -12.48 2.69 10.08
C ILE A 57 -12.03 3.10 8.68
N GLU A 58 -11.02 3.96 8.62
CA GLU A 58 -10.52 4.58 7.40
C GLU A 58 -9.89 3.54 6.50
N ALA A 59 -8.99 2.72 7.05
CA ALA A 59 -8.32 1.70 6.26
C ALA A 59 -9.35 0.77 5.66
N ALA A 60 -10.33 0.31 6.45
CA ALA A 60 -11.44 -0.50 5.98
C ALA A 60 -12.20 0.22 4.87
N GLN A 61 -12.83 1.36 5.15
CA GLN A 61 -13.66 2.07 4.17
C GLN A 61 -12.91 2.29 2.87
N LEU A 62 -11.72 2.87 2.93
CA LEU A 62 -10.95 3.23 1.75
C LEU A 62 -10.48 1.99 1.02
N LEU A 63 -10.01 0.96 1.73
CA LEU A 63 -9.65 -0.30 1.10
C LEU A 63 -10.83 -0.80 0.28
N GLN A 64 -12.03 -0.81 0.88
CA GLN A 64 -13.15 -1.46 0.26
C GLN A 64 -13.41 -0.82 -1.10
N ILE A 65 -13.27 0.52 -1.20
CA ILE A 65 -13.34 1.31 -2.41
C ILE A 65 -12.49 0.69 -3.51
N LEU A 66 -11.15 0.65 -3.39
CA LEU A 66 -10.24 0.11 -4.41
C LEU A 66 -10.50 -1.36 -4.76
N GLN A 67 -11.16 -2.11 -3.89
CA GLN A 67 -11.44 -3.53 -4.09
C GLN A 67 -12.82 -3.77 -4.71
N ALA A 68 -13.68 -2.76 -4.70
CA ALA A 68 -15.01 -2.80 -5.27
C ALA A 68 -15.15 -1.81 -6.44
N LEU A 69 -14.04 -1.29 -6.96
CA LEU A 69 -13.97 -0.60 -8.23
C LEU A 69 -12.75 -1.11 -8.98
N HIS A 70 -12.92 -1.33 -10.28
CA HIS A 70 -11.89 -1.43 -11.32
C HIS A 70 -10.71 -2.38 -11.02
N PRO A 71 -9.88 -2.71 -12.03
CA PRO A 71 -8.74 -3.57 -11.80
C PRO A 71 -7.67 -2.80 -11.04
N PRO A 72 -6.79 -3.50 -10.30
CA PRO A 72 -5.69 -2.88 -9.59
C PRO A 72 -4.74 -2.17 -10.55
N LEU A 73 -4.12 -1.09 -10.07
CA LEU A 73 -3.32 -0.17 -10.84
C LEU A 73 -1.85 -0.61 -10.73
N THR A 74 -0.98 0.06 -11.47
CA THR A 74 0.45 -0.20 -11.48
C THR A 74 1.20 1.10 -11.75
N ILE A 75 2.46 1.17 -11.33
CA ILE A 75 3.32 2.31 -11.55
C ILE A 75 4.68 1.85 -12.10
N ASP A 76 4.80 0.61 -12.58
CA ASP A 76 6.03 0.07 -13.16
C ASP A 76 5.79 -1.25 -13.90
N GLY A 77 4.60 -1.42 -14.47
CA GLY A 77 4.10 -2.66 -15.06
C GLY A 77 3.99 -3.84 -14.08
N LYS A 78 4.09 -3.60 -12.77
CA LYS A 78 3.79 -4.55 -11.70
C LYS A 78 2.42 -4.22 -11.13
N THR A 79 1.39 -5.02 -11.41
CA THR A 79 0.05 -4.77 -10.88
C THR A 79 0.09 -4.94 -9.37
N ILE A 80 -0.09 -3.86 -8.61
CA ILE A 80 0.07 -3.88 -7.16
C ILE A 80 -1.17 -4.54 -6.58
N ASN A 81 -0.94 -5.62 -5.84
CA ASN A 81 -1.99 -6.30 -5.07
C ASN A 81 -2.27 -5.49 -3.82
N VAL A 82 -3.45 -5.67 -3.23
CA VAL A 82 -3.91 -4.91 -2.07
C VAL A 82 -4.65 -5.91 -1.17
N GLU A 83 -4.37 -5.86 0.14
CA GLU A 83 -4.82 -6.78 1.17
C GLU A 83 -5.35 -5.98 2.36
N PHE A 84 -6.04 -6.66 3.27
CA PHE A 84 -6.81 -6.03 4.34
C PHE A 84 -6.58 -6.79 5.66
N ALA A 85 -5.46 -6.53 6.35
CA ALA A 85 -5.21 -7.12 7.66
C ALA A 85 -5.87 -6.26 8.72
N LYS A 86 -7.15 -6.53 8.96
CA LYS A 86 -7.86 -5.97 10.09
C LYS A 86 -7.33 -6.63 11.36
N GLY A 87 -7.25 -5.87 12.45
CA GLY A 87 -6.95 -6.40 13.77
C GLY A 87 -8.15 -7.19 14.21
N SER A 88 -8.05 -8.51 14.08
CA SER A 88 -9.05 -9.50 14.41
C SER A 88 -8.25 -10.81 14.54
N GLY A 1 -4.89 -9.50 12.89
CA GLY A 1 -4.13 -8.43 12.24
C GLY A 1 -3.62 -7.50 13.32
N HIS A 2 -3.80 -6.18 13.15
CA HIS A 2 -3.36 -5.21 14.16
C HIS A 2 -4.47 -4.23 14.51
N MET A 3 -4.79 -3.30 13.62
CA MET A 3 -5.89 -2.34 13.72
C MET A 3 -5.99 -1.76 12.33
N ASP A 4 -6.87 -2.39 11.54
CA ASP A 4 -7.40 -2.03 10.24
C ASP A 4 -6.25 -1.48 9.40
N THR A 5 -5.52 -2.42 8.79
CA THR A 5 -4.27 -2.17 8.10
C THR A 5 -4.37 -2.77 6.69
N ILE A 6 -4.15 -1.95 5.66
CA ILE A 6 -4.11 -2.41 4.28
C ILE A 6 -2.65 -2.68 3.93
N ILE A 7 -2.33 -3.90 3.51
CA ILE A 7 -1.01 -4.27 3.02
C ILE A 7 -1.06 -4.27 1.50
N LEU A 8 0.02 -3.78 0.88
CA LEU A 8 0.26 -3.85 -0.55
C LEU A 8 1.29 -4.94 -0.84
N ARG A 9 1.33 -5.43 -2.08
CA ARG A 9 2.17 -6.52 -2.54
C ARG A 9 2.69 -6.18 -3.94
N ASN A 10 3.55 -7.02 -4.49
CA ASN A 10 4.11 -6.89 -5.84
C ASN A 10 4.65 -5.48 -6.09
N LEU A 11 5.34 -4.94 -5.08
CA LEU A 11 6.08 -3.70 -5.20
C LEU A 11 7.42 -4.13 -5.79
N ASN A 12 7.77 -3.56 -6.95
CA ASN A 12 9.02 -3.86 -7.63
C ASN A 12 10.16 -3.27 -6.82
N PRO A 13 11.36 -3.84 -6.89
CA PRO A 13 12.53 -3.34 -6.17
C PRO A 13 12.92 -1.93 -6.64
N HIS A 14 12.68 -1.63 -7.92
CA HIS A 14 12.87 -0.33 -8.55
C HIS A 14 11.87 0.74 -8.08
N SER A 15 10.78 0.35 -7.39
CA SER A 15 9.91 1.33 -6.74
C SER A 15 10.50 1.78 -5.41
N THR A 16 10.11 2.98 -5.02
CA THR A 16 10.25 3.60 -3.72
C THR A 16 8.82 3.92 -3.29
N MET A 17 8.63 4.29 -2.02
CA MET A 17 7.42 4.86 -1.48
C MET A 17 6.95 5.92 -2.43
N ASP A 18 7.81 6.86 -2.78
CA ASP A 18 7.43 8.02 -3.56
C ASP A 18 6.96 7.68 -4.99
N SER A 19 7.23 6.48 -5.49
CA SER A 19 6.62 5.98 -6.73
C SER A 19 5.17 5.56 -6.45
N ILE A 20 5.00 4.65 -5.48
CA ILE A 20 3.73 4.00 -5.20
C ILE A 20 2.79 5.00 -4.56
N LEU A 21 3.24 5.66 -3.49
CA LEU A 21 2.48 6.67 -2.77
C LEU A 21 2.14 7.89 -3.65
N GLY A 22 2.89 8.10 -4.72
CA GLY A 22 2.65 9.17 -5.68
C GLY A 22 1.90 8.73 -6.94
N ALA A 23 1.29 7.54 -6.99
CA ALA A 23 0.52 7.10 -8.16
C ALA A 23 -0.65 6.18 -7.80
N LEU A 24 -0.51 5.33 -6.78
CA LEU A 24 -1.55 4.45 -6.25
C LEU A 24 -2.53 5.23 -5.37
N ALA A 25 -2.54 6.56 -5.50
CA ALA A 25 -3.38 7.47 -4.72
C ALA A 25 -4.37 8.24 -5.61
N PRO A 26 -5.25 7.57 -6.38
CA PRO A 26 -6.33 8.23 -7.08
C PRO A 26 -7.45 8.67 -6.13
N TYR A 27 -7.74 7.90 -5.07
CA TYR A 27 -8.89 8.11 -4.18
C TYR A 27 -8.48 8.24 -2.70
N ALA A 28 -7.33 7.69 -2.31
CA ALA A 28 -6.73 7.95 -1.01
C ALA A 28 -5.24 8.25 -1.19
N VAL A 29 -4.85 9.50 -0.94
CA VAL A 29 -3.49 9.89 -0.62
C VAL A 29 -3.33 9.68 0.88
N LEU A 30 -2.35 8.87 1.27
CA LEU A 30 -1.86 8.77 2.63
C LEU A 30 -0.63 9.68 2.81
N SER A 31 -0.23 9.93 4.05
CA SER A 31 1.07 10.46 4.38
C SER A 31 2.12 9.34 4.41
N SER A 32 3.40 9.71 4.32
CA SER A 32 4.55 8.82 4.41
C SER A 32 4.55 8.03 5.73
N SER A 33 4.20 8.64 6.86
CA SER A 33 4.25 7.93 8.15
C SER A 33 3.27 6.75 8.15
N ASN A 34 2.14 6.93 7.48
CA ASN A 34 1.05 5.98 7.37
C ASN A 34 1.44 4.82 6.45
N VAL A 35 2.52 4.92 5.66
CA VAL A 35 2.90 3.97 4.62
C VAL A 35 4.31 3.44 4.89
N ARG A 36 4.40 2.36 5.65
CA ARG A 36 5.67 1.73 6.01
C ARG A 36 6.20 0.92 4.83
N VAL A 37 7.16 1.46 4.08
CA VAL A 37 7.92 0.75 3.05
C VAL A 37 9.18 0.19 3.71
N ILE A 38 9.28 -1.13 3.90
CA ILE A 38 10.53 -1.76 4.33
C ILE A 38 11.54 -1.66 3.18
N LYS A 39 12.81 -1.41 3.49
CA LYS A 39 13.93 -1.54 2.56
C LYS A 39 14.97 -2.49 3.13
N ASP A 40 15.61 -3.31 2.30
CA ASP A 40 16.63 -4.27 2.74
C ASP A 40 17.96 -3.58 2.98
N LYS A 41 18.88 -4.27 3.67
CA LYS A 41 20.23 -3.75 3.93
C LYS A 41 21.11 -4.04 2.73
N GLN A 42 21.27 -5.32 2.38
CA GLN A 42 22.29 -5.73 1.42
C GLN A 42 21.98 -5.11 0.07
N THR A 43 20.75 -5.31 -0.42
CA THR A 43 20.35 -4.88 -1.74
C THR A 43 20.05 -3.37 -1.75
N GLN A 44 19.75 -2.77 -0.59
CA GLN A 44 19.22 -1.41 -0.44
C GLN A 44 17.80 -1.24 -1.03
N LEU A 45 17.30 -2.21 -1.83
CA LEU A 45 15.99 -2.32 -2.45
C LEU A 45 14.90 -2.49 -1.40
N ASN A 46 13.69 -2.85 -1.83
CA ASN A 46 12.57 -3.15 -0.95
C ASN A 46 12.28 -4.66 -0.87
N ARG A 47 11.43 -5.02 0.09
CA ARG A 47 10.96 -6.40 0.34
C ARG A 47 9.72 -6.76 -0.50
N GLY A 48 9.09 -5.74 -1.10
CA GLY A 48 8.06 -5.90 -2.11
C GLY A 48 6.64 -5.90 -1.55
N PHE A 49 6.49 -5.50 -0.29
CA PHE A 49 5.22 -5.23 0.36
C PHE A 49 5.39 -4.02 1.27
N ALA A 50 4.30 -3.38 1.66
CA ALA A 50 4.30 -2.18 2.48
C ALA A 50 2.93 -2.03 3.16
N PHE A 51 2.85 -1.16 4.17
CA PHE A 51 1.80 -1.17 5.18
C PHE A 51 1.14 0.19 5.24
N ILE A 52 -0.11 0.30 4.81
CA ILE A 52 -0.98 1.45 4.99
C ILE A 52 -1.69 1.31 6.35
N GLN A 53 -1.62 2.36 7.16
CA GLN A 53 -2.37 2.50 8.39
C GLN A 53 -3.25 3.75 8.30
N LEU A 54 -4.46 3.69 8.85
CA LEU A 54 -5.46 4.75 8.82
C LEU A 54 -6.29 4.70 10.12
N SER A 55 -7.26 5.60 10.27
CA SER A 55 -8.32 5.41 11.27
C SER A 55 -9.08 4.12 10.94
N THR A 56 -9.82 3.56 11.91
CA THR A 56 -10.45 2.25 11.76
C THR A 56 -11.46 2.28 10.61
N ILE A 57 -12.48 3.14 10.73
CA ILE A 57 -13.50 3.31 9.71
C ILE A 57 -12.88 3.82 8.40
N GLU A 58 -11.95 4.78 8.46
CA GLU A 58 -11.26 5.31 7.30
C GLU A 58 -10.70 4.16 6.45
N ALA A 59 -9.88 3.32 7.09
CA ALA A 59 -9.24 2.18 6.48
C ALA A 59 -10.28 1.22 5.91
N ALA A 60 -11.24 0.82 6.75
CA ALA A 60 -12.25 -0.20 6.45
C ALA A 60 -13.08 0.18 5.24
N GLN A 61 -13.61 1.41 5.22
CA GLN A 61 -14.36 1.92 4.08
C GLN A 61 -13.45 1.95 2.84
N LEU A 62 -12.27 2.57 2.92
CA LEU A 62 -11.39 2.79 1.77
C LEU A 62 -11.12 1.49 1.04
N LEU A 63 -10.82 0.39 1.76
CA LEU A 63 -10.65 -0.92 1.15
C LEU A 63 -11.85 -1.28 0.27
N GLN A 64 -13.06 -1.18 0.81
CA GLN A 64 -14.27 -1.60 0.12
C GLN A 64 -14.56 -0.72 -1.12
N ILE A 65 -14.08 0.53 -1.15
CA ILE A 65 -14.12 1.40 -2.33
C ILE A 65 -13.24 0.75 -3.41
N LEU A 66 -11.95 0.57 -3.11
CA LEU A 66 -10.95 0.00 -4.00
C LEU A 66 -11.25 -1.46 -4.40
N GLN A 67 -12.08 -2.20 -3.66
CA GLN A 67 -12.48 -3.58 -4.01
C GLN A 67 -13.76 -3.63 -4.86
N ALA A 68 -14.20 -2.50 -5.39
CA ALA A 68 -15.44 -2.38 -6.12
C ALA A 68 -15.24 -1.75 -7.49
N LEU A 69 -14.47 -0.66 -7.54
CA LEU A 69 -14.01 -0.01 -8.75
C LEU A 69 -12.94 -0.84 -9.47
N HIS A 70 -12.32 -0.25 -10.50
CA HIS A 70 -11.27 -0.77 -11.35
C HIS A 70 -10.02 -1.33 -10.62
N PRO A 71 -9.17 -2.10 -11.31
CA PRO A 71 -7.94 -2.64 -10.71
C PRO A 71 -6.93 -1.55 -10.36
N PRO A 72 -5.92 -1.87 -9.52
CA PRO A 72 -4.90 -0.91 -9.11
C PRO A 72 -3.99 -0.49 -10.26
N LEU A 73 -3.44 0.71 -10.13
CA LEU A 73 -2.55 1.40 -11.05
C LEU A 73 -1.12 0.89 -10.81
N THR A 74 -0.44 0.43 -11.85
CA THR A 74 0.91 -0.13 -11.79
C THR A 74 1.92 1.01 -12.01
N ILE A 75 3.08 0.93 -11.37
CA ILE A 75 4.08 2.00 -11.41
C ILE A 75 5.48 1.46 -11.77
N ASP A 76 5.55 0.22 -12.28
CA ASP A 76 6.80 -0.41 -12.75
C ASP A 76 6.47 -1.72 -13.49
N GLY A 77 5.32 -1.75 -14.19
CA GLY A 77 4.84 -2.95 -14.90
C GLY A 77 4.51 -4.12 -13.97
N LYS A 78 4.22 -3.84 -12.70
CA LYS A 78 3.79 -4.76 -11.66
C LYS A 78 2.43 -4.32 -11.16
N THR A 79 1.39 -5.12 -11.39
CA THR A 79 0.09 -4.76 -10.84
C THR A 79 0.08 -5.06 -9.34
N ILE A 80 -0.20 -4.05 -8.52
CA ILE A 80 -0.24 -4.15 -7.07
C ILE A 80 -1.39 -5.10 -6.68
N ASN A 81 -1.40 -5.56 -5.44
CA ASN A 81 -2.41 -6.41 -4.82
C ASN A 81 -2.78 -5.75 -3.51
N VAL A 82 -3.97 -6.04 -3.00
CA VAL A 82 -4.54 -5.41 -1.83
C VAL A 82 -4.76 -6.51 -0.80
N GLU A 83 -4.41 -6.28 0.45
CA GLU A 83 -4.73 -7.15 1.56
C GLU A 83 -5.24 -6.31 2.72
N PHE A 84 -5.92 -7.00 3.63
CA PHE A 84 -6.64 -6.39 4.75
C PHE A 84 -6.37 -7.19 6.03
N ALA A 85 -5.35 -6.83 6.81
CA ALA A 85 -5.03 -7.51 8.06
C ALA A 85 -5.69 -6.76 9.22
N LYS A 86 -6.99 -6.93 9.37
CA LYS A 86 -7.77 -6.21 10.36
C LYS A 86 -7.36 -6.68 11.76
N GLY A 87 -7.36 -5.77 12.73
CA GLY A 87 -7.35 -6.09 14.14
C GLY A 87 -8.76 -6.45 14.57
N SER A 88 -9.16 -7.71 14.41
CA SER A 88 -10.36 -8.27 15.02
C SER A 88 -9.92 -9.16 16.17
N GLY A 1 -2.98 -6.69 15.04
CA GLY A 1 -1.94 -6.22 14.13
C GLY A 1 -2.24 -4.81 13.65
N HIS A 2 -1.95 -3.80 14.48
CA HIS A 2 -2.42 -2.43 14.37
C HIS A 2 -3.95 -2.34 14.29
N MET A 3 -4.44 -1.11 14.38
CA MET A 3 -5.65 -0.67 13.72
C MET A 3 -5.40 -0.71 12.21
N ASP A 4 -6.05 -1.68 11.58
CA ASP A 4 -6.47 -1.70 10.19
C ASP A 4 -5.29 -1.55 9.22
N THR A 5 -4.64 -2.67 8.93
CA THR A 5 -3.52 -2.71 8.01
C THR A 5 -3.99 -3.23 6.64
N ILE A 6 -4.04 -2.36 5.62
CA ILE A 6 -4.20 -2.78 4.24
C ILE A 6 -2.80 -3.24 3.80
N ILE A 7 -2.63 -4.52 3.50
CA ILE A 7 -1.38 -5.05 2.94
C ILE A 7 -1.40 -4.87 1.44
N LEU A 8 -0.27 -4.44 0.90
CA LEU A 8 0.00 -4.39 -0.53
C LEU A 8 0.97 -5.50 -0.90
N ARG A 9 1.01 -5.88 -2.18
CA ARG A 9 1.98 -6.81 -2.76
C ARG A 9 2.41 -6.33 -4.13
N ASN A 10 3.39 -7.02 -4.69
CA ASN A 10 3.89 -6.86 -6.06
C ASN A 10 4.71 -5.58 -6.26
N LEU A 11 5.12 -4.90 -5.18
CA LEU A 11 5.99 -3.73 -5.23
C LEU A 11 7.27 -4.08 -5.98
N ASN A 12 7.62 -3.32 -7.03
CA ASN A 12 8.87 -3.53 -7.77
C ASN A 12 10.07 -3.13 -6.93
N PRO A 13 11.26 -3.67 -7.25
CA PRO A 13 12.45 -3.53 -6.42
C PRO A 13 12.92 -2.09 -6.32
N HIS A 14 12.63 -1.26 -7.33
CA HIS A 14 13.04 0.14 -7.40
C HIS A 14 11.84 1.09 -7.35
N SER A 15 10.65 0.61 -6.97
CA SER A 15 9.46 1.44 -6.96
C SER A 15 9.40 2.41 -5.78
N THR A 16 10.11 2.09 -4.69
CA THR A 16 10.00 2.65 -3.35
C THR A 16 8.52 2.81 -2.93
N MET A 17 8.29 3.58 -1.89
CA MET A 17 7.04 4.18 -1.49
C MET A 17 7.00 5.55 -2.14
N ASP A 18 8.14 6.24 -2.20
CA ASP A 18 8.25 7.66 -2.49
C ASP A 18 7.96 7.99 -3.95
N SER A 19 7.91 6.96 -4.79
CA SER A 19 7.55 7.05 -6.19
C SER A 19 6.36 6.13 -6.51
N ILE A 20 5.55 5.81 -5.49
CA ILE A 20 4.18 5.31 -5.60
C ILE A 20 3.21 6.26 -4.88
N LEU A 21 3.59 6.83 -3.73
CA LEU A 21 2.68 7.55 -2.81
C LEU A 21 1.85 8.61 -3.53
N GLY A 22 2.44 9.34 -4.46
CA GLY A 22 1.75 10.40 -5.20
C GLY A 22 0.83 9.89 -6.32
N ALA A 23 1.01 8.65 -6.79
CA ALA A 23 0.29 8.07 -7.92
C ALA A 23 -0.51 6.83 -7.54
N LEU A 24 -0.68 6.57 -6.25
CA LEU A 24 -1.58 5.56 -5.72
C LEU A 24 -2.52 6.21 -4.70
N ALA A 25 -2.98 7.43 -4.98
CA ALA A 25 -3.83 8.22 -4.08
C ALA A 25 -5.08 8.82 -4.75
N PRO A 26 -5.94 8.02 -5.43
CA PRO A 26 -7.17 8.52 -6.05
C PRO A 26 -8.34 8.70 -5.06
N TYR A 27 -8.33 8.02 -3.91
CA TYR A 27 -9.47 7.97 -2.98
C TYR A 27 -9.05 8.24 -1.52
N ALA A 28 -7.79 7.95 -1.17
CA ALA A 28 -7.19 8.15 0.13
C ALA A 28 -5.83 8.77 -0.14
N VAL A 29 -5.55 9.93 0.42
CA VAL A 29 -4.39 10.72 0.07
C VAL A 29 -3.30 10.42 1.08
N LEU A 30 -2.77 9.20 0.95
CA LEU A 30 -1.85 8.53 1.87
C LEU A 30 -0.60 9.37 2.12
N SER A 31 0.09 9.11 3.24
CA SER A 31 1.40 9.68 3.51
C SER A 31 2.47 8.61 3.65
N SER A 32 3.72 9.06 3.52
CA SER A 32 4.96 8.33 3.74
C SER A 32 5.00 7.63 5.09
N SER A 33 4.24 8.10 6.08
CA SER A 33 4.09 7.49 7.39
C SER A 33 3.17 6.28 7.35
N ASN A 34 1.95 6.44 6.82
CA ASN A 34 0.90 5.42 6.77
C ASN A 34 1.40 4.18 6.09
N VAL A 35 2.12 4.36 4.99
CA VAL A 35 2.71 3.31 4.22
C VAL A 35 4.01 2.92 4.94
N ARG A 36 4.07 1.71 5.50
CA ARG A 36 5.29 1.04 5.92
C ARG A 36 5.78 0.18 4.75
N VAL A 37 7.03 0.33 4.35
CA VAL A 37 7.76 -0.50 3.40
C VAL A 37 9.09 -0.88 4.04
N ILE A 38 9.24 -2.17 4.32
CA ILE A 38 10.48 -2.75 4.78
C ILE A 38 11.44 -2.67 3.59
N LYS A 39 12.40 -1.74 3.64
CA LYS A 39 13.51 -1.72 2.69
C LYS A 39 14.59 -2.63 3.25
N ASP A 40 15.14 -3.50 2.42
CA ASP A 40 16.20 -4.41 2.83
C ASP A 40 17.46 -3.63 3.19
N LYS A 41 18.15 -3.98 4.28
CA LYS A 41 19.41 -3.33 4.66
C LYS A 41 20.53 -3.55 3.67
N GLN A 42 20.57 -4.69 3.01
CA GLN A 42 21.69 -5.07 2.18
C GLN A 42 21.48 -4.48 0.79
N THR A 43 20.34 -4.77 0.15
CA THR A 43 20.18 -4.46 -1.27
C THR A 43 19.61 -3.05 -1.46
N GLN A 44 19.08 -2.41 -0.41
CA GLN A 44 18.33 -1.16 -0.48
C GLN A 44 16.94 -1.33 -1.11
N LEU A 45 16.62 -2.46 -1.75
CA LEU A 45 15.29 -2.68 -2.36
C LEU A 45 14.20 -2.76 -1.28
N ASN A 46 12.95 -2.92 -1.68
CA ASN A 46 11.82 -3.28 -0.81
C ASN A 46 11.72 -4.81 -0.72
N ARG A 47 10.79 -5.31 0.10
CA ARG A 47 10.47 -6.73 0.23
C ARG A 47 9.28 -7.20 -0.64
N GLY A 48 8.87 -6.41 -1.63
CA GLY A 48 7.80 -6.80 -2.55
C GLY A 48 6.40 -6.83 -1.90
N PHE A 49 6.23 -6.24 -0.72
CA PHE A 49 4.95 -5.98 -0.07
C PHE A 49 5.05 -4.62 0.63
N ALA A 50 3.93 -4.11 1.14
CA ALA A 50 3.88 -2.95 2.02
C ALA A 50 2.71 -3.11 2.99
N PHE A 51 2.64 -2.23 3.98
CA PHE A 51 1.60 -2.18 4.99
C PHE A 51 1.13 -0.73 5.06
N ILE A 52 0.00 -0.41 4.46
CA ILE A 52 -0.70 0.84 4.71
C ILE A 52 -1.44 0.64 6.03
N GLN A 53 -1.44 1.60 6.95
CA GLN A 53 -2.37 1.61 8.04
C GLN A 53 -2.79 3.05 8.30
N LEU A 54 -4.06 3.23 8.64
CA LEU A 54 -4.75 4.52 8.65
C LEU A 54 -5.52 4.66 9.97
N SER A 55 -6.35 5.68 10.07
CA SER A 55 -7.54 5.63 10.89
C SER A 55 -8.33 4.35 10.59
N THR A 56 -8.99 3.82 11.62
CA THR A 56 -9.86 2.65 11.59
C THR A 56 -10.84 2.72 10.42
N ILE A 57 -11.78 3.66 10.50
CA ILE A 57 -12.87 3.86 9.56
C ILE A 57 -12.30 4.19 8.18
N GLU A 58 -11.25 5.01 8.15
CA GLU A 58 -10.60 5.43 6.92
C GLU A 58 -10.11 4.21 6.14
N ALA A 59 -9.33 3.34 6.79
CA ALA A 59 -8.87 2.09 6.20
C ALA A 59 -10.04 1.22 5.77
N ALA A 60 -10.95 0.90 6.68
CA ALA A 60 -11.96 -0.12 6.49
C ALA A 60 -13.00 0.28 5.42
N GLN A 61 -13.30 1.56 5.24
CA GLN A 61 -14.11 2.01 4.13
C GLN A 61 -13.32 1.88 2.83
N LEU A 62 -12.14 2.53 2.78
CA LEU A 62 -11.34 2.68 1.56
C LEU A 62 -11.11 1.32 0.91
N LEU A 63 -10.75 0.34 1.73
CA LEU A 63 -10.52 -1.03 1.30
C LEU A 63 -11.66 -1.51 0.39
N GLN A 64 -12.90 -1.38 0.86
CA GLN A 64 -14.06 -1.89 0.15
C GLN A 64 -14.29 -1.17 -1.16
N ILE A 65 -14.00 0.13 -1.20
CA ILE A 65 -14.06 0.93 -2.41
C ILE A 65 -13.20 0.22 -3.47
N LEU A 66 -11.92 -0.06 -3.17
CA LEU A 66 -10.98 -0.69 -4.10
C LEU A 66 -11.45 -2.05 -4.60
N GLN A 67 -12.23 -2.78 -3.79
CA GLN A 67 -12.64 -4.16 -4.08
C GLN A 67 -13.89 -4.22 -4.94
N ALA A 68 -14.28 -3.12 -5.57
CA ALA A 68 -15.54 -3.01 -6.29
C ALA A 68 -15.46 -2.15 -7.55
N LEU A 69 -14.26 -1.83 -8.04
CA LEU A 69 -14.03 -0.91 -9.14
C LEU A 69 -12.93 -1.42 -10.08
N HIS A 70 -12.53 -0.61 -11.07
CA HIS A 70 -11.45 -0.89 -12.02
C HIS A 70 -10.18 -1.44 -11.34
N PRO A 71 -9.29 -2.14 -12.05
CA PRO A 71 -8.08 -2.67 -11.44
C PRO A 71 -7.08 -1.55 -11.06
N PRO A 72 -6.08 -1.86 -10.22
CA PRO A 72 -5.13 -0.87 -9.73
C PRO A 72 -4.17 -0.35 -10.82
N LEU A 73 -3.56 0.80 -10.54
CA LEU A 73 -2.71 1.63 -11.38
C LEU A 73 -1.26 1.35 -11.06
N THR A 74 -0.53 0.82 -12.04
CA THR A 74 0.87 0.43 -11.91
C THR A 74 1.76 1.64 -12.24
N ILE A 75 2.91 1.76 -11.56
CA ILE A 75 3.89 2.84 -11.78
C ILE A 75 5.31 2.27 -12.01
N ASP A 76 5.44 0.98 -12.33
CA ASP A 76 6.72 0.39 -12.80
C ASP A 76 6.40 -0.95 -13.49
N GLY A 77 5.28 -1.02 -14.23
CA GLY A 77 4.76 -2.24 -14.84
C GLY A 77 4.31 -3.33 -13.86
N LYS A 78 4.13 -3.06 -12.57
CA LYS A 78 3.78 -4.05 -11.55
C LYS A 78 2.41 -3.72 -10.94
N THR A 79 1.33 -4.34 -11.39
CA THR A 79 0.03 -4.07 -10.78
C THR A 79 0.08 -4.47 -9.29
N ILE A 80 -0.09 -3.53 -8.39
CA ILE A 80 -0.14 -3.74 -6.94
C ILE A 80 -1.40 -4.54 -6.59
N ASN A 81 -1.43 -5.09 -5.36
CA ASN A 81 -2.49 -5.94 -4.85
C ASN A 81 -3.02 -5.40 -3.53
N VAL A 82 -4.15 -5.95 -3.06
CA VAL A 82 -4.83 -5.51 -1.84
C VAL A 82 -5.07 -6.75 -0.97
N GLU A 83 -4.90 -6.61 0.34
CA GLU A 83 -5.22 -7.55 1.40
C GLU A 83 -5.59 -6.72 2.63
N PHE A 84 -6.21 -7.37 3.61
CA PHE A 84 -6.82 -6.70 4.76
C PHE A 84 -6.52 -7.46 6.06
N ALA A 85 -5.61 -6.93 6.86
CA ALA A 85 -5.26 -7.43 8.18
C ALA A 85 -5.80 -6.46 9.23
N LYS A 86 -7.07 -6.63 9.58
CA LYS A 86 -7.75 -5.87 10.61
C LYS A 86 -7.60 -6.62 11.93
N GLY A 87 -6.42 -6.57 12.54
CA GLY A 87 -6.16 -7.35 13.75
C GLY A 87 -6.66 -6.64 14.99
N SER A 88 -7.98 -6.64 15.21
CA SER A 88 -8.66 -6.09 16.38
C SER A 88 -8.48 -6.93 17.64
#